data_1WFP
#
_entry.id   1WFP
#
loop_
_entity.id
_entity.type
_entity.pdbx_description
1 polymer 'zinc finger (AN1-like) family protein'
2 non-polymer 'ZINC ION'
#
_entity_poly.entity_id   1
_entity_poly.type   'polypeptide(L)'
_entity_poly.pdbx_seq_one_letter_code
;GSSGSSGTRGGDSAAAPLDPPKSTATRCLSCNKKVGVTGFKCRCGSTFCGTHRYPESHECQFDFKGVASGPSSG
;
_entity_poly.pdbx_strand_id   A
#
loop_
_chem_comp.id
_chem_comp.type
_chem_comp.name
_chem_comp.formula
ZN non-polymer 'ZINC ION' 'Zn 2'
#
# COMPACT_ATOMS: atom_id res chain seq x y z
N GLY A 1 -1.21 9.62 37.01
CA GLY A 1 -0.63 8.56 36.22
C GLY A 1 -1.57 7.38 36.05
N SER A 2 -1.37 6.61 34.98
CA SER A 2 -2.21 5.46 34.70
C SER A 2 -1.40 4.31 34.12
N SER A 3 -1.88 3.09 34.31
CA SER A 3 -1.19 1.91 33.80
C SER A 3 -1.85 1.39 32.52
N GLY A 4 -1.06 0.76 31.67
CA GLY A 4 -1.59 0.23 30.43
C GLY A 4 -0.49 -0.18 29.46
N SER A 5 -0.81 -1.11 28.57
CA SER A 5 0.16 -1.60 27.59
C SER A 5 -0.54 -2.31 26.45
N SER A 6 0.04 -2.21 25.25
CA SER A 6 -0.54 -2.85 24.06
C SER A 6 0.55 -3.14 23.03
N GLY A 7 0.56 -4.36 22.52
CA GLY A 7 1.55 -4.75 21.53
C GLY A 7 1.22 -6.08 20.88
N THR A 8 1.61 -6.23 19.61
CA THR A 8 1.35 -7.45 18.87
C THR A 8 2.65 -8.04 18.33
N ARG A 9 2.71 -9.36 18.26
CA ARG A 9 3.90 -10.06 17.75
C ARG A 9 3.50 -11.17 16.79
N GLY A 10 4.31 -11.34 15.74
CA GLY A 10 4.02 -12.38 14.76
C GLY A 10 4.23 -11.90 13.33
N GLY A 11 3.66 -12.63 12.38
CA GLY A 11 3.80 -12.25 10.98
C GLY A 11 2.51 -11.75 10.39
N ASP A 12 1.84 -10.85 11.09
CA ASP A 12 0.57 -10.30 10.62
C ASP A 12 0.81 -9.20 9.58
N SER A 13 1.68 -8.25 9.92
CA SER A 13 1.99 -7.15 9.01
C SER A 13 1.98 -7.62 7.56
N ALA A 14 1.17 -6.95 6.74
CA ALA A 14 1.07 -7.30 5.32
C ALA A 14 1.76 -6.27 4.44
N ALA A 15 1.55 -4.99 4.77
CA ALA A 15 2.15 -3.90 4.01
C ALA A 15 2.56 -2.75 4.93
N ALA A 16 3.77 -2.25 4.74
CA ALA A 16 4.28 -1.15 5.55
C ALA A 16 5.53 -0.53 4.92
N PRO A 17 5.68 0.79 5.06
CA PRO A 17 6.82 1.53 4.52
C PRO A 17 8.11 1.21 5.27
N LEU A 18 9.24 1.50 4.63
CA LEU A 18 10.55 1.25 5.23
C LEU A 18 10.66 1.92 6.59
N ASP A 19 10.48 1.15 7.66
CA ASP A 19 10.57 1.68 9.01
C ASP A 19 11.21 0.66 9.95
N PRO A 20 11.80 1.16 11.05
CA PRO A 20 12.46 0.31 12.04
C PRO A 20 11.47 -0.54 12.83
N PRO A 21 12.00 -1.50 13.59
CA PRO A 21 11.19 -2.41 14.41
C PRO A 21 10.55 -1.69 15.60
N LYS A 22 10.81 -0.39 15.71
CA LYS A 22 10.27 0.41 16.80
C LYS A 22 8.75 0.31 16.84
N SER A 23 8.13 0.36 15.67
CA SER A 23 6.67 0.27 15.56
C SER A 23 6.24 0.05 14.12
N THR A 24 5.10 -0.61 13.95
CA THR A 24 4.57 -0.89 12.62
C THR A 24 3.05 -0.83 12.61
N ALA A 25 2.49 -0.22 11.57
CA ALA A 25 1.04 -0.10 11.44
C ALA A 25 0.63 -0.17 9.98
N THR A 26 -0.69 -0.08 9.74
CA THR A 26 -1.22 -0.13 8.38
C THR A 26 -2.08 1.10 8.08
N ARG A 27 -1.64 1.91 7.13
CA ARG A 27 -2.37 3.11 6.75
C ARG A 27 -2.34 3.31 5.23
N CYS A 28 -3.12 4.27 4.76
CA CYS A 28 -3.19 4.56 3.33
C CYS A 28 -1.82 4.97 2.80
N LEU A 29 -1.69 4.99 1.48
CA LEU A 29 -0.44 5.37 0.84
C LEU A 29 -0.50 6.82 0.34
N SER A 30 -1.69 7.40 0.35
CA SER A 30 -1.88 8.77 -0.11
C SER A 30 -2.36 9.66 1.04
N CYS A 31 -3.28 9.14 1.84
CA CYS A 31 -3.82 9.89 2.97
C CYS A 31 -3.27 9.35 4.29
N ASN A 32 -2.37 8.37 4.19
CA ASN A 32 -1.77 7.78 5.38
C ASN A 32 -2.80 7.60 6.49
N LYS A 33 -4.02 7.23 6.11
CA LYS A 33 -5.09 7.02 7.07
C LYS A 33 -5.11 5.58 7.57
N LYS A 34 -5.44 5.41 8.85
CA LYS A 34 -5.49 4.09 9.46
C LYS A 34 -6.49 3.20 8.73
N VAL A 35 -5.97 2.30 7.89
CA VAL A 35 -6.81 1.38 7.13
C VAL A 35 -6.78 -0.01 7.74
N GLY A 36 -5.76 -0.29 8.54
CA GLY A 36 -5.64 -1.58 9.17
C GLY A 36 -5.97 -2.72 8.23
N VAL A 37 -7.03 -3.46 8.53
CA VAL A 37 -7.46 -4.58 7.71
C VAL A 37 -8.40 -4.12 6.60
N THR A 38 -9.38 -3.29 6.96
CA THR A 38 -10.34 -2.77 6.00
C THR A 38 -9.65 -2.26 4.74
N GLY A 39 -8.40 -1.81 4.90
CA GLY A 39 -7.66 -1.30 3.77
C GLY A 39 -7.93 -2.09 2.49
N PHE A 40 -7.68 -1.46 1.35
CA PHE A 40 -7.90 -2.10 0.06
C PHE A 40 -6.58 -2.30 -0.67
N LYS A 41 -6.08 -3.52 -0.66
CA LYS A 41 -4.82 -3.84 -1.33
C LYS A 41 -4.87 -3.45 -2.80
N CYS A 42 -3.72 -3.07 -3.36
CA CYS A 42 -3.64 -2.68 -4.75
C CYS A 42 -2.62 -3.52 -5.50
N ARG A 43 -2.65 -3.44 -6.82
CA ARG A 43 -1.72 -4.20 -7.66
C ARG A 43 -0.28 -3.88 -7.28
N CYS A 44 -0.06 -2.69 -6.74
CA CYS A 44 1.29 -2.26 -6.34
C CYS A 44 1.67 -2.86 -4.99
N GLY A 45 0.68 -3.44 -4.31
CA GLY A 45 0.94 -4.04 -3.01
C GLY A 45 0.55 -3.12 -1.87
N SER A 46 0.79 -1.83 -2.04
CA SER A 46 0.47 -0.85 -1.00
C SER A 46 -0.97 -1.01 -0.54
N THR A 47 -1.33 -0.28 0.52
CA THR A 47 -2.68 -0.34 1.06
C THR A 47 -3.31 1.05 1.10
N PHE A 48 -4.52 1.17 0.56
CA PHE A 48 -5.24 2.43 0.54
C PHE A 48 -6.57 2.32 1.27
N CYS A 49 -7.25 3.46 1.42
CA CYS A 49 -8.54 3.49 2.10
C CYS A 49 -9.68 3.38 1.10
N GLY A 50 -10.92 3.39 1.61
CA GLY A 50 -12.07 3.30 0.75
C GLY A 50 -12.23 4.52 -0.14
N THR A 51 -11.34 5.48 0.01
CA THR A 51 -11.39 6.71 -0.78
C THR A 51 -10.32 6.70 -1.87
N HIS A 52 -9.17 6.10 -1.57
CA HIS A 52 -8.07 6.03 -2.52
C HIS A 52 -7.78 4.58 -2.88
N ARG A 53 -8.79 3.72 -2.78
CA ARG A 53 -8.63 2.31 -3.09
C ARG A 53 -8.42 2.11 -4.60
N TYR A 54 -9.08 2.94 -5.39
CA TYR A 54 -8.97 2.86 -6.85
C TYR A 54 -7.63 3.42 -7.32
N PRO A 55 -7.15 2.88 -8.45
CA PRO A 55 -5.87 3.31 -9.05
C PRO A 55 -5.94 4.72 -9.62
N GLU A 56 -6.99 4.99 -10.40
CA GLU A 56 -7.16 6.30 -11.02
C GLU A 56 -7.05 7.41 -9.97
N SER A 57 -7.44 7.10 -8.73
CA SER A 57 -7.38 8.07 -7.65
C SER A 57 -5.95 8.21 -7.12
N HIS A 58 -5.19 7.12 -7.23
CA HIS A 58 -3.81 7.12 -6.75
C HIS A 58 -2.86 6.60 -7.83
N GLU A 59 -1.97 7.46 -8.31
CA GLU A 59 -1.02 7.08 -9.35
C GLU A 59 -0.35 5.76 -9.00
N CYS A 60 -0.91 4.66 -9.52
CA CYS A 60 -0.37 3.33 -9.27
C CYS A 60 1.06 3.22 -9.79
N GLN A 61 2.00 3.04 -8.86
CA GLN A 61 3.41 2.92 -9.22
C GLN A 61 3.65 1.68 -10.07
N PHE A 62 3.11 0.55 -9.62
CA PHE A 62 3.27 -0.72 -10.34
C PHE A 62 2.75 -0.60 -11.77
N ASP A 63 3.64 -0.78 -12.73
CA ASP A 63 3.27 -0.70 -14.14
C ASP A 63 2.20 -1.73 -14.49
N PHE A 64 1.02 -1.25 -14.85
CA PHE A 64 -0.09 -2.13 -15.21
C PHE A 64 0.24 -2.95 -16.45
N LYS A 65 0.07 -4.26 -16.36
CA LYS A 65 0.35 -5.16 -17.46
C LYS A 65 1.54 -4.67 -18.27
N GLY A 66 2.50 -4.06 -17.58
CA GLY A 66 3.68 -3.56 -18.24
C GLY A 66 3.44 -2.24 -18.96
N VAL A 67 2.51 -2.25 -19.91
CA VAL A 67 2.19 -1.05 -20.67
C VAL A 67 1.93 0.13 -19.74
N ALA A 68 2.41 1.30 -20.13
CA ALA A 68 2.22 2.52 -19.35
C ALA A 68 1.89 3.71 -20.23
N SER A 69 0.97 4.54 -19.75
CA SER A 69 0.55 5.73 -20.50
C SER A 69 0.72 6.99 -19.68
N GLY A 70 0.28 6.93 -18.42
CA GLY A 70 0.40 8.07 -17.53
C GLY A 70 -0.71 9.09 -17.76
N PRO A 71 -1.89 8.83 -17.19
CA PRO A 71 -3.05 9.72 -17.33
C PRO A 71 -2.87 11.02 -16.56
N SER A 72 -2.80 12.13 -17.31
CA SER A 72 -2.62 13.45 -16.71
C SER A 72 -3.96 14.05 -16.32
N SER A 73 -3.98 14.77 -15.20
CA SER A 73 -5.20 15.40 -14.71
C SER A 73 -5.42 16.76 -15.38
N GLY A 74 -6.34 16.79 -16.34
CA GLY A 74 -6.63 18.03 -17.04
C GLY A 74 -6.97 19.17 -16.10
ZN ZN B . -6.59 7.20 1.47
ZN ZN C . -1.61 0.85 -6.86
N GLY A 1 26.98 -8.08 -29.77
CA GLY A 1 27.26 -7.23 -28.63
C GLY A 1 26.16 -7.28 -27.59
N SER A 2 26.39 -6.65 -26.44
CA SER A 2 25.42 -6.63 -25.36
C SER A 2 25.82 -5.62 -24.28
N SER A 3 24.83 -5.15 -23.53
CA SER A 3 25.07 -4.18 -22.47
C SER A 3 23.86 -4.03 -21.58
N GLY A 4 24.10 -3.74 -20.30
CA GLY A 4 23.01 -3.59 -19.35
C GLY A 4 23.41 -3.95 -17.94
N SER A 5 23.02 -3.12 -16.97
CA SER A 5 23.34 -3.36 -15.58
C SER A 5 22.14 -3.10 -14.69
N SER A 6 21.77 -4.11 -13.89
CA SER A 6 20.63 -3.99 -12.99
C SER A 6 20.84 -4.84 -11.74
N GLY A 7 20.41 -4.29 -10.60
CA GLY A 7 20.56 -5.01 -9.34
C GLY A 7 19.45 -4.71 -8.37
N THR A 8 18.95 -5.74 -7.68
CA THR A 8 17.87 -5.59 -6.71
C THR A 8 18.16 -6.38 -5.44
N ARG A 9 18.13 -5.68 -4.31
CA ARG A 9 18.39 -6.32 -3.02
C ARG A 9 17.12 -6.34 -2.17
N GLY A 10 17.10 -7.24 -1.18
CA GLY A 10 15.95 -7.35 -0.32
C GLY A 10 14.83 -8.17 -0.94
N GLY A 11 13.63 -7.59 -0.99
CA GLY A 11 12.50 -8.28 -1.57
C GLY A 11 11.29 -8.28 -0.64
N ASP A 12 10.97 -7.11 -0.10
CA ASP A 12 9.83 -6.98 0.80
C ASP A 12 8.67 -6.26 0.11
N SER A 13 7.45 -6.70 0.41
CA SER A 13 6.26 -6.10 -0.18
C SER A 13 5.32 -5.56 0.90
N ALA A 14 5.21 -4.24 0.97
CA ALA A 14 4.34 -3.60 1.95
C ALA A 14 4.17 -2.12 1.66
N ALA A 15 3.26 -1.48 2.38
CA ALA A 15 3.00 -0.05 2.19
C ALA A 15 3.68 0.77 3.29
N ALA A 16 4.71 1.51 2.90
CA ALA A 16 5.45 2.35 3.85
C ALA A 16 6.22 3.45 3.13
N PRO A 17 6.53 4.53 3.86
CA PRO A 17 7.28 5.67 3.31
C PRO A 17 8.73 5.33 3.00
N LEU A 18 9.46 6.30 2.47
CA LEU A 18 10.87 6.10 2.13
C LEU A 18 11.55 5.18 3.14
N ASP A 19 11.34 5.46 4.42
CA ASP A 19 11.93 4.67 5.49
C ASP A 19 10.86 3.91 6.26
N PRO A 20 11.15 2.66 6.63
CA PRO A 20 10.22 1.82 7.39
C PRO A 20 10.03 2.30 8.82
N PRO A 21 8.77 2.40 9.25
CA PRO A 21 8.42 2.85 10.60
C PRO A 21 8.79 1.82 11.66
N LYS A 22 9.69 2.21 12.56
CA LYS A 22 10.14 1.32 13.63
C LYS A 22 9.00 0.44 14.12
N SER A 23 7.85 1.05 14.39
CA SER A 23 6.68 0.33 14.86
C SER A 23 5.83 -0.15 13.69
N THR A 24 5.10 -1.24 13.90
CA THR A 24 4.23 -1.80 12.86
C THR A 24 2.89 -1.08 12.82
N ALA A 25 2.35 -0.93 11.62
CA ALA A 25 1.06 -0.26 11.43
C ALA A 25 0.56 -0.43 10.01
N THR A 26 -0.67 0.01 9.77
CA THR A 26 -1.28 -0.08 8.45
C THR A 26 -2.12 1.15 8.13
N ARG A 27 -1.65 1.95 7.17
CA ARG A 27 -2.35 3.16 6.77
C ARG A 27 -2.34 3.32 5.26
N CYS A 28 -3.12 4.28 4.77
CA CYS A 28 -3.21 4.53 3.33
C CYS A 28 -1.85 4.98 2.78
N LEU A 29 -1.74 5.01 1.46
CA LEU A 29 -0.50 5.42 0.81
C LEU A 29 -0.63 6.83 0.23
N SER A 30 -1.86 7.34 0.22
CA SER A 30 -2.12 8.68 -0.31
C SER A 30 -2.47 9.65 0.82
N CYS A 31 -3.38 9.21 1.69
CA CYS A 31 -3.80 10.05 2.82
C CYS A 31 -3.19 9.55 4.12
N ASN A 32 -2.57 8.37 4.07
CA ASN A 32 -1.94 7.79 5.25
C ASN A 32 -2.95 7.64 6.39
N LYS A 33 -4.12 7.10 6.06
CA LYS A 33 -5.17 6.90 7.06
C LYS A 33 -5.18 5.46 7.56
N LYS A 34 -5.34 5.30 8.87
CA LYS A 34 -5.36 3.97 9.48
C LYS A 34 -6.40 3.08 8.81
N VAL A 35 -5.96 2.27 7.86
CA VAL A 35 -6.86 1.37 7.14
C VAL A 35 -6.92 0.01 7.81
N GLY A 36 -5.83 -0.38 8.46
CA GLY A 36 -5.77 -1.66 9.14
C GLY A 36 -6.39 -2.79 8.32
N VAL A 37 -7.28 -3.55 8.94
CA VAL A 37 -7.94 -4.66 8.26
C VAL A 37 -9.00 -4.15 7.27
N THR A 38 -9.55 -2.97 7.57
CA THR A 38 -10.57 -2.39 6.71
C THR A 38 -9.94 -1.61 5.56
N GLY A 39 -8.76 -2.05 5.14
CA GLY A 39 -8.07 -1.38 4.04
C GLY A 39 -8.30 -2.07 2.71
N PHE A 40 -7.73 -1.50 1.66
CA PHE A 40 -7.88 -2.07 0.32
C PHE A 40 -6.53 -2.12 -0.40
N LYS A 41 -5.98 -3.32 -0.53
CA LYS A 41 -4.69 -3.52 -1.19
C LYS A 41 -4.78 -3.12 -2.66
N CYS A 42 -3.63 -2.98 -3.30
CA CYS A 42 -3.57 -2.60 -4.71
C CYS A 42 -2.56 -3.48 -5.46
N ARG A 43 -2.65 -3.44 -6.78
CA ARG A 43 -1.75 -4.24 -7.63
C ARG A 43 -0.29 -3.98 -7.25
N CYS A 44 0.00 -2.77 -6.82
CA CYS A 44 1.35 -2.39 -6.43
C CYS A 44 1.74 -3.04 -5.10
N GLY A 45 0.73 -3.44 -4.34
CA GLY A 45 0.98 -4.07 -3.05
C GLY A 45 0.63 -3.17 -1.89
N SER A 46 0.80 -1.87 -2.08
CA SER A 46 0.51 -0.90 -1.03
C SER A 46 -0.94 -1.01 -0.57
N THR A 47 -1.25 -0.39 0.56
CA THR A 47 -2.60 -0.43 1.11
C THR A 47 -3.23 0.97 1.13
N PHE A 48 -4.44 1.07 0.61
CA PHE A 48 -5.15 2.34 0.57
C PHE A 48 -6.50 2.24 1.26
N CYS A 49 -7.20 3.36 1.37
CA CYS A 49 -8.51 3.40 2.01
C CYS A 49 -9.63 3.36 0.98
N GLY A 50 -10.86 3.17 1.45
CA GLY A 50 -12.00 3.12 0.56
C GLY A 50 -12.05 4.31 -0.37
N THR A 51 -11.35 5.38 -0.01
CA THR A 51 -11.34 6.60 -0.82
C THR A 51 -10.27 6.52 -1.90
N HIS A 52 -9.05 6.17 -1.50
CA HIS A 52 -7.94 6.05 -2.43
C HIS A 52 -7.64 4.59 -2.74
N ARG A 53 -8.68 3.76 -2.76
CA ARG A 53 -8.53 2.34 -3.04
C ARG A 53 -8.30 2.11 -4.53
N TYR A 54 -8.93 2.93 -5.36
CA TYR A 54 -8.80 2.81 -6.80
C TYR A 54 -7.46 3.35 -7.29
N PRO A 55 -6.99 2.82 -8.42
CA PRO A 55 -5.71 3.24 -9.00
C PRO A 55 -5.77 4.65 -9.57
N GLU A 56 -6.90 5.01 -10.16
CA GLU A 56 -7.09 6.32 -10.74
C GLU A 56 -6.95 7.41 -9.68
N SER A 57 -7.40 7.10 -8.48
CA SER A 57 -7.34 8.06 -7.37
C SER A 57 -5.91 8.17 -6.83
N HIS A 58 -5.16 7.08 -6.92
CA HIS A 58 -3.78 7.07 -6.46
C HIS A 58 -2.84 6.61 -7.56
N GLU A 59 -1.96 7.51 -8.00
CA GLU A 59 -1.00 7.19 -9.05
C GLU A 59 -0.35 5.84 -8.82
N CYS A 60 -0.90 4.80 -9.46
CA CYS A 60 -0.36 3.45 -9.32
C CYS A 60 0.96 3.31 -10.06
N GLN A 61 2.05 3.28 -9.30
CA GLN A 61 3.39 3.15 -9.87
C GLN A 61 3.54 1.81 -10.59
N PHE A 62 3.02 0.75 -9.98
CA PHE A 62 3.09 -0.58 -10.56
C PHE A 62 2.70 -0.55 -12.03
N ASP A 63 3.52 -1.20 -12.87
CA ASP A 63 3.25 -1.24 -14.30
C ASP A 63 1.90 -1.90 -14.59
N PHE A 64 1.09 -1.23 -15.40
CA PHE A 64 -0.23 -1.74 -15.75
C PHE A 64 -0.18 -2.54 -17.05
N LYS A 65 -1.32 -3.07 -17.45
CA LYS A 65 -1.41 -3.86 -18.67
C LYS A 65 -2.35 -3.20 -19.68
N GLY A 66 -2.23 -3.60 -20.95
CA GLY A 66 -3.08 -3.03 -21.98
C GLY A 66 -4.50 -3.53 -21.90
N VAL A 67 -5.19 -3.15 -20.83
CA VAL A 67 -6.57 -3.57 -20.63
C VAL A 67 -7.54 -2.42 -20.89
N ALA A 68 -7.01 -1.19 -20.87
CA ALA A 68 -7.83 0.00 -21.11
C ALA A 68 -8.67 -0.16 -22.38
N SER A 69 -9.98 -0.10 -22.22
CA SER A 69 -10.89 -0.24 -23.34
C SER A 69 -10.86 1.00 -24.23
N GLY A 70 -11.51 0.92 -25.39
CA GLY A 70 -11.54 2.04 -26.31
C GLY A 70 -12.48 1.81 -27.47
N PRO A 71 -13.77 2.12 -27.28
CA PRO A 71 -14.79 1.96 -28.31
C PRO A 71 -14.62 2.95 -29.46
N SER A 72 -13.57 3.76 -29.39
CA SER A 72 -13.30 4.75 -30.41
C SER A 72 -12.81 4.09 -31.70
N SER A 73 -12.82 4.85 -32.80
CA SER A 73 -12.38 4.33 -34.09
C SER A 73 -10.93 4.69 -34.34
N GLY A 74 -10.09 4.48 -33.33
CA GLY A 74 -8.67 4.79 -33.47
C GLY A 74 -7.87 3.60 -33.97
ZN ZN B . -6.62 7.16 1.46
ZN ZN C . -1.49 0.89 -6.95
N GLY A 1 30.65 -10.40 35.43
CA GLY A 1 29.28 -9.96 35.22
C GLY A 1 29.11 -9.21 33.92
N SER A 2 29.51 -7.93 33.92
CA SER A 2 29.40 -7.10 32.73
C SER A 2 27.97 -7.10 32.20
N SER A 3 27.00 -7.01 33.10
CA SER A 3 25.60 -7.00 32.73
C SER A 3 25.32 -5.98 31.64
N GLY A 4 24.11 -6.01 31.10
CA GLY A 4 23.74 -5.08 30.05
C GLY A 4 22.25 -5.04 29.80
N SER A 5 21.86 -4.58 28.61
CA SER A 5 20.45 -4.49 28.25
C SER A 5 20.22 -4.91 26.81
N SER A 6 19.01 -5.35 26.51
CA SER A 6 18.67 -5.79 25.15
C SER A 6 17.17 -5.66 24.91
N GLY A 7 16.78 -5.63 23.64
CA GLY A 7 15.38 -5.51 23.28
C GLY A 7 15.05 -6.19 21.98
N THR A 8 14.22 -5.54 21.16
CA THR A 8 13.82 -6.10 19.87
C THR A 8 13.49 -4.99 18.88
N ARG A 9 14.36 -4.82 17.88
CA ARG A 9 14.16 -3.79 16.87
C ARG A 9 13.08 -4.23 15.87
N GLY A 10 12.64 -3.28 15.04
CA GLY A 10 11.63 -3.59 14.05
C GLY A 10 11.33 -2.40 13.14
N GLY A 11 11.19 -2.67 11.85
CA GLY A 11 10.91 -1.61 10.90
C GLY A 11 10.61 -2.15 9.51
N ASP A 12 9.54 -2.92 9.40
CA ASP A 12 9.14 -3.49 8.11
C ASP A 12 7.70 -3.14 7.77
N SER A 13 7.51 -2.11 6.96
CA SER A 13 6.18 -1.67 6.56
C SER A 13 6.11 -1.42 5.05
N ALA A 14 4.91 -1.55 4.50
CA ALA A 14 4.71 -1.33 3.07
C ALA A 14 4.42 0.13 2.78
N ALA A 15 3.32 0.64 3.34
CA ALA A 15 2.93 2.02 3.14
C ALA A 15 3.62 2.94 4.14
N ALA A 16 4.87 3.30 3.83
CA ALA A 16 5.64 4.18 4.70
C ALA A 16 6.98 4.54 4.06
N PRO A 17 7.55 5.68 4.48
CA PRO A 17 8.83 6.16 3.96
C PRO A 17 10.00 5.30 4.41
N LEU A 18 11.06 5.27 3.61
CA LEU A 18 12.24 4.49 3.92
C LEU A 18 12.56 4.55 5.41
N ASP A 19 12.81 5.75 5.91
CA ASP A 19 13.13 5.95 7.32
C ASP A 19 12.21 5.11 8.20
N PRO A 20 12.79 4.53 9.26
CA PRO A 20 12.04 3.69 10.20
C PRO A 20 11.07 4.50 11.06
N PRO A 21 9.77 4.19 10.93
CA PRO A 21 8.71 4.87 11.68
C PRO A 21 8.76 4.54 13.17
N LYS A 22 8.31 5.49 13.99
CA LYS A 22 8.29 5.29 15.44
C LYS A 22 7.46 4.07 15.81
N SER A 23 6.27 3.96 15.23
CA SER A 23 5.38 2.85 15.51
C SER A 23 4.92 2.20 14.21
N THR A 24 4.94 0.86 14.18
CA THR A 24 4.52 0.12 13.00
C THR A 24 3.01 -0.07 12.98
N ALA A 25 2.38 0.45 11.94
CA ALA A 25 0.93 0.34 11.78
C ALA A 25 0.52 0.30 10.32
N THR A 26 -0.77 0.15 10.07
CA THR A 26 -1.29 0.08 8.71
C THR A 26 -2.11 1.33 8.38
N ARG A 27 -1.73 2.01 7.31
CA ARG A 27 -2.44 3.22 6.88
C ARG A 27 -2.32 3.41 5.37
N CYS A 28 -3.18 4.26 4.82
CA CYS A 28 -3.18 4.54 3.39
C CYS A 28 -1.78 4.93 2.91
N LEU A 29 -1.61 4.98 1.60
CA LEU A 29 -0.31 5.33 1.01
C LEU A 29 -0.34 6.75 0.46
N SER A 30 -1.54 7.33 0.39
CA SER A 30 -1.69 8.69 -0.11
C SER A 30 -2.13 9.64 1.00
N CYS A 31 -3.07 9.18 1.82
CA CYS A 31 -3.57 9.99 2.93
C CYS A 31 -3.12 9.42 4.27
N ASN A 32 -2.35 8.33 4.21
CA ASN A 32 -1.85 7.69 5.42
C ASN A 32 -2.93 7.62 6.49
N LYS A 33 -4.11 7.16 6.10
CA LYS A 33 -5.23 7.04 7.02
C LYS A 33 -5.37 5.61 7.52
N LYS A 34 -5.51 5.45 8.83
CA LYS A 34 -5.65 4.13 9.43
C LYS A 34 -6.60 3.26 8.62
N VAL A 35 -6.04 2.29 7.89
CA VAL A 35 -6.85 1.39 7.07
C VAL A 35 -6.86 -0.01 7.66
N GLY A 36 -5.87 -0.31 8.51
CA GLY A 36 -5.80 -1.62 9.12
C GLY A 36 -6.12 -2.75 8.15
N VAL A 37 -7.03 -3.63 8.55
CA VAL A 37 -7.42 -4.74 7.72
C VAL A 37 -8.45 -4.32 6.66
N THR A 38 -9.33 -3.41 7.04
CA THR A 38 -10.36 -2.91 6.14
C THR A 38 -9.74 -2.30 4.88
N GLY A 39 -8.51 -1.82 5.02
CA GLY A 39 -7.83 -1.22 3.89
C GLY A 39 -8.02 -2.01 2.61
N PHE A 40 -7.76 -1.38 1.47
CA PHE A 40 -7.91 -2.03 0.18
C PHE A 40 -6.55 -2.18 -0.52
N LYS A 41 -6.15 -3.42 -0.73
CA LYS A 41 -4.87 -3.70 -1.39
C LYS A 41 -4.92 -3.32 -2.86
N CYS A 42 -3.77 -2.94 -3.41
CA CYS A 42 -3.68 -2.55 -4.82
C CYS A 42 -2.69 -3.44 -5.57
N ARG A 43 -2.77 -3.41 -6.89
CA ARG A 43 -1.89 -4.21 -7.73
C ARG A 43 -0.43 -3.98 -7.36
N CYS A 44 -0.14 -2.79 -6.85
CA CYS A 44 1.22 -2.43 -6.46
C CYS A 44 1.61 -3.11 -5.15
N GLY A 45 0.60 -3.51 -4.38
CA GLY A 45 0.85 -4.17 -3.11
C GLY A 45 0.55 -3.27 -1.92
N SER A 46 0.77 -1.96 -2.10
CA SER A 46 0.52 -1.00 -1.03
C SER A 46 -0.94 -1.02 -0.60
N THR A 47 -1.23 -0.43 0.55
CA THR A 47 -2.58 -0.37 1.08
C THR A 47 -3.17 1.03 0.96
N PHE A 48 -4.48 1.10 0.78
CA PHE A 48 -5.17 2.39 0.66
C PHE A 48 -6.52 2.35 1.36
N CYS A 49 -7.18 3.49 1.40
CA CYS A 49 -8.48 3.60 2.04
C CYS A 49 -9.60 3.59 1.01
N GLY A 50 -10.83 3.34 1.47
CA GLY A 50 -11.97 3.30 0.57
C GLY A 50 -11.99 4.48 -0.38
N THR A 51 -11.32 5.56 0.00
CA THR A 51 -11.27 6.76 -0.83
C THR A 51 -10.19 6.64 -1.91
N HIS A 52 -9.00 6.21 -1.51
CA HIS A 52 -7.88 6.04 -2.43
C HIS A 52 -7.62 4.57 -2.70
N ARG A 53 -8.68 3.76 -2.68
CA ARG A 53 -8.55 2.33 -2.92
C ARG A 53 -8.34 2.04 -4.41
N TYR A 54 -9.02 2.81 -5.25
CA TYR A 54 -8.90 2.64 -6.69
C TYR A 54 -7.58 3.18 -7.21
N PRO A 55 -7.09 2.62 -8.33
CA PRO A 55 -5.83 3.03 -8.95
C PRO A 55 -5.93 4.41 -9.58
N GLU A 56 -7.06 4.69 -10.22
CA GLU A 56 -7.27 5.98 -10.87
C GLU A 56 -7.20 7.11 -9.85
N SER A 57 -7.59 6.82 -8.62
CA SER A 57 -7.58 7.82 -7.56
C SER A 57 -6.17 8.02 -7.01
N HIS A 58 -5.37 6.96 -7.05
CA HIS A 58 -4.00 7.03 -6.57
C HIS A 58 -3.02 6.60 -7.65
N GLU A 59 -2.16 7.53 -8.08
CA GLU A 59 -1.18 7.25 -9.12
C GLU A 59 -0.45 5.93 -8.83
N CYS A 60 -0.97 4.85 -9.39
CA CYS A 60 -0.36 3.53 -9.21
C CYS A 60 1.05 3.49 -9.76
N GLN A 61 2.00 3.08 -8.93
CA GLN A 61 3.40 2.99 -9.33
C GLN A 61 3.64 1.76 -10.20
N PHE A 62 3.10 0.63 -9.77
CA PHE A 62 3.25 -0.62 -10.50
C PHE A 62 2.93 -0.43 -11.98
N ASP A 63 3.76 -0.99 -12.85
CA ASP A 63 3.57 -0.88 -14.28
C ASP A 63 2.28 -1.60 -14.71
N PHE A 64 1.34 -0.83 -15.25
CA PHE A 64 0.07 -1.39 -15.70
C PHE A 64 0.23 -2.14 -17.01
N LYS A 65 -0.87 -2.68 -17.52
CA LYS A 65 -0.85 -3.42 -18.77
C LYS A 65 -0.92 -2.49 -19.97
N GLY A 66 -0.21 -1.36 -19.88
CA GLY A 66 -0.20 -0.40 -20.96
C GLY A 66 -1.56 -0.28 -21.64
N VAL A 67 -2.61 -0.24 -20.84
CA VAL A 67 -3.97 -0.13 -21.36
C VAL A 67 -4.49 1.30 -21.22
N ALA A 68 -5.06 1.83 -22.29
CA ALA A 68 -5.60 3.18 -22.29
C ALA A 68 -6.97 3.22 -21.61
N SER A 69 -6.98 3.56 -20.32
CA SER A 69 -8.22 3.62 -19.56
C SER A 69 -8.54 5.07 -19.17
N GLY A 70 -9.60 5.62 -19.79
CA GLY A 70 -9.99 6.98 -19.49
C GLY A 70 -9.56 7.95 -20.57
N PRO A 71 -10.26 7.92 -21.72
CA PRO A 71 -9.95 8.80 -22.85
C PRO A 71 -10.30 10.26 -22.57
N SER A 72 -11.04 10.48 -21.48
CA SER A 72 -11.43 11.84 -21.10
C SER A 72 -10.23 12.78 -21.11
N SER A 73 -10.46 14.01 -21.56
CA SER A 73 -9.40 15.00 -21.63
C SER A 73 -9.02 15.50 -20.24
N GLY A 74 -7.79 15.97 -20.09
CA GLY A 74 -7.33 16.46 -18.80
C GLY A 74 -6.21 17.47 -18.94
ZN ZN B . -6.46 7.27 1.41
ZN ZN C . -1.37 1.02 -6.91
N GLY A 1 38.03 -5.95 -2.07
CA GLY A 1 36.97 -6.59 -1.31
C GLY A 1 36.22 -5.61 -0.42
N SER A 2 35.17 -6.10 0.24
CA SER A 2 34.36 -5.26 1.12
C SER A 2 33.40 -6.11 1.94
N SER A 3 32.75 -5.47 2.91
CA SER A 3 31.80 -6.18 3.77
C SER A 3 30.52 -5.35 3.95
N GLY A 4 29.55 -5.93 4.65
CA GLY A 4 28.29 -5.25 4.87
C GLY A 4 27.61 -5.69 6.15
N SER A 5 26.32 -5.37 6.28
CA SER A 5 25.56 -5.74 7.46
C SER A 5 24.06 -5.61 7.20
N SER A 6 23.26 -6.25 8.05
CA SER A 6 21.81 -6.20 7.92
C SER A 6 21.13 -6.73 9.17
N GLY A 7 19.80 -6.62 9.22
CA GLY A 7 19.05 -7.09 10.36
C GLY A 7 17.56 -7.19 10.09
N THR A 8 16.94 -8.23 10.63
CA THR A 8 15.51 -8.45 10.43
C THR A 8 14.78 -8.56 11.76
N ARG A 9 13.69 -7.82 11.89
CA ARG A 9 12.91 -7.84 13.13
C ARG A 9 11.73 -8.82 13.01
N GLY A 10 10.98 -8.71 11.92
CA GLY A 10 9.85 -9.58 11.71
C GLY A 10 8.73 -9.35 12.71
N GLY A 11 7.71 -10.19 12.66
CA GLY A 11 6.59 -10.05 13.58
C GLY A 11 5.46 -9.25 12.98
N ASP A 12 5.35 -7.98 13.39
CA ASP A 12 4.30 -7.11 12.89
C ASP A 12 4.88 -5.94 12.11
N SER A 13 4.69 -5.94 10.79
CA SER A 13 5.21 -4.88 9.94
C SER A 13 4.08 -3.96 9.48
N ALA A 14 4.44 -2.93 8.73
CA ALA A 14 3.47 -1.97 8.22
C ALA A 14 2.91 -2.42 6.87
N ALA A 15 2.57 -3.70 6.78
CA ALA A 15 2.02 -4.26 5.54
C ALA A 15 2.89 -3.91 4.34
N ALA A 16 4.21 -3.94 4.55
CA ALA A 16 5.16 -3.62 3.49
C ALA A 16 6.59 -3.86 3.94
N PRO A 17 7.43 -4.36 3.03
CA PRO A 17 8.84 -4.64 3.32
C PRO A 17 9.66 -3.37 3.51
N LEU A 18 9.78 -2.94 4.76
CA LEU A 18 10.54 -1.73 5.07
C LEU A 18 10.71 -1.57 6.58
N ASP A 19 11.75 -0.84 6.99
CA ASP A 19 12.02 -0.62 8.40
C ASP A 19 10.72 -0.32 9.16
N PRO A 20 10.70 -0.66 10.46
CA PRO A 20 9.54 -0.44 11.31
C PRO A 20 9.29 1.04 11.60
N PRO A 21 8.13 1.54 11.19
CA PRO A 21 7.75 2.94 11.38
C PRO A 21 7.48 3.26 12.85
N LYS A 22 6.86 4.41 13.09
CA LYS A 22 6.53 4.84 14.45
C LYS A 22 5.06 4.60 14.76
N SER A 23 4.78 3.64 15.62
CA SER A 23 3.41 3.31 16.01
C SER A 23 2.48 3.37 14.79
N THR A 24 2.85 2.62 13.75
CA THR A 24 2.05 2.58 12.53
C THR A 24 1.79 1.15 12.09
N ALA A 25 0.64 0.61 12.49
CA ALA A 25 0.27 -0.75 12.13
C ALA A 25 -0.06 -0.86 10.64
N THR A 26 -1.02 -0.05 10.20
CA THR A 26 -1.44 -0.06 8.80
C THR A 26 -2.21 1.21 8.46
N ARG A 27 -1.79 1.89 7.40
CA ARG A 27 -2.45 3.12 6.97
C ARG A 27 -2.40 3.25 5.45
N CYS A 28 -3.09 4.26 4.93
CA CYS A 28 -3.13 4.50 3.49
C CYS A 28 -1.76 4.90 2.96
N LEU A 29 -1.61 4.89 1.65
CA LEU A 29 -0.35 5.25 1.02
C LEU A 29 -0.40 6.67 0.44
N SER A 30 -1.61 7.22 0.41
CA SER A 30 -1.80 8.57 -0.11
C SER A 30 -2.26 9.52 0.99
N CYS A 31 -3.16 9.05 1.84
CA CYS A 31 -3.69 9.85 2.93
C CYS A 31 -3.10 9.40 4.27
N ASN A 32 -2.38 8.28 4.24
CA ASN A 32 -1.76 7.73 5.44
C ASN A 32 -2.80 7.56 6.55
N LYS A 33 -4.02 7.17 6.16
CA LYS A 33 -5.09 6.97 7.12
C LYS A 33 -5.14 5.51 7.59
N LYS A 34 -5.38 5.31 8.88
CA LYS A 34 -5.46 3.98 9.44
C LYS A 34 -6.51 3.14 8.73
N VAL A 35 -6.05 2.22 7.89
CA VAL A 35 -6.95 1.34 7.14
C VAL A 35 -7.04 -0.04 7.78
N GLY A 36 -5.99 -0.42 8.50
CA GLY A 36 -5.97 -1.71 9.14
C GLY A 36 -6.55 -2.81 8.28
N VAL A 37 -7.50 -3.55 8.83
CA VAL A 37 -8.15 -4.64 8.10
C VAL A 37 -9.18 -4.11 7.12
N THR A 38 -9.71 -2.92 7.40
CA THR A 38 -10.71 -2.30 6.55
C THR A 38 -10.06 -1.52 5.41
N GLY A 39 -8.87 -1.96 5.00
CA GLY A 39 -8.16 -1.29 3.94
C GLY A 39 -8.39 -1.95 2.59
N PHE A 40 -7.80 -1.37 1.55
CA PHE A 40 -7.95 -1.91 0.19
C PHE A 40 -6.59 -1.99 -0.50
N LYS A 41 -6.08 -3.21 -0.65
CA LYS A 41 -4.79 -3.42 -1.29
C LYS A 41 -4.84 -2.97 -2.74
N CYS A 42 -3.65 -2.88 -3.36
CA CYS A 42 -3.56 -2.45 -4.76
C CYS A 42 -2.55 -3.30 -5.51
N ARG A 43 -2.62 -3.25 -6.84
CA ARG A 43 -1.71 -4.02 -7.68
C ARG A 43 -0.26 -3.77 -7.28
N CYS A 44 0.02 -2.57 -6.81
CA CYS A 44 1.37 -2.20 -6.39
C CYS A 44 1.77 -2.93 -5.11
N GLY A 45 0.76 -3.37 -4.35
CA GLY A 45 1.03 -4.07 -3.11
C GLY A 45 0.73 -3.24 -1.89
N SER A 46 0.84 -1.92 -2.02
CA SER A 46 0.57 -1.01 -0.92
C SER A 46 -0.90 -1.07 -0.51
N THR A 47 -1.20 -0.48 0.64
CA THR A 47 -2.56 -0.46 1.15
C THR A 47 -3.14 0.95 1.11
N PHE A 48 -4.43 1.04 0.77
CA PHE A 48 -5.10 2.33 0.69
C PHE A 48 -6.47 2.27 1.38
N CYS A 49 -7.12 3.43 1.47
CA CYS A 49 -8.43 3.51 2.12
C CYS A 49 -9.55 3.48 1.07
N GLY A 50 -10.79 3.37 1.54
CA GLY A 50 -11.92 3.34 0.65
C GLY A 50 -11.96 4.52 -0.30
N THR A 51 -11.20 5.56 0.04
CA THR A 51 -11.15 6.77 -0.78
C THR A 51 -10.09 6.65 -1.88
N HIS A 52 -8.91 6.18 -1.49
CA HIS A 52 -7.82 6.01 -2.44
C HIS A 52 -7.55 4.54 -2.71
N ARG A 53 -8.61 3.72 -2.65
CA ARG A 53 -8.49 2.29 -2.90
C ARG A 53 -8.27 2.01 -4.38
N TYR A 54 -8.98 2.74 -5.23
CA TYR A 54 -8.87 2.57 -6.67
C TYR A 54 -7.58 3.17 -7.20
N PRO A 55 -7.07 2.62 -8.31
CA PRO A 55 -5.83 3.10 -8.94
C PRO A 55 -6.01 4.47 -9.58
N GLU A 56 -7.05 4.62 -10.38
CA GLU A 56 -7.33 5.88 -11.05
C GLU A 56 -7.26 7.05 -10.07
N SER A 57 -7.64 6.80 -8.83
CA SER A 57 -7.62 7.83 -7.80
C SER A 57 -6.20 8.07 -7.31
N HIS A 58 -5.39 7.03 -7.32
CA HIS A 58 -4.01 7.12 -6.87
C HIS A 58 -3.05 6.61 -7.95
N GLU A 59 -2.22 7.52 -8.48
CA GLU A 59 -1.26 7.17 -9.51
C GLU A 59 -0.51 5.89 -9.14
N CYS A 60 -1.00 4.75 -9.64
CA CYS A 60 -0.39 3.46 -9.37
C CYS A 60 1.02 3.40 -9.96
N GLN A 61 2.01 3.24 -9.09
CA GLN A 61 3.40 3.16 -9.53
C GLN A 61 3.65 1.87 -10.30
N PHE A 62 3.14 0.76 -9.78
CA PHE A 62 3.31 -0.54 -10.43
C PHE A 62 2.89 -0.47 -11.89
N ASP A 63 3.74 -1.02 -12.76
CA ASP A 63 3.46 -1.02 -14.19
C ASP A 63 2.22 -1.86 -14.49
N PHE A 64 1.17 -1.20 -14.96
CA PHE A 64 -0.09 -1.87 -15.29
C PHE A 64 0.10 -2.80 -16.47
N LYS A 65 -0.98 -3.47 -16.87
CA LYS A 65 -0.95 -4.39 -18.00
C LYS A 65 -1.04 -3.64 -19.32
N GLY A 66 -0.28 -2.55 -19.43
CA GLY A 66 -0.30 -1.76 -20.66
C GLY A 66 -1.66 -1.74 -21.32
N VAL A 67 -2.69 -1.45 -20.53
CA VAL A 67 -4.06 -1.40 -21.04
C VAL A 67 -4.69 -0.04 -20.77
N ALA A 68 -5.34 0.52 -21.79
CA ALA A 68 -5.99 1.81 -21.66
C ALA A 68 -7.19 1.73 -20.71
N SER A 69 -7.43 2.82 -19.98
CA SER A 69 -8.54 2.88 -19.04
C SER A 69 -9.85 3.15 -19.76
N GLY A 70 -10.92 2.52 -19.27
CA GLY A 70 -12.23 2.71 -19.88
C GLY A 70 -13.31 1.89 -19.20
N PRO A 71 -14.13 2.55 -18.38
CA PRO A 71 -15.23 1.88 -17.65
C PRO A 71 -16.35 1.44 -18.59
N SER A 72 -16.15 1.64 -19.88
CA SER A 72 -17.15 1.26 -20.88
C SER A 72 -18.34 2.22 -20.85
N SER A 73 -18.06 3.51 -20.74
CA SER A 73 -19.10 4.52 -20.69
C SER A 73 -19.44 5.02 -22.10
N GLY A 74 -20.73 5.06 -22.41
CA GLY A 74 -21.17 5.51 -23.72
C GLY A 74 -22.59 5.10 -24.02
ZN ZN B . -6.43 7.14 1.42
ZN ZN C . -1.25 1.16 -6.87
N GLY A 1 4.44 -17.24 37.27
CA GLY A 1 4.98 -17.99 36.15
C GLY A 1 3.90 -18.57 35.26
N SER A 2 3.59 -17.87 34.17
CA SER A 2 2.56 -18.32 33.24
C SER A 2 2.70 -17.59 31.90
N SER A 3 2.49 -18.33 30.81
CA SER A 3 2.60 -17.76 29.48
C SER A 3 1.21 -17.47 28.90
N GLY A 4 1.10 -16.39 28.14
CA GLY A 4 -0.17 -16.02 27.55
C GLY A 4 -0.03 -14.96 26.47
N SER A 5 0.35 -15.39 25.27
CA SER A 5 0.54 -14.47 24.15
C SER A 5 0.45 -15.20 22.82
N SER A 6 0.16 -14.47 21.76
CA SER A 6 0.04 -15.05 20.43
C SER A 6 0.12 -13.97 19.35
N GLY A 7 1.01 -14.18 18.38
CA GLY A 7 1.16 -13.22 17.30
C GLY A 7 2.06 -13.73 16.19
N THR A 8 3.06 -12.94 15.82
CA THR A 8 3.97 -13.32 14.75
C THR A 8 5.38 -12.82 15.04
N ARG A 9 6.32 -13.74 15.23
CA ARG A 9 7.70 -13.39 15.52
C ARG A 9 8.54 -13.44 14.24
N GLY A 10 8.54 -12.33 13.50
CA GLY A 10 9.31 -12.26 12.28
C GLY A 10 8.43 -12.22 11.04
N GLY A 11 8.02 -11.01 10.67
CA GLY A 11 7.16 -10.85 9.50
C GLY A 11 7.58 -9.68 8.64
N ASP A 12 7.52 -8.48 9.20
CA ASP A 12 7.89 -7.27 8.48
C ASP A 12 6.97 -7.06 7.28
N SER A 13 5.67 -7.28 7.48
CA SER A 13 4.70 -7.13 6.41
C SER A 13 3.90 -5.84 6.60
N ALA A 14 4.39 -4.75 6.02
CA ALA A 14 3.71 -3.46 6.13
C ALA A 14 3.88 -2.65 4.84
N ALA A 15 2.77 -2.12 4.33
CA ALA A 15 2.79 -1.33 3.11
C ALA A 15 3.40 0.04 3.35
N ALA A 16 4.61 0.24 2.85
CA ALA A 16 5.30 1.51 3.01
C ALA A 16 6.49 1.61 2.06
N PRO A 17 6.87 2.85 1.70
CA PRO A 17 7.98 3.12 0.79
C PRO A 17 9.33 2.79 1.43
N LEU A 18 10.40 3.09 0.70
CA LEU A 18 11.75 2.82 1.20
C LEU A 18 12.10 3.75 2.36
N ASP A 19 11.71 3.35 3.56
CA ASP A 19 11.98 4.14 4.75
C ASP A 19 12.10 3.24 5.99
N PRO A 20 12.81 3.73 7.02
CA PRO A 20 13.01 2.99 8.26
C PRO A 20 11.73 2.88 9.08
N PRO A 21 11.67 1.84 9.93
CA PRO A 21 10.50 1.58 10.78
C PRO A 21 10.36 2.63 11.89
N LYS A 22 9.62 3.70 11.59
CA LYS A 22 9.40 4.77 12.55
C LYS A 22 8.01 4.65 13.19
N SER A 23 7.01 4.46 12.35
CA SER A 23 5.63 4.34 12.82
C SER A 23 5.00 3.04 12.35
N THR A 24 5.36 1.94 13.00
CA THR A 24 4.84 0.63 12.65
C THR A 24 3.32 0.59 12.75
N ALA A 25 2.65 0.78 11.62
CA ALA A 25 1.20 0.77 11.58
C ALA A 25 0.68 0.71 10.14
N THR A 26 -0.54 0.21 9.98
CA THR A 26 -1.15 0.09 8.65
C THR A 26 -1.99 1.31 8.32
N ARG A 27 -1.65 1.99 7.23
CA ARG A 27 -2.37 3.18 6.81
C ARG A 27 -2.35 3.31 5.29
N CYS A 28 -3.15 4.25 4.77
CA CYS A 28 -3.21 4.48 3.33
C CYS A 28 -1.86 4.90 2.79
N LEU A 29 -1.75 4.93 1.47
CA LEU A 29 -0.50 5.31 0.80
C LEU A 29 -0.61 6.70 0.19
N SER A 30 -1.84 7.22 0.13
CA SER A 30 -2.08 8.54 -0.43
C SER A 30 -2.45 9.53 0.66
N CYS A 31 -3.34 9.13 1.55
CA CYS A 31 -3.78 9.98 2.65
C CYS A 31 -3.18 9.51 3.97
N ASN A 32 -2.56 8.34 3.95
CA ASN A 32 -1.95 7.78 5.16
C ASN A 32 -2.97 7.68 6.29
N LYS A 33 -4.13 7.12 5.98
CA LYS A 33 -5.19 6.96 6.96
C LYS A 33 -5.23 5.53 7.50
N LYS A 34 -5.33 5.39 8.81
CA LYS A 34 -5.38 4.08 9.44
C LYS A 34 -6.39 3.18 8.75
N VAL A 35 -5.89 2.25 7.93
CA VAL A 35 -6.76 1.34 7.21
C VAL A 35 -6.79 -0.03 7.88
N GLY A 36 -5.70 -0.38 8.55
CA GLY A 36 -5.62 -1.65 9.23
C GLY A 36 -6.16 -2.80 8.39
N VAL A 37 -7.00 -3.63 8.99
CA VAL A 37 -7.58 -4.76 8.29
C VAL A 37 -8.70 -4.31 7.35
N THR A 38 -9.30 -3.17 7.65
CA THR A 38 -10.38 -2.63 6.84
C THR A 38 -9.83 -1.76 5.71
N GLY A 39 -8.66 -2.12 5.21
CA GLY A 39 -8.05 -1.36 4.13
C GLY A 39 -8.33 -1.96 2.77
N PHE A 40 -7.63 -1.46 1.75
CA PHE A 40 -7.80 -1.95 0.39
C PHE A 40 -6.46 -2.05 -0.33
N LYS A 41 -6.03 -3.29 -0.59
CA LYS A 41 -4.77 -3.53 -1.26
C LYS A 41 -4.85 -3.12 -2.73
N CYS A 42 -3.69 -2.91 -3.35
CA CYS A 42 -3.63 -2.52 -4.75
C CYS A 42 -2.64 -3.39 -5.52
N ARG A 43 -2.72 -3.33 -6.84
CA ARG A 43 -1.84 -4.12 -7.70
C ARG A 43 -0.38 -3.88 -7.33
N CYS A 44 -0.08 -2.67 -6.87
CA CYS A 44 1.28 -2.31 -6.48
C CYS A 44 1.67 -2.99 -5.17
N GLY A 45 0.66 -3.41 -4.41
CA GLY A 45 0.93 -4.08 -3.14
C GLY A 45 0.60 -3.21 -1.95
N SER A 46 0.78 -1.89 -2.10
CA SER A 46 0.51 -0.95 -1.03
C SER A 46 -0.95 -1.04 -0.58
N THR A 47 -1.23 -0.48 0.59
CA THR A 47 -2.59 -0.50 1.13
C THR A 47 -3.20 0.89 1.13
N PHE A 48 -4.48 0.97 0.80
CA PHE A 48 -5.18 2.25 0.77
C PHE A 48 -6.53 2.15 1.50
N CYS A 49 -7.24 3.27 1.56
CA CYS A 49 -8.54 3.31 2.22
C CYS A 49 -9.68 3.13 1.21
N GLY A 50 -10.90 3.26 1.69
CA GLY A 50 -12.06 3.11 0.81
C GLY A 50 -12.33 4.36 -0.01
N THR A 51 -11.30 5.16 -0.22
CA THR A 51 -11.43 6.40 -0.99
C THR A 51 -10.37 6.48 -2.07
N HIS A 52 -9.21 5.87 -1.83
CA HIS A 52 -8.12 5.88 -2.78
C HIS A 52 -7.84 4.47 -3.30
N ARG A 53 -8.49 3.49 -2.69
CA ARG A 53 -8.32 2.09 -3.09
C ARG A 53 -8.14 1.98 -4.60
N TYR A 54 -8.83 2.84 -5.34
CA TYR A 54 -8.76 2.82 -6.80
C TYR A 54 -7.42 3.37 -7.27
N PRO A 55 -6.95 2.86 -8.42
CA PRO A 55 -5.68 3.29 -9.02
C PRO A 55 -5.74 4.71 -9.56
N GLU A 56 -6.87 5.06 -10.16
CA GLU A 56 -7.07 6.39 -10.73
C GLU A 56 -6.93 7.46 -9.65
N SER A 57 -7.39 7.13 -8.44
CA SER A 57 -7.32 8.07 -7.32
C SER A 57 -5.89 8.20 -6.81
N HIS A 58 -5.13 7.12 -6.90
CA HIS A 58 -3.74 7.12 -6.45
C HIS A 58 -2.81 6.69 -7.56
N GLU A 59 -1.94 7.60 -8.00
CA GLU A 59 -0.99 7.31 -9.07
C GLU A 59 -0.28 5.99 -8.81
N CYS A 60 -0.81 4.92 -9.39
CA CYS A 60 -0.22 3.59 -9.23
C CYS A 60 1.18 3.54 -9.83
N GLN A 61 2.12 2.98 -9.07
CA GLN A 61 3.50 2.87 -9.52
C GLN A 61 3.70 1.60 -10.34
N PHE A 62 3.07 0.51 -9.91
CA PHE A 62 3.18 -0.77 -10.60
C PHE A 62 2.69 -0.64 -12.05
N ASP A 63 3.60 -0.80 -13.00
CA ASP A 63 3.26 -0.71 -14.41
C ASP A 63 2.08 -1.61 -14.74
N PHE A 64 1.01 -1.02 -15.25
CA PHE A 64 -0.19 -1.76 -15.61
C PHE A 64 0.07 -2.65 -16.83
N LYS A 65 -0.96 -3.39 -17.23
CA LYS A 65 -0.84 -4.28 -18.38
C LYS A 65 -0.35 -3.53 -19.61
N GLY A 66 -0.99 -2.39 -19.89
CA GLY A 66 -0.61 -1.60 -21.05
C GLY A 66 -1.74 -0.70 -21.53
N VAL A 67 -2.16 0.23 -20.68
CA VAL A 67 -3.24 1.15 -21.02
C VAL A 67 -2.82 2.59 -20.78
N ALA A 68 -2.08 2.81 -19.70
CA ALA A 68 -1.61 4.15 -19.35
C ALA A 68 -1.34 4.98 -20.61
N SER A 69 -1.73 6.25 -20.58
CA SER A 69 -1.53 7.13 -21.71
C SER A 69 -0.06 7.13 -22.15
N GLY A 70 0.82 7.45 -21.20
CA GLY A 70 2.24 7.48 -21.51
C GLY A 70 3.01 8.38 -20.55
N PRO A 71 2.90 9.70 -20.76
CA PRO A 71 3.58 10.70 -19.93
C PRO A 71 3.00 10.77 -18.52
N SER A 72 3.88 10.97 -17.53
CA SER A 72 3.46 11.05 -16.14
C SER A 72 4.43 11.91 -15.33
N SER A 73 3.91 12.57 -14.30
CA SER A 73 4.74 13.42 -13.44
C SER A 73 6.08 12.76 -13.16
N GLY A 74 7.06 13.57 -12.76
CA GLY A 74 8.38 13.05 -12.46
C GLY A 74 9.13 12.65 -13.71
ZN ZN B . -6.67 7.05 1.43
ZN ZN C . -1.45 0.95 -6.88
N GLY A 1 -22.41 -27.26 31.79
CA GLY A 1 -21.72 -26.00 31.57
C GLY A 1 -20.31 -26.20 31.05
N SER A 2 -20.13 -26.02 29.74
CA SER A 2 -18.82 -26.18 29.12
C SER A 2 -18.69 -25.29 27.88
N SER A 3 -17.74 -24.37 27.93
CA SER A 3 -17.51 -23.46 26.81
C SER A 3 -16.12 -22.83 26.90
N GLY A 4 -15.63 -22.34 25.77
CA GLY A 4 -14.32 -21.72 25.73
C GLY A 4 -13.57 -22.01 24.45
N SER A 5 -13.26 -20.97 23.69
CA SER A 5 -12.55 -21.12 22.43
C SER A 5 -11.80 -19.85 22.07
N SER A 6 -10.47 -19.94 22.02
CA SER A 6 -9.64 -18.79 21.69
C SER A 6 -8.23 -19.23 21.32
N GLY A 7 -7.42 -18.28 20.85
CA GLY A 7 -6.06 -18.60 20.46
C GLY A 7 -5.84 -18.43 18.97
N THR A 8 -5.98 -17.21 18.48
CA THR A 8 -5.79 -16.93 17.05
C THR A 8 -4.47 -16.20 16.81
N ARG A 9 -3.83 -16.51 15.68
CA ARG A 9 -2.56 -15.89 15.33
C ARG A 9 -2.19 -16.21 13.89
N GLY A 10 -1.14 -15.55 13.40
CA GLY A 10 -0.69 -15.77 12.04
C GLY A 10 -1.15 -14.69 11.09
N GLY A 11 -1.20 -15.00 9.80
CA GLY A 11 -1.61 -14.02 8.81
C GLY A 11 -0.44 -13.29 8.18
N ASP A 12 -0.18 -13.60 6.91
CA ASP A 12 0.91 -12.97 6.19
C ASP A 12 0.39 -11.91 5.21
N SER A 13 -0.53 -11.09 5.68
CA SER A 13 -1.11 -10.04 4.85
C SER A 13 -0.71 -8.66 5.34
N ALA A 14 0.46 -8.21 4.93
CA ALA A 14 0.97 -6.90 5.33
C ALA A 14 1.98 -6.37 4.32
N ALA A 15 1.88 -5.07 4.01
CA ALA A 15 2.78 -4.44 3.06
C ALA A 15 4.08 -4.01 3.74
N ALA A 16 4.48 -4.74 4.78
CA ALA A 16 5.69 -4.42 5.51
C ALA A 16 6.84 -4.12 4.55
N PRO A 17 7.18 -2.83 4.42
CA PRO A 17 8.25 -2.38 3.54
C PRO A 17 9.63 -2.78 4.07
N LEU A 18 10.67 -2.34 3.37
CA LEU A 18 12.04 -2.65 3.76
C LEU A 18 12.35 -2.10 5.16
N ASP A 19 11.88 -2.80 6.18
CA ASP A 19 12.11 -2.38 7.56
C ASP A 19 12.40 -3.57 8.46
N PRO A 20 13.08 -3.31 9.58
CA PRO A 20 13.45 -4.36 10.54
C PRO A 20 12.23 -4.90 11.29
N PRO A 21 12.43 -5.99 12.04
CA PRO A 21 11.36 -6.63 12.81
C PRO A 21 10.93 -5.78 14.01
N LYS A 22 9.96 -4.91 13.77
CA LYS A 22 9.45 -4.03 14.83
C LYS A 22 7.99 -3.69 14.58
N SER A 23 7.15 -3.85 15.61
CA SER A 23 5.74 -3.56 15.51
C SER A 23 5.49 -2.39 14.56
N THR A 24 4.76 -2.66 13.48
CA THR A 24 4.45 -1.63 12.50
C THR A 24 2.95 -1.41 12.38
N ALA A 25 2.55 -0.29 11.78
CA ALA A 25 1.14 0.03 11.60
C ALA A 25 0.73 -0.10 10.13
N THR A 26 -0.51 0.23 9.84
CA THR A 26 -1.03 0.13 8.48
C THR A 26 -1.90 1.34 8.14
N ARG A 27 -1.50 2.09 7.12
CA ARG A 27 -2.24 3.27 6.70
C ARG A 27 -2.24 3.40 5.18
N CYS A 28 -3.05 4.31 4.67
CA CYS A 28 -3.14 4.54 3.23
C CYS A 28 -1.79 4.92 2.65
N LEU A 29 -1.68 4.91 1.32
CA LEU A 29 -0.44 5.26 0.64
C LEU A 29 -0.50 6.68 0.10
N SER A 30 -1.69 7.27 0.10
CA SER A 30 -1.88 8.62 -0.39
C SER A 30 -2.35 9.55 0.72
N CYS A 31 -3.23 9.03 1.58
CA CYS A 31 -3.75 9.81 2.69
C CYS A 31 -3.20 9.32 4.02
N ASN A 32 -2.35 8.30 3.95
CA ASN A 32 -1.73 7.73 5.15
C ASN A 32 -2.76 7.61 6.27
N LYS A 33 -3.95 7.14 5.93
CA LYS A 33 -5.02 6.97 6.91
C LYS A 33 -5.06 5.54 7.44
N LYS A 34 -5.22 5.40 8.76
CA LYS A 34 -5.28 4.10 9.39
C LYS A 34 -6.30 3.20 8.70
N VAL A 35 -5.81 2.34 7.81
CA VAL A 35 -6.69 1.42 7.08
C VAL A 35 -6.74 0.06 7.75
N GLY A 36 -5.67 -0.29 8.46
CA GLY A 36 -5.62 -1.57 9.15
C GLY A 36 -6.27 -2.68 8.36
N VAL A 37 -7.07 -3.50 9.05
CA VAL A 37 -7.77 -4.61 8.40
C VAL A 37 -8.90 -4.10 7.52
N THR A 38 -9.23 -2.82 7.65
CA THR A 38 -10.30 -2.21 6.88
C THR A 38 -9.74 -1.44 5.69
N GLY A 39 -8.62 -1.91 5.16
CA GLY A 39 -8.00 -1.25 4.03
C GLY A 39 -8.32 -1.95 2.71
N PHE A 40 -7.71 -1.47 1.63
CA PHE A 40 -7.93 -2.05 0.31
C PHE A 40 -6.61 -2.24 -0.43
N LYS A 41 -6.16 -3.48 -0.52
CA LYS A 41 -4.91 -3.80 -1.20
C LYS A 41 -4.99 -3.44 -2.68
N CYS A 42 -3.84 -3.18 -3.29
CA CYS A 42 -3.77 -2.82 -4.70
C CYS A 42 -2.71 -3.62 -5.42
N ARG A 43 -2.73 -3.59 -6.74
CA ARG A 43 -1.76 -4.32 -7.55
C ARG A 43 -0.34 -3.93 -7.18
N CYS A 44 -0.17 -2.69 -6.74
CA CYS A 44 1.15 -2.19 -6.35
C CYS A 44 1.57 -2.76 -5.00
N GLY A 45 0.69 -3.57 -4.41
CA GLY A 45 0.99 -4.17 -3.13
C GLY A 45 0.64 -3.25 -1.97
N SER A 46 0.84 -1.96 -2.16
CA SER A 46 0.55 -0.98 -1.12
C SER A 46 -0.90 -1.09 -0.66
N THR A 47 -1.19 -0.46 0.48
CA THR A 47 -2.54 -0.49 1.03
C THR A 47 -3.16 0.90 1.05
N PHE A 48 -4.40 1.00 0.60
CA PHE A 48 -5.12 2.27 0.56
C PHE A 48 -6.45 2.17 1.28
N CYS A 49 -7.13 3.32 1.43
CA CYS A 49 -8.42 3.36 2.10
C CYS A 49 -9.56 3.21 1.09
N GLY A 50 -10.79 3.35 1.58
CA GLY A 50 -11.95 3.23 0.72
C GLY A 50 -12.21 4.49 -0.08
N THR A 51 -11.18 5.33 -0.22
CA THR A 51 -11.30 6.57 -0.97
C THR A 51 -10.25 6.66 -2.07
N HIS A 52 -9.14 5.95 -1.87
CA HIS A 52 -8.06 5.94 -2.84
C HIS A 52 -7.78 4.54 -3.35
N ARG A 53 -8.53 3.57 -2.82
CA ARG A 53 -8.36 2.17 -3.21
C ARG A 53 -8.21 2.05 -4.73
N TYR A 54 -8.92 2.89 -5.46
CA TYR A 54 -8.87 2.88 -6.91
C TYR A 54 -7.51 3.36 -7.42
N PRO A 55 -7.05 2.77 -8.54
CA PRO A 55 -5.76 3.11 -9.14
C PRO A 55 -5.76 4.51 -9.75
N GLU A 56 -6.92 4.93 -10.25
CA GLU A 56 -7.04 6.25 -10.86
C GLU A 56 -7.09 7.34 -9.79
N SER A 57 -7.49 6.97 -8.59
CA SER A 57 -7.59 7.91 -7.49
C SER A 57 -6.23 8.10 -6.81
N HIS A 58 -5.39 7.07 -6.88
CA HIS A 58 -4.07 7.12 -6.28
C HIS A 58 -2.98 6.93 -7.34
N GLU A 59 -1.75 7.21 -6.96
CA GLU A 59 -0.62 7.08 -7.88
C GLU A 59 -0.12 5.64 -7.91
N CYS A 60 -0.72 4.82 -8.77
CA CYS A 60 -0.34 3.43 -8.90
C CYS A 60 1.00 3.29 -9.64
N GLN A 61 2.08 3.41 -8.88
CA GLN A 61 3.42 3.31 -9.46
C GLN A 61 3.57 2.02 -10.27
N PHE A 62 3.20 0.90 -9.66
CA PHE A 62 3.28 -0.39 -10.33
C PHE A 62 2.88 -0.28 -11.80
N ASP A 63 3.76 -0.75 -12.68
CA ASP A 63 3.49 -0.70 -14.12
C ASP A 63 2.37 -1.66 -14.49
N PHE A 64 1.21 -1.11 -14.84
CA PHE A 64 0.06 -1.91 -15.22
C PHE A 64 0.37 -2.75 -16.46
N LYS A 65 0.85 -2.09 -17.50
CA LYS A 65 1.20 -2.77 -18.74
C LYS A 65 1.89 -1.83 -19.71
N GLY A 66 2.40 -2.38 -20.82
CA GLY A 66 3.08 -1.56 -21.80
C GLY A 66 2.35 -0.27 -22.10
N VAL A 67 1.03 -0.30 -21.98
CA VAL A 67 0.21 0.88 -22.24
C VAL A 67 0.82 2.12 -21.60
N ALA A 68 1.54 1.91 -20.51
CA ALA A 68 2.18 3.02 -19.80
C ALA A 68 1.31 4.27 -19.83
N SER A 69 0.04 4.11 -19.50
CA SER A 69 -0.89 5.23 -19.49
C SER A 69 -1.11 5.75 -18.07
N GLY A 70 -1.40 4.83 -17.15
CA GLY A 70 -1.62 5.22 -15.76
C GLY A 70 -2.91 5.99 -15.58
N PRO A 71 -2.91 6.95 -14.64
CA PRO A 71 -4.08 7.78 -14.36
C PRO A 71 -4.40 8.74 -15.48
N SER A 72 -5.67 8.79 -15.88
CA SER A 72 -6.11 9.66 -16.96
C SER A 72 -7.63 9.68 -17.07
N SER A 73 -8.17 10.74 -17.65
CA SER A 73 -9.61 10.89 -17.81
C SER A 73 -10.00 10.79 -19.28
N GLY A 74 -9.50 11.72 -20.09
CA GLY A 74 -9.80 11.73 -21.50
C GLY A 74 -9.54 13.07 -22.15
ZN ZN B . -6.57 7.08 1.28
ZN ZN C . -1.97 0.77 -7.06
N GLY A 1 6.49 -40.61 32.64
CA GLY A 1 6.24 -39.19 32.64
C GLY A 1 5.68 -38.69 31.32
N SER A 2 5.28 -37.43 31.29
CA SER A 2 4.72 -36.84 30.08
C SER A 2 4.88 -35.31 30.09
N SER A 3 5.17 -34.75 28.92
CA SER A 3 5.36 -33.31 28.80
C SER A 3 5.49 -32.90 27.33
N GLY A 4 5.30 -31.62 27.06
CA GLY A 4 5.39 -31.13 25.70
C GLY A 4 5.79 -29.66 25.63
N SER A 5 5.14 -28.91 24.75
CA SER A 5 5.44 -27.49 24.60
C SER A 5 4.24 -26.75 24.01
N SER A 6 4.22 -25.43 24.20
CA SER A 6 3.13 -24.61 23.69
C SER A 6 3.63 -23.20 23.34
N GLY A 7 2.86 -22.50 22.53
CA GLY A 7 3.23 -21.15 22.13
C GLY A 7 2.12 -20.44 21.40
N THR A 8 2.49 -19.63 20.40
CA THR A 8 1.51 -18.87 19.62
C THR A 8 1.94 -18.78 18.16
N ARG A 9 1.14 -19.38 17.28
CA ARG A 9 1.43 -19.37 15.85
C ARG A 9 0.41 -18.53 15.10
N GLY A 10 0.88 -17.46 14.45
CA GLY A 10 0.00 -16.60 13.70
C GLY A 10 0.65 -16.05 12.44
N GLY A 11 0.51 -14.75 12.22
CA GLY A 11 1.08 -14.12 11.04
C GLY A 11 0.03 -13.63 10.07
N ASP A 12 -0.34 -12.36 10.22
CA ASP A 12 -1.35 -11.76 9.35
C ASP A 12 -0.69 -10.91 8.26
N SER A 13 -1.46 -10.59 7.23
CA SER A 13 -0.95 -9.80 6.12
C SER A 13 -0.32 -8.50 6.62
N ALA A 14 1.00 -8.50 6.77
CA ALA A 14 1.73 -7.33 7.24
C ALA A 14 1.74 -6.23 6.19
N ALA A 15 1.02 -5.15 6.46
CA ALA A 15 0.95 -4.02 5.52
C ALA A 15 1.89 -2.90 5.95
N ALA A 16 2.96 -2.71 5.19
CA ALA A 16 3.92 -1.67 5.49
C ALA A 16 4.52 -1.07 4.21
N PRO A 17 4.97 0.19 4.29
CA PRO A 17 5.56 0.89 3.15
C PRO A 17 6.92 0.33 2.76
N LEU A 18 7.46 0.79 1.64
CA LEU A 18 8.77 0.33 1.17
C LEU A 18 9.80 0.38 2.29
N ASP A 19 9.96 1.56 2.89
CA ASP A 19 10.90 1.74 3.98
C ASP A 19 10.31 1.28 5.30
N PRO A 20 11.19 0.84 6.22
CA PRO A 20 10.77 0.36 7.55
C PRO A 20 10.25 1.49 8.44
N PRO A 21 8.96 1.43 8.78
CA PRO A 21 8.32 2.44 9.63
C PRO A 21 8.81 2.38 11.08
N LYS A 22 8.70 3.50 11.77
CA LYS A 22 9.13 3.58 13.16
C LYS A 22 8.56 2.42 13.98
N SER A 23 7.42 1.91 13.54
CA SER A 23 6.76 0.81 14.23
C SER A 23 5.68 0.18 13.35
N THR A 24 5.41 -1.10 13.58
CA THR A 24 4.39 -1.82 12.81
C THR A 24 3.09 -1.02 12.75
N ALA A 25 2.53 -0.94 11.55
CA ALA A 25 1.28 -0.22 11.35
C ALA A 25 0.72 -0.46 9.95
N THR A 26 -0.40 0.19 9.64
CA THR A 26 -1.04 0.04 8.34
C THR A 26 -1.94 1.22 8.03
N ARG A 27 -1.53 2.03 7.06
CA ARG A 27 -2.29 3.20 6.67
C ARG A 27 -2.27 3.40 5.15
N CYS A 28 -3.13 4.27 4.65
CA CYS A 28 -3.21 4.55 3.22
C CYS A 28 -1.84 4.92 2.67
N LEU A 29 -1.72 4.96 1.34
CA LEU A 29 -0.47 5.30 0.69
C LEU A 29 -0.51 6.72 0.14
N SER A 30 -1.70 7.32 0.14
CA SER A 30 -1.88 8.67 -0.36
C SER A 30 -2.29 9.62 0.76
N CYS A 31 -3.15 9.13 1.65
CA CYS A 31 -3.61 9.92 2.78
C CYS A 31 -3.08 9.37 4.10
N ASN A 32 -2.28 8.32 4.01
CA ASN A 32 -1.71 7.70 5.20
C ASN A 32 -2.73 7.62 6.32
N LYS A 33 -3.91 7.08 6.01
CA LYS A 33 -4.97 6.94 6.99
C LYS A 33 -5.05 5.51 7.52
N LYS A 34 -5.27 5.36 8.82
CA LYS A 34 -5.36 4.05 9.44
C LYS A 34 -6.35 3.16 8.69
N VAL A 35 -5.81 2.26 7.87
CA VAL A 35 -6.65 1.35 7.10
C VAL A 35 -6.64 -0.05 7.70
N GLY A 36 -5.62 -0.34 8.51
CA GLY A 36 -5.51 -1.64 9.14
C GLY A 36 -5.90 -2.77 8.19
N VAL A 37 -6.87 -3.57 8.61
CA VAL A 37 -7.33 -4.69 7.80
C VAL A 37 -8.39 -4.25 6.80
N THR A 38 -9.19 -3.27 7.19
CA THR A 38 -10.25 -2.75 6.33
C THR A 38 -9.67 -2.16 5.05
N GLY A 39 -8.38 -1.87 5.06
CA GLY A 39 -7.73 -1.31 3.89
C GLY A 39 -8.08 -2.05 2.62
N PHE A 40 -7.76 -1.45 1.49
CA PHE A 40 -8.04 -2.07 0.19
C PHE A 40 -6.76 -2.26 -0.61
N LYS A 41 -6.23 -3.48 -0.60
CA LYS A 41 -5.01 -3.80 -1.32
C LYS A 41 -5.08 -3.30 -2.76
N CYS A 42 -3.93 -2.99 -3.33
CA CYS A 42 -3.87 -2.51 -4.71
C CYS A 42 -2.83 -3.30 -5.51
N ARG A 43 -2.86 -3.12 -6.83
CA ARG A 43 -1.92 -3.80 -7.71
C ARG A 43 -0.48 -3.52 -7.30
N CYS A 44 -0.25 -2.35 -6.72
CA CYS A 44 1.07 -1.94 -6.29
C CYS A 44 1.45 -2.64 -4.98
N GLY A 45 0.54 -3.47 -4.48
CA GLY A 45 0.79 -4.17 -3.24
C GLY A 45 0.54 -3.32 -2.02
N SER A 46 0.54 -2.01 -2.21
CA SER A 46 0.31 -1.07 -1.11
C SER A 46 -1.13 -1.15 -0.62
N THR A 47 -1.40 -0.46 0.49
CA THR A 47 -2.74 -0.46 1.07
C THR A 47 -3.33 0.94 1.09
N PHE A 48 -4.55 1.07 0.56
CA PHE A 48 -5.22 2.36 0.51
C PHE A 48 -6.55 2.30 1.25
N CYS A 49 -7.22 3.45 1.35
CA CYS A 49 -8.51 3.53 2.03
C CYS A 49 -9.66 3.47 1.03
N GLY A 50 -10.88 3.37 1.54
CA GLY A 50 -12.04 3.32 0.68
C GLY A 50 -12.12 4.49 -0.28
N THR A 51 -11.31 5.52 -0.02
CA THR A 51 -11.30 6.70 -0.86
C THR A 51 -10.25 6.56 -1.96
N HIS A 52 -9.03 6.20 -1.58
CA HIS A 52 -7.95 6.03 -2.54
C HIS A 52 -7.71 4.56 -2.85
N ARG A 53 -8.77 3.77 -2.77
CA ARG A 53 -8.68 2.34 -3.04
C ARG A 53 -8.43 2.08 -4.53
N TYR A 54 -9.07 2.87 -5.37
CA TYR A 54 -8.92 2.73 -6.82
C TYR A 54 -7.54 3.18 -7.28
N PRO A 55 -7.02 2.55 -8.34
CA PRO A 55 -5.71 2.88 -8.90
C PRO A 55 -5.69 4.25 -9.57
N GLU A 56 -6.76 4.55 -10.30
CA GLU A 56 -6.87 5.83 -11.00
C GLU A 56 -6.99 6.98 -10.01
N SER A 57 -7.42 6.67 -8.80
CA SER A 57 -7.60 7.68 -7.76
C SER A 57 -6.25 8.06 -7.14
N HIS A 58 -5.35 7.08 -7.08
CA HIS A 58 -4.02 7.31 -6.50
C HIS A 58 -2.93 7.07 -7.55
N GLU A 59 -1.68 7.29 -7.15
CA GLU A 59 -0.56 7.10 -8.05
C GLU A 59 -0.06 5.66 -8.00
N CYS A 60 -0.66 4.80 -8.82
CA CYS A 60 -0.28 3.39 -8.86
C CYS A 60 1.09 3.22 -9.50
N GLN A 61 2.13 3.23 -8.68
CA GLN A 61 3.50 3.08 -9.16
C GLN A 61 3.63 1.84 -10.04
N PHE A 62 3.17 0.70 -9.51
CA PHE A 62 3.24 -0.55 -10.25
C PHE A 62 2.80 -0.37 -11.70
N ASP A 63 3.41 -1.12 -12.60
CA ASP A 63 3.09 -1.04 -14.02
C ASP A 63 1.94 -1.99 -14.37
N PHE A 64 0.84 -1.42 -14.84
CA PHE A 64 -0.32 -2.22 -15.22
C PHE A 64 0.03 -3.22 -16.32
N LYS A 65 -0.98 -3.93 -16.81
CA LYS A 65 -0.78 -4.93 -17.86
C LYS A 65 -0.61 -4.24 -19.22
N GLY A 66 0.25 -3.24 -19.28
CA GLY A 66 0.49 -2.53 -20.51
C GLY A 66 -0.74 -1.81 -21.02
N VAL A 67 -1.35 -1.00 -20.15
CA VAL A 67 -2.55 -0.25 -20.52
C VAL A 67 -2.50 1.17 -19.96
N ALA A 68 -2.68 2.14 -20.84
CA ALA A 68 -2.66 3.55 -20.44
C ALA A 68 -3.86 4.29 -21.00
N SER A 69 -4.89 4.46 -20.17
CA SER A 69 -6.10 5.16 -20.59
C SER A 69 -6.77 5.84 -19.41
N GLY A 70 -6.71 7.17 -19.39
CA GLY A 70 -7.32 7.91 -18.30
C GLY A 70 -6.80 9.34 -18.20
N PRO A 71 -7.07 10.14 -19.25
CA PRO A 71 -6.64 11.54 -19.30
C PRO A 71 -7.36 12.42 -18.30
N SER A 72 -8.68 12.23 -18.20
CA SER A 72 -9.49 13.01 -17.28
C SER A 72 -9.94 12.16 -16.09
N SER A 73 -9.63 12.62 -14.89
CA SER A 73 -9.99 11.90 -13.68
C SER A 73 -11.50 11.82 -13.53
N GLY A 74 -12.11 10.84 -14.18
CA GLY A 74 -13.55 10.67 -14.11
C GLY A 74 -13.96 9.23 -13.86
ZN ZN B . -6.56 7.29 1.40
ZN ZN C . -1.91 1.04 -6.84
N GLY A 1 19.53 -36.50 1.58
CA GLY A 1 19.06 -35.14 1.81
C GLY A 1 18.12 -35.04 2.99
N SER A 2 16.82 -34.93 2.72
CA SER A 2 15.82 -34.82 3.76
C SER A 2 16.14 -33.65 4.69
N SER A 3 16.49 -32.51 4.09
CA SER A 3 16.81 -31.31 4.86
C SER A 3 16.38 -30.06 4.12
N GLY A 4 15.94 -29.05 4.87
CA GLY A 4 15.50 -27.81 4.27
C GLY A 4 15.86 -26.60 5.11
N SER A 5 15.38 -25.43 4.70
CA SER A 5 15.65 -24.19 5.41
C SER A 5 14.74 -23.07 4.93
N SER A 6 14.49 -22.10 5.81
CA SER A 6 13.63 -20.97 5.48
C SER A 6 13.92 -19.78 6.37
N GLY A 7 13.36 -18.62 6.02
CA GLY A 7 13.58 -17.42 6.81
C GLY A 7 12.32 -16.94 7.49
N THR A 8 12.47 -16.39 8.69
CA THR A 8 11.33 -15.90 9.45
C THR A 8 11.10 -14.42 9.19
N ARG A 9 11.08 -14.04 7.91
CA ARG A 9 10.87 -12.65 7.51
C ARG A 9 10.02 -12.57 6.24
N GLY A 10 9.14 -11.57 6.19
CA GLY A 10 8.29 -11.40 5.04
C GLY A 10 8.90 -10.49 3.98
N GLY A 11 8.11 -9.56 3.48
CA GLY A 11 8.61 -8.64 2.47
C GLY A 11 7.87 -8.79 1.15
N ASP A 12 7.69 -10.03 0.71
CA ASP A 12 7.01 -10.30 -0.55
C ASP A 12 5.76 -9.45 -0.68
N SER A 13 4.99 -9.36 0.39
CA SER A 13 3.76 -8.57 0.40
C SER A 13 3.66 -7.72 1.66
N ALA A 14 3.96 -6.43 1.53
CA ALA A 14 3.91 -5.52 2.66
C ALA A 14 4.01 -4.07 2.20
N ALA A 15 3.60 -3.14 3.05
CA ALA A 15 3.64 -1.72 2.73
C ALA A 15 4.05 -0.89 3.94
N ALA A 16 5.20 -0.24 3.86
CA ALA A 16 5.70 0.59 4.95
C ALA A 16 6.90 1.41 4.51
N PRO A 17 7.04 2.62 5.08
CA PRO A 17 8.14 3.52 4.77
C PRO A 17 9.48 3.02 5.29
N LEU A 18 10.46 3.91 5.35
CA LEU A 18 11.79 3.56 5.84
C LEU A 18 11.69 2.68 7.08
N ASP A 19 12.80 2.02 7.41
CA ASP A 19 12.85 1.15 8.58
C ASP A 19 11.96 1.69 9.70
N PRO A 20 10.73 1.14 9.80
CA PRO A 20 9.77 1.56 10.81
C PRO A 20 10.17 1.12 12.21
N PRO A 21 9.47 1.63 13.23
CA PRO A 21 9.74 1.29 14.63
C PRO A 21 9.37 -0.14 14.97
N LYS A 22 9.76 -0.59 16.16
CA LYS A 22 9.46 -1.95 16.60
C LYS A 22 8.05 -2.37 16.19
N SER A 23 7.09 -1.46 16.37
CA SER A 23 5.71 -1.74 16.02
C SER A 23 5.43 -1.34 14.58
N THR A 24 4.51 -2.06 13.94
CA THR A 24 4.15 -1.78 12.55
C THR A 24 2.65 -1.50 12.43
N ALA A 25 2.33 -0.39 11.76
CA ALA A 25 0.93 0.00 11.57
C ALA A 25 0.52 -0.14 10.11
N THR A 26 -0.75 0.11 9.83
CA THR A 26 -1.27 0.01 8.47
C THR A 26 -2.13 1.22 8.12
N ARG A 27 -1.63 2.05 7.22
CA ARG A 27 -2.35 3.24 6.79
C ARG A 27 -2.34 3.38 5.28
N CYS A 28 -3.11 4.33 4.77
CA CYS A 28 -3.19 4.57 3.33
C CYS A 28 -1.82 4.97 2.77
N LEU A 29 -1.72 5.02 1.45
CA LEU A 29 -0.47 5.39 0.79
C LEU A 29 -0.50 6.84 0.32
N SER A 30 -1.70 7.40 0.28
CA SER A 30 -1.87 8.79 -0.15
C SER A 30 -2.32 9.67 1.01
N CYS A 31 -3.27 9.17 1.80
CA CYS A 31 -3.78 9.91 2.94
C CYS A 31 -3.24 9.34 4.25
N ASN A 32 -2.38 8.33 4.14
CA ASN A 32 -1.79 7.69 5.31
C ASN A 32 -2.82 7.56 6.43
N LYS A 33 -4.03 7.12 6.08
CA LYS A 33 -5.10 6.94 7.05
C LYS A 33 -5.15 5.50 7.56
N LYS A 34 -5.29 5.35 8.86
CA LYS A 34 -5.35 4.02 9.47
C LYS A 34 -6.40 3.16 8.79
N VAL A 35 -5.96 2.33 7.85
CA VAL A 35 -6.87 1.45 7.12
C VAL A 35 -6.89 0.06 7.74
N GLY A 36 -5.81 -0.30 8.42
CA GLY A 36 -5.73 -1.60 9.06
C GLY A 36 -6.39 -2.69 8.23
N VAL A 37 -7.28 -3.45 8.86
CA VAL A 37 -7.99 -4.52 8.18
C VAL A 37 -9.02 -3.98 7.20
N THR A 38 -9.51 -2.77 7.49
CA THR A 38 -10.51 -2.14 6.63
C THR A 38 -9.85 -1.43 5.45
N GLY A 39 -8.68 -1.91 5.05
CA GLY A 39 -7.96 -1.31 3.95
C GLY A 39 -8.19 -2.05 2.64
N PHE A 40 -7.77 -1.44 1.54
CA PHE A 40 -7.93 -2.05 0.22
C PHE A 40 -6.59 -2.13 -0.51
N LYS A 41 -6.02 -3.33 -0.57
CA LYS A 41 -4.75 -3.55 -1.24
C LYS A 41 -4.82 -3.14 -2.71
N CYS A 42 -3.67 -2.97 -3.32
CA CYS A 42 -3.60 -2.58 -4.73
C CYS A 42 -2.61 -3.46 -5.49
N ARG A 43 -2.69 -3.41 -6.82
CA ARG A 43 -1.80 -4.20 -7.66
C ARG A 43 -0.34 -3.95 -7.30
N CYS A 44 -0.05 -2.75 -6.83
CA CYS A 44 1.30 -2.38 -6.45
C CYS A 44 1.69 -3.03 -5.12
N GLY A 45 0.68 -3.43 -4.35
CA GLY A 45 0.93 -4.07 -3.07
C GLY A 45 0.60 -3.15 -1.90
N SER A 46 0.79 -1.85 -2.10
CA SER A 46 0.51 -0.88 -1.04
C SER A 46 -0.94 -0.99 -0.57
N THR A 47 -1.24 -0.35 0.56
CA THR A 47 -2.58 -0.38 1.12
C THR A 47 -3.22 1.00 1.10
N PHE A 48 -4.46 1.08 0.64
CA PHE A 48 -5.18 2.34 0.57
C PHE A 48 -6.52 2.25 1.29
N CYS A 49 -7.20 3.39 1.43
CA CYS A 49 -8.49 3.44 2.10
C CYS A 49 -9.63 3.41 1.09
N GLY A 50 -10.85 3.26 1.59
CA GLY A 50 -12.01 3.21 0.73
C GLY A 50 -12.07 4.40 -0.22
N THR A 51 -11.30 5.44 0.08
CA THR A 51 -11.27 6.64 -0.74
C THR A 51 -10.23 6.51 -1.85
N HIS A 52 -9.00 6.20 -1.47
CA HIS A 52 -7.91 6.05 -2.44
C HIS A 52 -7.65 4.58 -2.74
N ARG A 53 -8.71 3.78 -2.74
CA ARG A 53 -8.60 2.35 -3.01
C ARG A 53 -8.40 2.10 -4.50
N TYR A 54 -9.01 2.93 -5.33
CA TYR A 54 -8.91 2.79 -6.78
C TYR A 54 -7.57 3.32 -7.28
N PRO A 55 -7.10 2.76 -8.40
CA PRO A 55 -5.83 3.15 -9.00
C PRO A 55 -5.88 4.54 -9.61
N GLU A 56 -6.98 4.84 -10.31
CA GLU A 56 -7.15 6.14 -10.94
C GLU A 56 -7.05 7.26 -9.92
N SER A 57 -7.48 6.98 -8.70
CA SER A 57 -7.43 7.96 -7.62
C SER A 57 -6.02 8.13 -7.09
N HIS A 58 -5.25 7.04 -7.15
CA HIS A 58 -3.86 7.07 -6.67
C HIS A 58 -2.90 6.60 -7.76
N GLU A 59 -2.06 7.51 -8.21
CA GLU A 59 -1.09 7.19 -9.26
C GLU A 59 -0.39 5.87 -8.97
N CYS A 60 -0.92 4.79 -9.54
CA CYS A 60 -0.36 3.46 -9.34
C CYS A 60 1.05 3.39 -9.92
N GLN A 61 2.03 3.17 -9.05
CA GLN A 61 3.42 3.07 -9.47
C GLN A 61 3.66 1.80 -10.28
N PHE A 62 3.13 0.68 -9.79
CA PHE A 62 3.28 -0.60 -10.46
C PHE A 62 2.87 -0.49 -11.93
N ASP A 63 3.77 -0.91 -12.82
CA ASP A 63 3.50 -0.86 -14.25
C ASP A 63 2.25 -1.68 -14.60
N PHE A 64 1.25 -1.01 -15.15
CA PHE A 64 0.00 -1.67 -15.52
C PHE A 64 0.21 -2.54 -16.77
N LYS A 65 -0.87 -3.18 -17.22
CA LYS A 65 -0.82 -4.04 -18.39
C LYS A 65 -0.90 -3.22 -19.67
N GLY A 66 -0.10 -2.15 -19.74
CA GLY A 66 -0.10 -1.30 -20.91
C GLY A 66 -1.44 -0.60 -21.13
N VAL A 67 -2.04 -0.14 -20.04
CA VAL A 67 -3.34 0.54 -20.11
C VAL A 67 -3.19 2.02 -19.77
N ALA A 68 -3.92 2.86 -20.50
CA ALA A 68 -3.88 4.30 -20.28
C ALA A 68 -5.19 4.81 -19.69
N SER A 69 -5.30 4.76 -18.37
CA SER A 69 -6.51 5.22 -17.69
C SER A 69 -6.79 6.68 -17.99
N GLY A 70 -7.99 7.14 -17.64
CA GLY A 70 -8.36 8.51 -17.88
C GLY A 70 -8.50 9.32 -16.60
N PRO A 71 -7.48 10.15 -16.31
CA PRO A 71 -7.47 10.98 -15.11
C PRO A 71 -8.50 12.11 -15.16
N SER A 72 -9.26 12.14 -16.26
CA SER A 72 -10.29 13.16 -16.43
C SER A 72 -11.61 12.72 -15.81
N SER A 73 -12.42 13.70 -15.41
CA SER A 73 -13.71 13.43 -14.80
C SER A 73 -14.82 13.38 -15.85
N GLY A 74 -14.82 14.37 -16.74
CA GLY A 74 -15.83 14.43 -17.78
C GLY A 74 -15.50 13.52 -18.95
ZN ZN B . -6.61 7.15 1.40
ZN ZN C . -1.48 0.94 -7.01
N GLY A 1 18.33 1.35 41.18
CA GLY A 1 17.50 0.19 40.92
C GLY A 1 16.81 0.27 39.57
N SER A 2 16.22 -0.85 39.14
CA SER A 2 15.53 -0.91 37.86
C SER A 2 14.19 -1.63 38.00
N SER A 3 13.42 -1.65 36.92
CA SER A 3 12.11 -2.30 36.92
C SER A 3 11.80 -2.88 35.54
N GLY A 4 11.06 -3.99 35.53
CA GLY A 4 10.71 -4.63 34.28
C GLY A 4 9.40 -5.40 34.38
N SER A 5 8.50 -5.14 33.44
CA SER A 5 7.20 -5.81 33.42
C SER A 5 6.97 -6.51 32.09
N SER A 6 6.14 -7.55 32.11
CA SER A 6 5.84 -8.30 30.90
C SER A 6 4.42 -8.87 30.96
N GLY A 7 3.91 -9.28 29.80
CA GLY A 7 2.56 -9.83 29.74
C GLY A 7 1.66 -9.08 28.78
N THR A 8 1.88 -9.27 27.49
CA THR A 8 1.09 -8.60 26.47
C THR A 8 0.76 -9.54 25.31
N ARG A 9 -0.49 -9.52 24.88
CA ARG A 9 -0.94 -10.38 23.79
C ARG A 9 -1.57 -9.55 22.68
N GLY A 10 -1.07 -9.71 21.46
CA GLY A 10 -1.62 -8.96 20.34
C GLY A 10 -0.66 -8.94 19.15
N GLY A 11 -1.20 -9.19 17.96
CA GLY A 11 -0.37 -9.19 16.76
C GLY A 11 -0.79 -8.13 15.77
N ASP A 12 -0.50 -8.36 14.50
CA ASP A 12 -0.85 -7.41 13.44
C ASP A 12 -1.84 -8.04 12.46
N SER A 13 -1.40 -9.09 11.78
CA SER A 13 -2.25 -9.77 10.81
C SER A 13 -2.70 -8.82 9.71
N ALA A 14 -1.77 -7.99 9.24
CA ALA A 14 -2.06 -7.03 8.18
C ALA A 14 -0.79 -6.63 7.42
N ALA A 15 -0.97 -6.04 6.25
CA ALA A 15 0.15 -5.61 5.44
C ALA A 15 0.98 -4.54 6.14
N ALA A 16 2.07 -4.95 6.78
CA ALA A 16 2.93 -4.02 7.50
C ALA A 16 4.37 -4.54 7.53
N PRO A 17 5.25 -3.85 6.78
CA PRO A 17 6.67 -4.22 6.70
C PRO A 17 7.42 -3.94 8.00
N LEU A 18 8.71 -4.19 8.01
CA LEU A 18 9.54 -3.96 9.19
C LEU A 18 9.37 -2.54 9.71
N ASP A 19 8.68 -2.40 10.83
CA ASP A 19 8.45 -1.09 11.44
C ASP A 19 9.19 -0.96 12.74
N PRO A 20 9.52 0.29 13.13
CA PRO A 20 10.25 0.58 14.37
C PRO A 20 9.40 0.32 15.61
N PRO A 21 10.04 0.36 16.78
CA PRO A 21 9.36 0.13 18.06
C PRO A 21 8.41 1.27 18.43
N LYS A 22 8.21 2.18 17.50
CA LYS A 22 7.33 3.32 17.71
C LYS A 22 5.89 2.98 17.34
N SER A 23 4.94 3.73 17.90
CA SER A 23 3.52 3.50 17.62
C SER A 23 3.25 3.49 16.12
N THR A 24 3.23 2.30 15.53
CA THR A 24 2.98 2.15 14.10
C THR A 24 1.75 1.32 13.83
N ALA A 25 1.24 1.37 12.60
CA ALA A 25 0.06 0.60 12.23
C ALA A 25 -0.21 0.73 10.73
N THR A 26 -1.14 -0.07 10.23
CA THR A 26 -1.49 -0.05 8.82
C THR A 26 -2.28 1.21 8.46
N ARG A 27 -1.93 1.81 7.32
CA ARG A 27 -2.60 3.03 6.87
C ARG A 27 -2.47 3.18 5.37
N CYS A 28 -3.23 4.12 4.80
CA CYS A 28 -3.21 4.37 3.37
C CYS A 28 -1.79 4.68 2.89
N LEU A 29 -1.60 4.67 1.58
CA LEU A 29 -0.29 4.94 0.99
C LEU A 29 -0.26 6.33 0.36
N SER A 30 -1.43 6.96 0.24
CA SER A 30 -1.53 8.28 -0.34
C SER A 30 -1.84 9.32 0.72
N CYS A 31 -2.80 9.02 1.58
CA CYS A 31 -3.19 9.92 2.65
C CYS A 31 -2.68 9.44 4.00
N ASN A 32 -2.20 8.20 4.03
CA ASN A 32 -1.67 7.61 5.25
C ASN A 32 -2.72 7.60 6.35
N LYS A 33 -3.94 7.20 5.99
CA LYS A 33 -5.05 7.14 6.94
C LYS A 33 -5.22 5.72 7.48
N LYS A 34 -5.53 5.62 8.76
CA LYS A 34 -5.73 4.33 9.41
C LYS A 34 -6.71 3.48 8.61
N VAL A 35 -6.19 2.41 8.00
CA VAL A 35 -7.01 1.51 7.21
C VAL A 35 -7.03 0.10 7.82
N GLY A 36 -6.10 -0.14 8.73
CA GLY A 36 -6.01 -1.44 9.38
C GLY A 36 -6.44 -2.57 8.45
N VAL A 37 -7.67 -3.06 8.66
CA VAL A 37 -8.20 -4.14 7.84
C VAL A 37 -9.01 -3.60 6.66
N THR A 38 -9.87 -2.62 6.96
CA THR A 38 -10.71 -2.02 5.93
C THR A 38 -9.89 -1.65 4.70
N GLY A 39 -8.59 -1.48 4.89
CA GLY A 39 -7.72 -1.12 3.79
C GLY A 39 -8.02 -1.92 2.53
N PHE A 40 -7.62 -1.38 1.38
CA PHE A 40 -7.85 -2.05 0.10
C PHE A 40 -6.54 -2.25 -0.65
N LYS A 41 -6.09 -3.50 -0.72
CA LYS A 41 -4.84 -3.83 -1.41
C LYS A 41 -4.91 -3.39 -2.87
N CYS A 42 -3.75 -3.08 -3.45
CA CYS A 42 -3.67 -2.64 -4.83
C CYS A 42 -2.60 -3.43 -5.59
N ARG A 43 -2.65 -3.34 -6.92
CA ARG A 43 -1.69 -4.04 -7.76
C ARG A 43 -0.25 -3.74 -7.33
N CYS A 44 -0.06 -2.56 -6.73
CA CYS A 44 1.26 -2.14 -6.28
C CYS A 44 1.59 -2.77 -4.93
N GLY A 45 0.78 -3.73 -4.52
CA GLY A 45 1.01 -4.40 -3.25
C GLY A 45 0.97 -3.45 -2.07
N SER A 46 0.16 -2.40 -2.19
CA SER A 46 0.04 -1.42 -1.12
C SER A 46 -1.38 -1.39 -0.56
N THR A 47 -1.56 -0.74 0.58
CA THR A 47 -2.86 -0.65 1.22
C THR A 47 -3.38 0.79 1.21
N PHE A 48 -4.60 0.97 0.70
CA PHE A 48 -5.20 2.30 0.63
C PHE A 48 -6.55 2.32 1.35
N CYS A 49 -7.17 3.48 1.38
CA CYS A 49 -8.47 3.64 2.04
C CYS A 49 -9.60 3.65 1.03
N GLY A 50 -10.82 3.40 1.50
CA GLY A 50 -11.97 3.38 0.62
C GLY A 50 -12.00 4.57 -0.33
N THR A 51 -11.27 5.61 0.01
CA THR A 51 -11.21 6.81 -0.81
C THR A 51 -10.16 6.68 -1.90
N HIS A 52 -8.97 6.23 -1.52
CA HIS A 52 -7.87 6.06 -2.48
C HIS A 52 -7.64 4.58 -2.76
N ARG A 53 -8.70 3.78 -2.70
CA ARG A 53 -8.60 2.35 -2.96
C ARG A 53 -8.41 2.07 -4.44
N TYR A 54 -9.05 2.87 -5.28
CA TYR A 54 -8.95 2.70 -6.72
C TYR A 54 -7.57 3.14 -7.22
N PRO A 55 -7.08 2.48 -8.28
CA PRO A 55 -5.79 2.78 -8.88
C PRO A 55 -5.78 4.12 -9.61
N GLU A 56 -6.88 4.41 -10.30
CA GLU A 56 -7.01 5.66 -11.04
C GLU A 56 -7.08 6.85 -10.08
N SER A 57 -7.64 6.63 -8.90
CA SER A 57 -7.77 7.69 -7.91
C SER A 57 -6.42 7.99 -7.26
N HIS A 58 -5.59 6.96 -7.12
CA HIS A 58 -4.27 7.12 -6.51
C HIS A 58 -3.18 6.71 -7.49
N GLU A 59 -2.28 7.64 -7.80
CA GLU A 59 -1.19 7.37 -8.72
C GLU A 59 -0.56 6.01 -8.43
N CYS A 60 -0.98 5.00 -9.19
CA CYS A 60 -0.46 3.65 -9.02
C CYS A 60 0.92 3.52 -9.64
N GLN A 61 1.95 3.67 -8.81
CA GLN A 61 3.34 3.57 -9.29
C GLN A 61 3.52 2.32 -10.15
N PHE A 62 2.92 1.22 -9.73
CA PHE A 62 3.02 -0.04 -10.47
C PHE A 62 2.70 0.17 -11.94
N ASP A 63 3.42 -0.53 -12.80
CA ASP A 63 3.20 -0.43 -14.25
C ASP A 63 1.87 -1.05 -14.64
N PHE A 64 1.15 -0.36 -15.52
CA PHE A 64 -0.15 -0.84 -15.98
C PHE A 64 -0.06 -1.40 -17.41
N LYS A 65 0.33 -0.53 -18.34
CA LYS A 65 0.47 -0.94 -19.74
C LYS A 65 1.93 -0.84 -20.19
N GLY A 66 2.84 -1.26 -19.31
CA GLY A 66 4.25 -1.22 -19.65
C GLY A 66 4.78 0.20 -19.74
N VAL A 67 4.48 1.01 -18.73
CA VAL A 67 4.93 2.40 -18.70
C VAL A 67 5.98 2.60 -17.63
N ALA A 68 7.04 3.32 -17.97
CA ALA A 68 8.12 3.60 -17.04
C ALA A 68 8.80 4.93 -17.35
N SER A 69 8.84 5.82 -16.37
CA SER A 69 9.46 7.13 -16.55
C SER A 69 10.92 7.11 -16.10
N GLY A 70 11.82 7.50 -17.00
CA GLY A 70 13.23 7.52 -16.67
C GLY A 70 13.88 6.15 -16.82
N PRO A 71 14.38 5.86 -18.02
CA PRO A 71 15.03 4.57 -18.31
C PRO A 71 16.38 4.44 -17.60
N SER A 72 17.02 3.29 -17.79
CA SER A 72 18.32 3.03 -17.18
C SER A 72 19.31 4.15 -17.50
N SER A 73 20.24 4.39 -16.57
CA SER A 73 21.24 5.43 -16.76
C SER A 73 22.56 4.84 -17.25
N GLY A 74 23.08 5.40 -18.34
CA GLY A 74 24.33 4.92 -18.89
C GLY A 74 24.17 4.41 -20.32
ZN ZN B . -6.32 7.25 1.35
ZN ZN C . -1.68 1.06 -6.61
N GLY A 1 24.09 11.46 21.13
CA GLY A 1 24.24 10.03 20.89
C GLY A 1 23.92 9.19 22.10
N SER A 2 23.00 8.24 21.93
CA SER A 2 22.60 7.37 23.03
C SER A 2 21.94 6.10 22.50
N SER A 3 22.06 5.02 23.26
CA SER A 3 21.48 3.74 22.86
C SER A 3 20.57 3.19 23.97
N GLY A 4 19.81 2.16 23.63
CA GLY A 4 18.91 1.55 24.60
C GLY A 4 18.50 0.15 24.21
N SER A 5 17.19 -0.08 24.12
CA SER A 5 16.66 -1.39 23.76
C SER A 5 15.65 -1.28 22.61
N SER A 6 15.82 -2.13 21.61
CA SER A 6 14.93 -2.12 20.45
C SER A 6 15.06 -3.41 19.66
N GLY A 7 14.03 -3.73 18.87
CA GLY A 7 14.05 -4.94 18.08
C GLY A 7 12.69 -5.27 17.49
N THR A 8 12.67 -5.55 16.19
CA THR A 8 11.42 -5.88 15.50
C THR A 8 11.70 -6.69 14.24
N ARG A 9 10.87 -7.71 14.02
CA ARG A 9 11.02 -8.56 12.84
C ARG A 9 10.38 -7.92 11.61
N GLY A 10 10.94 -8.21 10.45
CA GLY A 10 10.41 -7.64 9.22
C GLY A 10 8.99 -8.06 8.95
N GLY A 11 8.09 -7.08 8.84
CA GLY A 11 6.69 -7.38 8.58
C GLY A 11 6.44 -7.84 7.16
N ASP A 12 5.85 -9.03 7.02
CA ASP A 12 5.56 -9.59 5.71
C ASP A 12 4.83 -8.57 4.84
N SER A 13 3.73 -8.03 5.36
CA SER A 13 2.94 -7.04 4.63
C SER A 13 2.80 -5.75 5.43
N ALA A 14 3.78 -4.86 5.27
CA ALA A 14 3.77 -3.58 5.98
C ALA A 14 3.82 -2.41 5.00
N ALA A 15 2.86 -1.51 5.10
CA ALA A 15 2.80 -0.34 4.23
C ALA A 15 3.43 0.87 4.90
N ALA A 16 4.70 1.12 4.59
CA ALA A 16 5.41 2.25 5.16
C ALA A 16 6.80 2.40 4.53
N PRO A 17 7.33 3.64 4.54
CA PRO A 17 8.65 3.93 3.98
C PRO A 17 9.78 3.33 4.80
N LEU A 18 11.01 3.54 4.35
CA LEU A 18 12.18 3.02 5.04
C LEU A 18 11.97 3.02 6.56
N ASP A 19 11.57 4.17 7.09
CA ASP A 19 11.33 4.31 8.52
C ASP A 19 10.11 5.19 8.78
N PRO A 20 9.09 4.61 9.42
CA PRO A 20 7.85 5.33 9.74
C PRO A 20 8.06 6.39 10.82
N PRO A 21 7.45 7.57 10.63
CA PRO A 21 7.55 8.69 11.58
C PRO A 21 6.80 8.40 12.88
N LYS A 22 5.81 7.53 12.81
CA LYS A 22 5.03 7.17 13.98
C LYS A 22 5.01 5.65 14.19
N SER A 23 4.61 5.23 15.39
CA SER A 23 4.56 3.82 15.72
C SER A 23 4.14 2.99 14.50
N THR A 24 4.80 1.85 14.32
CA THR A 24 4.50 0.97 13.19
C THR A 24 3.02 0.62 13.15
N ALA A 25 2.36 0.98 12.05
CA ALA A 25 0.94 0.69 11.89
C ALA A 25 0.56 0.66 10.41
N THR A 26 -0.69 0.30 10.14
CA THR A 26 -1.19 0.22 8.78
C THR A 26 -2.06 1.42 8.43
N ARG A 27 -1.71 2.12 7.35
CA ARG A 27 -2.45 3.28 6.92
C ARG A 27 -2.37 3.45 5.40
N CYS A 28 -3.27 4.25 4.85
CA CYS A 28 -3.31 4.50 3.42
C CYS A 28 -1.93 4.91 2.90
N LEU A 29 -1.78 4.93 1.58
CA LEU A 29 -0.51 5.30 0.97
C LEU A 29 -0.58 6.70 0.37
N SER A 30 -1.80 7.24 0.28
CA SER A 30 -2.00 8.57 -0.28
C SER A 30 -2.36 9.56 0.82
N CYS A 31 -3.29 9.17 1.68
CA CYS A 31 -3.73 10.02 2.78
C CYS A 31 -3.13 9.55 4.10
N ASN A 32 -2.55 8.35 4.09
CA ASN A 32 -1.95 7.79 5.29
C ASN A 32 -2.97 7.68 6.43
N LYS A 33 -4.14 7.16 6.11
CA LYS A 33 -5.21 7.00 7.09
C LYS A 33 -5.27 5.56 7.60
N LYS A 34 -5.53 5.41 8.90
CA LYS A 34 -5.61 4.08 9.51
C LYS A 34 -6.57 3.19 8.73
N VAL A 35 -6.02 2.29 7.92
CA VAL A 35 -6.82 1.38 7.13
C VAL A 35 -6.79 -0.03 7.71
N GLY A 36 -5.75 -0.31 8.49
CA GLY A 36 -5.63 -1.63 9.10
C GLY A 36 -5.99 -2.75 8.15
N VAL A 37 -6.92 -3.60 8.56
CA VAL A 37 -7.36 -4.72 7.74
C VAL A 37 -8.35 -4.26 6.67
N THR A 38 -9.31 -3.44 7.07
CA THR A 38 -10.32 -2.94 6.16
C THR A 38 -9.68 -2.37 4.90
N GLY A 39 -8.48 -1.81 5.05
CA GLY A 39 -7.78 -1.24 3.91
C GLY A 39 -7.95 -2.06 2.66
N PHE A 40 -7.78 -1.41 1.51
CA PHE A 40 -7.92 -2.09 0.22
C PHE A 40 -6.57 -2.25 -0.47
N LYS A 41 -6.20 -3.49 -0.77
CA LYS A 41 -4.94 -3.76 -1.43
C LYS A 41 -4.97 -3.35 -2.89
N CYS A 42 -3.82 -2.97 -3.43
CA CYS A 42 -3.73 -2.55 -4.82
C CYS A 42 -2.73 -3.41 -5.59
N ARG A 43 -2.79 -3.33 -6.92
CA ARG A 43 -1.90 -4.11 -7.76
C ARG A 43 -0.44 -3.89 -7.37
N CYS A 44 -0.15 -2.70 -6.83
CA CYS A 44 1.20 -2.36 -6.41
C CYS A 44 1.56 -3.07 -5.11
N GLY A 45 0.53 -3.48 -4.37
CA GLY A 45 0.76 -4.16 -3.11
C GLY A 45 0.46 -3.27 -1.91
N SER A 46 0.70 -1.97 -2.07
CA SER A 46 0.46 -1.02 -0.99
C SER A 46 -1.00 -1.06 -0.54
N THR A 47 -1.27 -0.46 0.61
CA THR A 47 -2.63 -0.42 1.16
C THR A 47 -3.21 0.98 1.09
N PHE A 48 -4.50 1.06 0.75
CA PHE A 48 -5.19 2.34 0.64
C PHE A 48 -6.53 2.30 1.36
N CYS A 49 -7.22 3.43 1.38
CA CYS A 49 -8.53 3.52 2.03
C CYS A 49 -9.65 3.50 1.00
N GLY A 50 -10.88 3.32 1.48
CA GLY A 50 -12.02 3.29 0.58
C GLY A 50 -12.06 4.47 -0.36
N THR A 51 -11.34 5.52 -0.01
CA THR A 51 -11.30 6.73 -0.84
C THR A 51 -10.23 6.62 -1.92
N HIS A 52 -9.03 6.21 -1.52
CA HIS A 52 -7.92 6.06 -2.46
C HIS A 52 -7.64 4.59 -2.72
N ARG A 53 -8.69 3.78 -2.74
CA ARG A 53 -8.55 2.34 -2.99
C ARG A 53 -8.30 2.08 -4.47
N TYR A 54 -8.98 2.83 -5.33
CA TYR A 54 -8.83 2.66 -6.78
C TYR A 54 -7.49 3.20 -7.25
N PRO A 55 -6.99 2.64 -8.36
CA PRO A 55 -5.72 3.04 -8.95
C PRO A 55 -5.77 4.44 -9.55
N GLU A 56 -6.91 4.77 -10.15
CA GLU A 56 -7.08 6.09 -10.77
C GLU A 56 -6.99 7.20 -9.73
N SER A 57 -7.50 6.92 -8.53
CA SER A 57 -7.47 7.91 -7.45
C SER A 57 -6.05 8.10 -6.93
N HIS A 58 -5.26 7.04 -7.00
CA HIS A 58 -3.87 7.10 -6.53
C HIS A 58 -2.92 6.66 -7.63
N GLU A 59 -2.09 7.58 -8.09
CA GLU A 59 -1.12 7.30 -9.15
C GLU A 59 -0.39 5.98 -8.86
N CYS A 60 -0.92 4.89 -9.40
CA CYS A 60 -0.32 3.57 -9.20
C CYS A 60 1.08 3.52 -9.82
N GLN A 61 2.05 3.07 -9.03
CA GLN A 61 3.42 2.97 -9.50
C GLN A 61 3.63 1.70 -10.32
N PHE A 62 3.06 0.60 -9.85
CA PHE A 62 3.18 -0.68 -10.54
C PHE A 62 2.84 -0.53 -12.02
N ASP A 63 3.58 -1.25 -12.87
CA ASP A 63 3.35 -1.21 -14.31
C ASP A 63 2.12 -2.02 -14.69
N PHE A 64 1.07 -1.32 -15.12
CA PHE A 64 -0.17 -1.98 -15.52
C PHE A 64 0.06 -2.89 -16.73
N LYS A 65 -1.01 -3.52 -17.21
CA LYS A 65 -0.92 -4.42 -18.34
C LYS A 65 -1.27 -3.69 -19.64
N GLY A 66 -1.18 -4.41 -20.76
CA GLY A 66 -1.50 -3.80 -22.05
C GLY A 66 -2.94 -3.36 -22.15
N VAL A 67 -3.83 -4.10 -21.49
CA VAL A 67 -5.25 -3.79 -21.51
C VAL A 67 -5.48 -2.28 -21.45
N ALA A 68 -5.79 -1.69 -22.60
CA ALA A 68 -6.04 -0.26 -22.68
C ALA A 68 -7.36 0.04 -23.37
N SER A 69 -8.46 -0.23 -22.68
CA SER A 69 -9.79 0.01 -23.24
C SER A 69 -9.80 -0.26 -24.74
N GLY A 70 -9.13 -1.33 -25.15
CA GLY A 70 -9.07 -1.68 -26.56
C GLY A 70 -10.30 -2.43 -27.03
N PRO A 71 -11.00 -1.87 -28.03
CA PRO A 71 -12.21 -2.48 -28.57
C PRO A 71 -11.93 -3.75 -29.36
N SER A 72 -10.80 -3.76 -30.07
CA SER A 72 -10.41 -4.92 -30.86
C SER A 72 -8.91 -4.88 -31.18
N SER A 73 -8.34 -6.06 -31.40
CA SER A 73 -6.92 -6.16 -31.70
C SER A 73 -6.71 -6.69 -33.13
N GLY A 74 -6.35 -5.79 -34.03
CA GLY A 74 -6.13 -6.18 -35.42
C GLY A 74 -7.42 -6.32 -36.20
ZN ZN B . -6.55 7.26 1.41
ZN ZN C . -1.43 0.99 -6.86
N GLY A 1 33.62 4.82 7.72
CA GLY A 1 32.28 4.99 8.25
C GLY A 1 31.59 3.68 8.53
N SER A 2 30.38 3.75 9.06
CA SER A 2 29.60 2.55 9.38
C SER A 2 28.10 2.82 9.29
N SER A 3 27.47 2.23 8.28
CA SER A 3 26.03 2.41 8.08
C SER A 3 25.45 1.24 7.31
N GLY A 4 24.13 1.26 7.12
CA GLY A 4 23.46 0.19 6.41
C GLY A 4 22.32 -0.41 7.20
N SER A 5 21.70 -1.45 6.64
CA SER A 5 20.58 -2.11 7.30
C SER A 5 20.85 -3.60 7.48
N SER A 6 21.32 -3.96 8.67
CA SER A 6 21.63 -5.35 8.98
C SER A 6 20.61 -5.93 9.96
N GLY A 7 20.46 -7.26 9.92
CA GLY A 7 19.52 -7.91 10.81
C GLY A 7 18.41 -8.61 10.06
N THR A 8 18.08 -9.83 10.49
CA THR A 8 17.02 -10.60 9.84
C THR A 8 15.71 -10.47 10.60
N ARG A 9 14.86 -9.56 10.14
CA ARG A 9 13.56 -9.32 10.76
C ARG A 9 12.44 -9.43 9.74
N GLY A 10 12.64 -8.82 8.57
CA GLY A 10 11.64 -8.85 7.53
C GLY A 10 11.86 -7.77 6.48
N GLY A 11 10.81 -6.99 6.23
CA GLY A 11 10.91 -5.93 5.25
C GLY A 11 9.56 -5.37 4.85
N ASP A 12 8.60 -6.26 4.60
CA ASP A 12 7.26 -5.86 4.21
C ASP A 12 6.80 -4.65 5.01
N SER A 13 6.65 -3.51 4.34
CA SER A 13 6.23 -2.28 4.98
C SER A 13 4.74 -2.03 4.75
N ALA A 14 4.17 -1.11 5.52
CA ALA A 14 2.76 -0.77 5.39
C ALA A 14 2.58 0.64 4.83
N ALA A 15 2.70 0.76 3.52
CA ALA A 15 2.55 2.06 2.87
C ALA A 15 3.28 3.15 3.62
N ALA A 16 4.47 2.82 4.12
CA ALA A 16 5.27 3.78 4.87
C ALA A 16 6.17 4.59 3.95
N PRO A 17 6.62 5.76 4.42
CA PRO A 17 7.48 6.65 3.65
C PRO A 17 8.89 6.08 3.46
N LEU A 18 9.78 6.89 2.91
CA LEU A 18 11.16 6.47 2.68
C LEU A 18 11.81 5.98 3.97
N ASP A 19 11.79 6.83 4.99
CA ASP A 19 12.37 6.48 6.28
C ASP A 19 11.52 5.44 7.00
N PRO A 20 12.18 4.61 7.82
CA PRO A 20 11.51 3.54 8.58
C PRO A 20 10.62 4.10 9.69
N PRO A 21 9.33 3.71 9.67
CA PRO A 21 8.36 4.15 10.66
C PRO A 21 8.62 3.56 12.04
N LYS A 22 8.33 4.34 13.08
CA LYS A 22 8.54 3.88 14.45
C LYS A 22 7.71 2.63 14.75
N SER A 23 6.48 2.63 14.24
CA SER A 23 5.58 1.50 14.44
C SER A 23 5.16 0.88 13.12
N THR A 24 4.94 -0.44 13.13
CA THR A 24 4.53 -1.14 11.93
C THR A 24 3.02 -1.10 11.73
N ALA A 25 2.44 0.08 11.93
CA ALA A 25 1.00 0.26 11.77
C ALA A 25 0.60 0.22 10.30
N THR A 26 -0.69 0.05 10.05
CA THR A 26 -1.21 0.00 8.69
C THR A 26 -2.03 1.24 8.37
N ARG A 27 -1.67 1.90 7.27
CA ARG A 27 -2.36 3.11 6.84
C ARG A 27 -2.34 3.25 5.32
N CYS A 28 -3.14 4.17 4.80
CA CYS A 28 -3.20 4.41 3.37
C CYS A 28 -1.83 4.78 2.81
N LEU A 29 -1.71 4.77 1.49
CA LEU A 29 -0.45 5.10 0.83
C LEU A 29 -0.50 6.52 0.25
N SER A 30 -1.69 7.10 0.22
CA SER A 30 -1.87 8.43 -0.32
C SER A 30 -2.28 9.41 0.79
N CYS A 31 -3.20 8.97 1.63
CA CYS A 31 -3.67 9.80 2.73
C CYS A 31 -3.08 9.34 4.07
N ASN A 32 -2.34 8.23 4.02
CA ASN A 32 -1.72 7.69 5.22
C ASN A 32 -2.73 7.57 6.36
N LYS A 33 -3.94 7.15 6.03
CA LYS A 33 -5.00 7.00 7.02
C LYS A 33 -5.05 5.57 7.54
N LYS A 34 -5.28 5.42 8.85
CA LYS A 34 -5.35 4.10 9.46
C LYS A 34 -6.40 3.24 8.78
N VAL A 35 -5.95 2.27 8.00
CA VAL A 35 -6.85 1.37 7.29
C VAL A 35 -6.88 -0.02 7.93
N GLY A 36 -5.79 -0.35 8.64
CA GLY A 36 -5.71 -1.64 9.29
C GLY A 36 -6.28 -2.77 8.44
N VAL A 37 -7.34 -3.40 8.94
CA VAL A 37 -7.98 -4.49 8.21
C VAL A 37 -9.03 -3.97 7.24
N THR A 38 -9.54 -2.78 7.51
CA THR A 38 -10.54 -2.16 6.65
C THR A 38 -9.90 -1.44 5.48
N GLY A 39 -8.75 -1.94 5.03
CA GLY A 39 -8.06 -1.34 3.91
C GLY A 39 -8.31 -2.05 2.60
N PHE A 40 -7.65 -1.59 1.55
CA PHE A 40 -7.81 -2.20 0.23
C PHE A 40 -6.47 -2.31 -0.49
N LYS A 41 -6.00 -3.54 -0.68
CA LYS A 41 -4.73 -3.79 -1.35
C LYS A 41 -4.79 -3.36 -2.81
N CYS A 42 -3.63 -3.10 -3.39
CA CYS A 42 -3.54 -2.68 -4.79
C CYS A 42 -2.43 -3.43 -5.51
N ARG A 43 -2.45 -3.36 -6.85
CA ARG A 43 -1.45 -4.02 -7.66
C ARG A 43 -0.04 -3.65 -7.20
N CYS A 44 0.09 -2.47 -6.59
CA CYS A 44 1.38 -2.00 -6.11
C CYS A 44 1.70 -2.62 -4.74
N GLY A 45 0.97 -3.66 -4.39
CA GLY A 45 1.20 -4.32 -3.12
C GLY A 45 1.10 -3.37 -1.94
N SER A 46 0.31 -2.31 -2.11
CA SER A 46 0.15 -1.32 -1.05
C SER A 46 -1.28 -1.36 -0.49
N THR A 47 -1.48 -0.69 0.64
CA THR A 47 -2.78 -0.65 1.29
C THR A 47 -3.35 0.76 1.31
N PHE A 48 -4.54 0.93 0.74
CA PHE A 48 -5.19 2.23 0.69
C PHE A 48 -6.53 2.20 1.41
N CYS A 49 -7.18 3.35 1.49
CA CYS A 49 -8.47 3.46 2.16
C CYS A 49 -9.61 3.29 1.16
N GLY A 50 -10.84 3.44 1.65
CA GLY A 50 -12.00 3.30 0.79
C GLY A 50 -12.27 4.54 -0.04
N THR A 51 -11.25 5.38 -0.19
CA THR A 51 -11.38 6.62 -0.96
C THR A 51 -10.31 6.71 -2.04
N HIS A 52 -9.20 6.01 -1.82
CA HIS A 52 -8.10 6.01 -2.78
C HIS A 52 -7.85 4.60 -3.32
N ARG A 53 -8.54 3.62 -2.74
CA ARG A 53 -8.39 2.24 -3.16
C ARG A 53 -8.26 2.14 -4.69
N TYR A 54 -8.99 2.99 -5.39
CA TYR A 54 -8.96 3.00 -6.86
C TYR A 54 -7.64 3.57 -7.36
N PRO A 55 -7.15 3.02 -8.48
CA PRO A 55 -5.89 3.46 -9.09
C PRO A 55 -6.01 4.84 -9.72
N GLU A 56 -7.12 5.09 -10.41
CA GLU A 56 -7.36 6.37 -11.05
C GLU A 56 -7.22 7.51 -10.06
N SER A 57 -7.52 7.24 -8.80
CA SER A 57 -7.44 8.24 -7.75
C SER A 57 -6.01 8.34 -7.21
N HIS A 58 -5.27 7.24 -7.30
CA HIS A 58 -3.89 7.20 -6.81
C HIS A 58 -2.96 6.66 -7.89
N GLU A 59 -2.03 7.50 -8.33
CA GLU A 59 -1.08 7.12 -9.36
C GLU A 59 -0.39 5.80 -9.00
N CYS A 60 -0.97 4.69 -9.45
CA CYS A 60 -0.42 3.37 -9.18
C CYS A 60 1.00 3.24 -9.73
N GLN A 61 1.98 3.19 -8.84
CA GLN A 61 3.37 3.06 -9.25
C GLN A 61 3.60 1.77 -10.03
N PHE A 62 2.93 0.71 -9.61
CA PHE A 62 3.06 -0.59 -10.27
C PHE A 62 2.51 -0.53 -11.70
N ASP A 63 3.36 -0.83 -12.67
CA ASP A 63 2.96 -0.81 -14.07
C ASP A 63 1.69 -1.63 -14.29
N PHE A 64 0.77 -1.09 -15.09
CA PHE A 64 -0.49 -1.76 -15.36
C PHE A 64 -0.38 -2.61 -16.64
N LYS A 65 -1.47 -3.29 -16.97
CA LYS A 65 -1.50 -4.15 -18.16
C LYS A 65 -2.46 -3.59 -19.19
N GLY A 66 -3.65 -3.19 -18.74
CA GLY A 66 -4.65 -2.65 -19.65
C GLY A 66 -6.04 -3.17 -19.36
N VAL A 67 -6.60 -2.75 -18.23
CA VAL A 67 -7.93 -3.18 -17.84
C VAL A 67 -8.91 -2.01 -17.82
N ALA A 68 -8.38 -0.81 -17.61
CA ALA A 68 -9.21 0.39 -17.58
C ALA A 68 -8.70 1.43 -18.59
N SER A 69 -8.31 0.96 -19.77
CA SER A 69 -7.80 1.84 -20.80
C SER A 69 -8.95 2.55 -21.52
N GLY A 70 -9.28 3.75 -21.05
CA GLY A 70 -10.36 4.51 -21.65
C GLY A 70 -10.10 6.01 -21.61
N PRO A 71 -11.18 6.79 -21.71
CA PRO A 71 -11.10 8.25 -21.69
C PRO A 71 -10.71 8.79 -20.32
N SER A 72 -9.60 9.53 -20.27
CA SER A 72 -9.13 10.10 -19.01
C SER A 72 -10.24 10.85 -18.29
N SER A 73 -10.05 11.08 -16.99
CA SER A 73 -11.04 11.77 -16.18
C SER A 73 -10.93 13.28 -16.37
N GLY A 74 -11.96 14.00 -15.90
CA GLY A 74 -11.96 15.44 -16.04
C GLY A 74 -10.85 16.10 -15.24
ZN ZN B . -6.52 7.11 1.42
ZN ZN C . -1.62 0.91 -6.84
N GLY A 1 14.79 -14.88 43.68
CA GLY A 1 13.68 -14.51 42.82
C GLY A 1 13.19 -15.68 41.98
N SER A 2 12.16 -15.43 41.16
CA SER A 2 11.61 -16.46 40.30
C SER A 2 10.65 -15.85 39.28
N SER A 3 10.88 -16.15 38.01
CA SER A 3 10.04 -15.64 36.93
C SER A 3 10.43 -16.25 35.59
N GLY A 4 9.57 -16.08 34.59
CA GLY A 4 9.85 -16.62 33.28
C GLY A 4 9.16 -15.84 32.18
N SER A 5 9.22 -16.36 30.95
CA SER A 5 8.61 -15.70 29.80
C SER A 5 8.10 -16.72 28.80
N SER A 6 6.79 -16.73 28.58
CA SER A 6 6.18 -17.66 27.64
C SER A 6 6.41 -17.20 26.20
N GLY A 7 6.04 -15.97 25.91
CA GLY A 7 6.21 -15.43 24.57
C GLY A 7 4.90 -15.29 23.83
N THR A 8 4.74 -14.18 23.11
CA THR A 8 3.52 -13.93 22.36
C THR A 8 3.85 -13.51 20.92
N ARG A 9 3.41 -14.34 19.96
CA ARG A 9 3.66 -14.06 18.56
C ARG A 9 2.49 -13.29 17.95
N GLY A 10 2.74 -12.66 16.80
CA GLY A 10 1.69 -11.90 16.14
C GLY A 10 1.95 -11.74 14.65
N GLY A 11 1.18 -12.46 13.84
CA GLY A 11 1.35 -12.39 12.40
C GLY A 11 0.67 -11.17 11.80
N ASP A 12 1.47 -10.31 11.19
CA ASP A 12 0.95 -9.09 10.57
C ASP A 12 1.67 -8.79 9.26
N SER A 13 0.94 -8.96 8.15
CA SER A 13 1.51 -8.72 6.83
C SER A 13 2.13 -7.33 6.75
N ALA A 14 3.13 -7.18 5.89
CA ALA A 14 3.80 -5.89 5.72
C ALA A 14 3.76 -5.44 4.25
N ALA A 15 3.24 -4.24 4.03
CA ALA A 15 3.15 -3.70 2.68
C ALA A 15 4.11 -2.54 2.49
N ALA A 16 5.34 -2.70 2.96
CA ALA A 16 6.36 -1.67 2.85
C ALA A 16 7.76 -2.27 2.96
N PRO A 17 8.76 -1.57 2.40
CA PRO A 17 10.15 -2.00 2.43
C PRO A 17 10.76 -1.91 3.82
N LEU A 18 12.07 -2.15 3.91
CA LEU A 18 12.76 -2.10 5.19
C LEU A 18 12.24 -0.95 6.05
N ASP A 19 11.43 -1.27 7.03
CA ASP A 19 10.86 -0.27 7.93
C ASP A 19 11.46 -0.39 9.33
N PRO A 20 11.49 0.74 10.06
CA PRO A 20 12.03 0.77 11.42
C PRO A 20 11.16 0.03 12.42
N PRO A 21 11.68 -0.16 13.65
CA PRO A 21 10.96 -0.86 14.72
C PRO A 21 9.78 -0.05 15.23
N LYS A 22 9.41 0.99 14.50
CA LYS A 22 8.29 1.84 14.89
C LYS A 22 6.96 1.16 14.61
N SER A 23 5.94 1.49 15.40
CA SER A 23 4.62 0.91 15.23
C SER A 23 4.32 0.65 13.75
N THR A 24 4.57 1.67 12.92
CA THR A 24 4.32 1.56 11.49
C THR A 24 3.02 0.81 11.22
N ALA A 25 1.95 1.22 11.88
CA ALA A 25 0.66 0.58 11.71
C ALA A 25 0.22 0.62 10.24
N THR A 26 -0.88 -0.06 9.94
CA THR A 26 -1.40 -0.10 8.58
C THR A 26 -2.19 1.16 8.26
N ARG A 27 -1.74 1.90 7.25
CA ARG A 27 -2.41 3.13 6.84
C ARG A 27 -2.36 3.30 5.33
N CYS A 28 -3.15 4.23 4.81
CA CYS A 28 -3.19 4.50 3.37
C CYS A 28 -1.81 4.89 2.85
N LEU A 29 -1.67 4.90 1.53
CA LEU A 29 -0.40 5.26 0.90
C LEU A 29 -0.42 6.70 0.39
N SER A 30 -1.61 7.30 0.39
CA SER A 30 -1.78 8.66 -0.08
C SER A 30 -2.21 9.58 1.06
N CYS A 31 -3.17 9.11 1.85
CA CYS A 31 -3.69 9.89 2.97
C CYS A 31 -3.14 9.35 4.29
N ASN A 32 -2.34 8.29 4.22
CA ASN A 32 -1.76 7.69 5.41
C ASN A 32 -2.80 7.53 6.51
N LYS A 33 -4.03 7.19 6.11
CA LYS A 33 -5.11 7.01 7.07
C LYS A 33 -5.15 5.58 7.58
N LYS A 34 -5.43 5.41 8.87
CA LYS A 34 -5.50 4.10 9.48
C LYS A 34 -6.53 3.23 8.78
N VAL A 35 -6.06 2.36 7.88
CA VAL A 35 -6.95 1.47 7.14
C VAL A 35 -7.05 0.11 7.82
N GLY A 36 -5.97 -0.29 8.49
CA GLY A 36 -5.95 -1.57 9.18
C GLY A 36 -6.55 -2.68 8.33
N VAL A 37 -7.44 -3.45 8.93
CA VAL A 37 -8.09 -4.55 8.22
C VAL A 37 -9.12 -4.04 7.23
N THR A 38 -9.67 -2.87 7.51
CA THR A 38 -10.67 -2.26 6.63
C THR A 38 -10.02 -1.52 5.47
N GLY A 39 -8.81 -1.95 5.11
CA GLY A 39 -8.10 -1.32 4.01
C GLY A 39 -8.36 -2.00 2.68
N PHE A 40 -7.65 -1.56 1.65
CA PHE A 40 -7.80 -2.13 0.32
C PHE A 40 -6.47 -2.18 -0.41
N LYS A 41 -5.94 -3.39 -0.58
CA LYS A 41 -4.67 -3.58 -1.26
C LYS A 41 -4.75 -3.15 -2.72
N CYS A 42 -3.60 -2.98 -3.36
CA CYS A 42 -3.56 -2.57 -4.75
C CYS A 42 -2.54 -3.40 -5.53
N ARG A 43 -2.63 -3.34 -6.85
CA ARG A 43 -1.73 -4.11 -7.71
C ARG A 43 -0.27 -3.85 -7.33
N CYS A 44 0.01 -2.64 -6.87
CA CYS A 44 1.36 -2.26 -6.48
C CYS A 44 1.75 -2.96 -5.17
N GLY A 45 0.75 -3.38 -4.40
CA GLY A 45 1.02 -4.05 -3.14
C GLY A 45 0.70 -3.19 -1.94
N SER A 46 0.85 -1.88 -2.11
CA SER A 46 0.58 -0.94 -1.02
C SER A 46 -0.88 -1.00 -0.60
N THR A 47 -1.18 -0.43 0.57
CA THR A 47 -2.54 -0.43 1.09
C THR A 47 -3.14 0.97 1.03
N PHE A 48 -4.43 1.04 0.68
CA PHE A 48 -5.12 2.31 0.58
C PHE A 48 -6.48 2.26 1.28
N CYS A 49 -7.15 3.40 1.36
CA CYS A 49 -8.45 3.47 2.01
C CYS A 49 -9.57 3.47 0.98
N GLY A 50 -10.80 3.26 1.45
CA GLY A 50 -11.94 3.23 0.55
C GLY A 50 -11.97 4.41 -0.39
N THR A 51 -11.31 5.51 0.01
CA THR A 51 -11.27 6.71 -0.81
C THR A 51 -10.20 6.60 -1.89
N HIS A 52 -9.00 6.18 -1.50
CA HIS A 52 -7.90 6.03 -2.44
C HIS A 52 -7.63 4.56 -2.72
N ARG A 53 -8.69 3.75 -2.68
CA ARG A 53 -8.56 2.31 -2.94
C ARG A 53 -8.38 2.04 -4.43
N TYR A 54 -9.00 2.88 -5.25
CA TYR A 54 -8.91 2.72 -6.70
C TYR A 54 -7.58 3.24 -7.23
N PRO A 55 -7.11 2.67 -8.34
CA PRO A 55 -5.84 3.06 -8.96
C PRO A 55 -5.92 4.45 -9.61
N GLU A 56 -7.03 4.72 -10.27
CA GLU A 56 -7.24 6.00 -10.93
C GLU A 56 -7.16 7.14 -9.93
N SER A 57 -7.58 6.88 -8.70
CA SER A 57 -7.56 7.89 -7.65
C SER A 57 -6.14 8.10 -7.13
N HIS A 58 -5.34 7.04 -7.15
CA HIS A 58 -3.96 7.11 -6.69
C HIS A 58 -3.00 6.64 -7.78
N GLU A 59 -2.16 7.56 -8.25
CA GLU A 59 -1.19 7.25 -9.30
C GLU A 59 -0.49 5.93 -8.99
N CYS A 60 -0.98 4.85 -9.58
CA CYS A 60 -0.38 3.53 -9.38
C CYS A 60 1.02 3.47 -9.96
N GLN A 61 2.00 3.17 -9.09
CA GLN A 61 3.39 3.09 -9.52
C GLN A 61 3.63 1.81 -10.33
N PHE A 62 3.12 0.70 -9.83
CA PHE A 62 3.28 -0.58 -10.50
C PHE A 62 2.73 -0.52 -11.93
N ASP A 63 3.53 -1.01 -12.88
CA ASP A 63 3.12 -1.01 -14.29
C ASP A 63 1.83 -1.80 -14.48
N PHE A 64 0.94 -1.28 -15.31
CA PHE A 64 -0.33 -1.94 -15.58
C PHE A 64 -0.22 -2.88 -16.77
N LYS A 65 0.97 -3.44 -16.97
CA LYS A 65 1.22 -4.35 -18.07
C LYS A 65 1.07 -3.64 -19.41
N GLY A 66 1.76 -2.52 -19.56
CA GLY A 66 1.69 -1.76 -20.81
C GLY A 66 0.28 -1.68 -21.36
N VAL A 67 -0.58 -0.95 -20.67
CA VAL A 67 -1.97 -0.79 -21.09
C VAL A 67 -2.42 0.66 -20.95
N ALA A 68 -3.28 1.09 -21.88
CA ALA A 68 -3.80 2.46 -21.86
C ALA A 68 -4.71 2.67 -20.65
N SER A 69 -5.14 3.91 -20.47
CA SER A 69 -6.01 4.25 -19.35
C SER A 69 -7.46 4.41 -19.81
N GLY A 70 -8.39 4.09 -18.93
CA GLY A 70 -9.81 4.19 -19.26
C GLY A 70 -10.49 5.30 -18.50
N PRO A 71 -10.41 6.53 -19.03
CA PRO A 71 -11.03 7.71 -18.42
C PRO A 71 -12.54 7.68 -18.50
N SER A 72 -13.18 7.12 -17.47
CA SER A 72 -14.64 7.02 -17.44
C SER A 72 -15.26 8.39 -17.17
N SER A 73 -15.89 8.95 -18.21
CA SER A 73 -16.53 10.25 -18.10
C SER A 73 -18.00 10.17 -18.50
N GLY A 74 -18.68 9.12 -18.03
CA GLY A 74 -20.08 8.95 -18.35
C GLY A 74 -20.40 9.31 -19.78
ZN ZN B . -6.51 7.20 1.42
ZN ZN C . -1.48 1.02 -6.96
N GLY A 1 3.63 -45.06 4.80
CA GLY A 1 4.03 -43.88 5.56
C GLY A 1 3.48 -42.60 4.97
N SER A 2 3.17 -41.64 5.83
CA SER A 2 2.64 -40.36 5.40
C SER A 2 3.33 -39.20 6.10
N SER A 3 3.13 -37.99 5.60
CA SER A 3 3.74 -36.80 6.17
C SER A 3 2.83 -35.59 6.03
N GLY A 4 3.26 -34.46 6.60
CA GLY A 4 2.46 -33.25 6.53
C GLY A 4 3.32 -32.01 6.43
N SER A 5 2.69 -30.84 6.55
CA SER A 5 3.40 -29.57 6.47
C SER A 5 2.66 -28.49 7.25
N SER A 6 3.35 -27.39 7.52
CA SER A 6 2.77 -26.28 8.26
C SER A 6 3.63 -25.03 8.14
N GLY A 7 2.99 -23.89 7.91
CA GLY A 7 3.72 -22.64 7.79
C GLY A 7 4.23 -22.41 6.37
N THR A 8 4.24 -21.14 5.96
CA THR A 8 4.70 -20.79 4.62
C THR A 8 4.92 -19.29 4.49
N ARG A 9 5.64 -18.88 3.45
CA ARG A 9 5.92 -17.47 3.22
C ARG A 9 5.15 -16.96 2.00
N GLY A 10 5.03 -15.64 1.90
CA GLY A 10 4.32 -15.05 0.78
C GLY A 10 3.62 -13.76 1.16
N GLY A 11 3.78 -12.74 0.32
CA GLY A 11 3.15 -11.45 0.59
C GLY A 11 3.90 -10.65 1.65
N ASP A 12 5.17 -10.37 1.38
CA ASP A 12 5.99 -9.60 2.32
C ASP A 12 6.32 -8.22 1.75
N SER A 13 5.55 -7.22 2.17
CA SER A 13 5.76 -5.86 1.71
C SER A 13 5.78 -4.88 2.88
N ALA A 14 6.23 -3.66 2.61
CA ALA A 14 6.29 -2.63 3.64
C ALA A 14 5.48 -1.40 3.25
N ALA A 15 4.36 -1.19 3.95
CA ALA A 15 3.50 -0.06 3.67
C ALA A 15 3.82 1.11 4.59
N ALA A 16 5.11 1.33 4.83
CA ALA A 16 5.55 2.42 5.69
C ALA A 16 7.00 2.81 5.39
N PRO A 17 7.22 4.11 5.11
CA PRO A 17 8.54 4.63 4.80
C PRO A 17 9.47 4.64 6.01
N LEU A 18 10.64 5.24 5.86
CA LEU A 18 11.61 5.31 6.94
C LEU A 18 10.95 5.74 8.24
N ASP A 19 11.00 4.87 9.24
CA ASP A 19 10.40 5.17 10.54
C ASP A 19 11.17 4.48 11.67
N PRO A 20 10.98 4.96 12.91
CA PRO A 20 11.64 4.40 14.08
C PRO A 20 11.14 3.01 14.44
N PRO A 21 11.82 2.35 15.37
CA PRO A 21 11.46 1.01 15.82
C PRO A 21 10.17 0.99 16.63
N LYS A 22 9.12 0.42 16.06
CA LYS A 22 7.83 0.34 16.73
C LYS A 22 6.89 -0.62 16.00
N SER A 23 5.99 -1.24 16.75
CA SER A 23 5.04 -2.19 16.18
C SER A 23 4.55 -1.70 14.81
N THR A 24 4.72 -2.55 13.79
CA THR A 24 4.29 -2.21 12.45
C THR A 24 2.83 -1.77 12.41
N ALA A 25 2.51 -0.87 11.50
CA ALA A 25 1.14 -0.38 11.36
C ALA A 25 0.67 -0.44 9.91
N THR A 26 -0.62 -0.19 9.70
CA THR A 26 -1.20 -0.21 8.36
C THR A 26 -2.00 1.04 8.08
N ARG A 27 -1.63 1.76 7.03
CA ARG A 27 -2.32 2.99 6.65
C ARG A 27 -2.33 3.17 5.14
N CYS A 28 -3.05 4.18 4.67
CA CYS A 28 -3.14 4.47 3.24
C CYS A 28 -1.79 4.92 2.69
N LEU A 29 -1.67 4.95 1.37
CA LEU A 29 -0.44 5.37 0.72
C LEU A 29 -0.55 6.79 0.18
N SER A 30 -1.77 7.33 0.19
CA SER A 30 -2.01 8.68 -0.30
C SER A 30 -2.40 9.61 0.84
N CYS A 31 -3.29 9.14 1.70
CA CYS A 31 -3.76 9.93 2.84
C CYS A 31 -3.15 9.42 4.14
N ASN A 32 -2.48 8.27 4.06
CA ASN A 32 -1.84 7.67 5.23
C ASN A 32 -2.84 7.52 6.38
N LYS A 33 -4.03 7.03 6.05
CA LYS A 33 -5.07 6.82 7.05
C LYS A 33 -5.09 5.38 7.55
N LYS A 34 -5.28 5.22 8.85
CA LYS A 34 -5.32 3.88 9.45
C LYS A 34 -6.37 3.01 8.77
N VAL A 35 -5.92 2.18 7.83
CA VAL A 35 -6.82 1.29 7.11
C VAL A 35 -6.87 -0.09 7.77
N GLY A 36 -5.77 -0.48 8.40
CA GLY A 36 -5.71 -1.77 9.06
C GLY A 36 -6.35 -2.87 8.23
N VAL A 37 -7.17 -3.69 8.87
CA VAL A 37 -7.84 -4.79 8.18
C VAL A 37 -8.93 -4.27 7.26
N THR A 38 -9.45 -3.08 7.57
CA THR A 38 -10.51 -2.48 6.76
C THR A 38 -9.92 -1.67 5.60
N GLY A 39 -8.75 -2.09 5.14
CA GLY A 39 -8.10 -1.38 4.04
C GLY A 39 -8.33 -2.07 2.70
N PHE A 40 -7.80 -1.47 1.64
CA PHE A 40 -7.95 -2.04 0.30
C PHE A 40 -6.61 -2.11 -0.41
N LYS A 41 -6.04 -3.30 -0.47
CA LYS A 41 -4.75 -3.50 -1.12
C LYS A 41 -4.81 -3.09 -2.59
N CYS A 42 -3.64 -2.94 -3.21
CA CYS A 42 -3.56 -2.55 -4.61
C CYS A 42 -2.52 -3.39 -5.35
N ARG A 43 -2.56 -3.32 -6.68
CA ARG A 43 -1.62 -4.08 -7.51
C ARG A 43 -0.18 -3.79 -7.10
N CYS A 44 0.05 -2.56 -6.63
CA CYS A 44 1.39 -2.16 -6.21
C CYS A 44 1.72 -2.71 -4.82
N GLY A 45 0.84 -3.57 -4.31
CA GLY A 45 1.06 -4.14 -2.99
C GLY A 45 0.65 -3.21 -1.88
N SER A 46 0.93 -1.92 -2.05
CA SER A 46 0.60 -0.92 -1.04
C SER A 46 -0.87 -1.03 -0.63
N THR A 47 -1.21 -0.37 0.47
CA THR A 47 -2.58 -0.40 0.98
C THR A 47 -3.20 1.00 0.95
N PHE A 48 -4.48 1.07 0.56
CA PHE A 48 -5.18 2.34 0.49
C PHE A 48 -6.52 2.26 1.21
N CYS A 49 -7.19 3.40 1.36
CA CYS A 49 -8.48 3.45 2.03
C CYS A 49 -9.62 3.43 1.02
N GLY A 50 -10.85 3.29 1.52
CA GLY A 50 -12.00 3.25 0.64
C GLY A 50 -12.06 4.43 -0.30
N THR A 51 -11.34 5.51 0.06
CA THR A 51 -11.32 6.71 -0.76
C THR A 51 -10.27 6.61 -1.86
N HIS A 52 -9.06 6.21 -1.49
CA HIS A 52 -7.97 6.07 -2.44
C HIS A 52 -7.70 4.61 -2.76
N ARG A 53 -8.76 3.80 -2.73
CA ARG A 53 -8.65 2.38 -3.02
C ARG A 53 -8.43 2.13 -4.51
N TYR A 54 -9.07 2.94 -5.33
CA TYR A 54 -8.95 2.82 -6.78
C TYR A 54 -7.61 3.36 -7.27
N PRO A 55 -7.12 2.82 -8.39
CA PRO A 55 -5.85 3.24 -8.99
C PRO A 55 -5.91 4.64 -9.58
N GLU A 56 -7.00 4.93 -10.28
CA GLU A 56 -7.19 6.24 -10.89
C GLU A 56 -7.06 7.36 -9.86
N SER A 57 -7.52 7.07 -8.64
CA SER A 57 -7.45 8.05 -7.55
C SER A 57 -6.02 8.21 -7.05
N HIS A 58 -5.25 7.13 -7.11
CA HIS A 58 -3.86 7.14 -6.66
C HIS A 58 -2.93 6.64 -7.76
N GLU A 59 -2.10 7.54 -8.26
CA GLU A 59 -1.14 7.19 -9.33
C GLU A 59 -0.44 5.88 -9.00
N CYS A 60 -0.95 4.79 -9.57
CA CYS A 60 -0.38 3.47 -9.35
C CYS A 60 1.04 3.40 -9.91
N GLN A 61 1.99 3.00 -9.07
CA GLN A 61 3.38 2.89 -9.49
C GLN A 61 3.61 1.60 -10.26
N PHE A 62 3.10 0.50 -9.73
CA PHE A 62 3.25 -0.81 -10.36
C PHE A 62 2.81 -0.75 -11.83
N ASP A 63 3.71 -1.16 -12.72
CA ASP A 63 3.42 -1.17 -14.14
C ASP A 63 2.08 -1.85 -14.43
N PHE A 64 1.22 -1.17 -15.19
CA PHE A 64 -0.08 -1.70 -15.53
C PHE A 64 -0.02 -2.55 -16.80
N LYS A 65 -1.15 -3.13 -17.18
CA LYS A 65 -1.22 -3.97 -18.37
C LYS A 65 -2.28 -3.45 -19.34
N GLY A 66 -1.90 -2.45 -20.12
CA GLY A 66 -2.83 -1.88 -21.09
C GLY A 66 -4.25 -1.88 -20.59
N VAL A 67 -4.48 -1.21 -19.46
CA VAL A 67 -5.81 -1.14 -18.87
C VAL A 67 -6.42 0.25 -19.06
N ALA A 68 -7.73 0.29 -19.26
CA ALA A 68 -8.44 1.55 -19.45
C ALA A 68 -8.18 2.51 -18.28
N SER A 69 -7.35 3.51 -18.51
CA SER A 69 -7.01 4.49 -17.48
C SER A 69 -6.15 5.61 -18.06
N GLY A 70 -5.87 6.61 -17.23
CA GLY A 70 -5.05 7.73 -17.67
C GLY A 70 -5.12 8.91 -16.72
N PRO A 71 -4.30 9.94 -16.99
CA PRO A 71 -4.26 11.15 -16.17
C PRO A 71 -5.52 11.98 -16.29
N SER A 72 -6.53 11.68 -15.47
CA SER A 72 -7.79 12.40 -15.50
C SER A 72 -7.56 13.89 -15.29
N SER A 73 -8.56 14.69 -15.67
CA SER A 73 -8.47 16.14 -15.53
C SER A 73 -7.88 16.52 -14.17
N GLY A 74 -6.62 16.93 -14.18
CA GLY A 74 -5.97 17.32 -12.94
C GLY A 74 -6.09 16.26 -11.87
ZN ZN B . -6.53 7.19 1.44
ZN ZN C . -1.54 0.96 -6.92
N GLY A 1 32.17 -3.46 -10.81
CA GLY A 1 32.72 -4.06 -9.62
C GLY A 1 32.53 -3.19 -8.38
N SER A 2 32.26 -3.83 -7.25
CA SER A 2 32.05 -3.12 -6.00
C SER A 2 32.21 -4.05 -4.80
N SER A 3 32.32 -3.47 -3.62
CA SER A 3 32.48 -4.26 -2.39
C SER A 3 32.14 -3.41 -1.17
N GLY A 4 32.13 -4.06 -0.01
CA GLY A 4 31.82 -3.35 1.23
C GLY A 4 30.83 -4.11 2.10
N SER A 5 30.67 -3.65 3.34
CA SER A 5 29.76 -4.29 4.27
C SER A 5 28.31 -4.16 3.80
N SER A 6 27.45 -5.06 4.26
CA SER A 6 26.05 -5.04 3.88
C SER A 6 25.23 -4.23 4.89
N GLY A 7 24.25 -3.49 4.38
CA GLY A 7 23.41 -2.68 5.24
C GLY A 7 22.00 -3.22 5.35
N THR A 8 21.02 -2.33 5.42
CA THR A 8 19.62 -2.74 5.53
C THR A 8 19.19 -3.56 4.32
N ARG A 9 19.28 -4.89 4.46
CA ARG A 9 18.90 -5.80 3.38
C ARG A 9 17.60 -6.53 3.73
N GLY A 10 16.82 -6.85 2.70
CA GLY A 10 15.57 -7.56 2.92
C GLY A 10 14.37 -6.69 2.61
N GLY A 11 13.23 -7.03 3.21
CA GLY A 11 12.01 -6.26 2.98
C GLY A 11 10.77 -7.05 3.35
N ASP A 12 9.60 -6.42 3.17
CA ASP A 12 8.34 -7.07 3.48
C ASP A 12 7.18 -6.37 2.78
N SER A 13 6.07 -7.08 2.62
CA SER A 13 4.89 -6.53 1.95
C SER A 13 3.90 -5.98 2.97
N ALA A 14 4.14 -4.74 3.41
CA ALA A 14 3.26 -4.09 4.38
C ALA A 14 3.31 -2.58 4.23
N ALA A 15 2.32 -1.90 4.81
CA ALA A 15 2.25 -0.44 4.74
C ALA A 15 3.37 0.20 5.56
N ALA A 16 4.46 0.53 4.89
CA ALA A 16 5.60 1.16 5.55
C ALA A 16 6.46 1.93 4.56
N PRO A 17 6.77 3.19 4.89
CA PRO A 17 7.59 4.06 4.04
C PRO A 17 9.05 3.61 3.98
N LEU A 18 9.87 4.41 3.32
CA LEU A 18 11.30 4.09 3.19
C LEU A 18 11.86 3.55 4.50
N ASP A 19 11.34 4.06 5.61
CA ASP A 19 11.78 3.62 6.93
C ASP A 19 10.61 3.11 7.76
N PRO A 20 10.80 1.97 8.44
CA PRO A 20 9.78 1.35 9.28
C PRO A 20 9.50 2.17 10.54
N PRO A 21 8.20 2.35 10.86
CA PRO A 21 7.76 3.10 12.03
C PRO A 21 8.09 2.38 13.34
N LYS A 22 8.20 3.15 14.42
CA LYS A 22 8.51 2.58 15.72
C LYS A 22 7.78 1.25 15.93
N SER A 23 6.48 1.25 15.67
CA SER A 23 5.67 0.05 15.83
C SER A 23 4.86 -0.23 14.57
N THR A 24 5.06 -1.41 14.00
CA THR A 24 4.35 -1.80 12.78
C THR A 24 2.94 -1.23 12.75
N ALA A 25 2.54 -0.70 11.60
CA ALA A 25 1.21 -0.12 11.45
C ALA A 25 0.72 -0.27 10.01
N THR A 26 -0.57 -0.02 9.81
CA THR A 26 -1.17 -0.12 8.48
C THR A 26 -2.03 1.10 8.17
N ARG A 27 -1.63 1.86 7.17
CA ARG A 27 -2.36 3.06 6.77
C ARG A 27 -2.32 3.24 5.26
N CYS A 28 -3.08 4.21 4.76
CA CYS A 28 -3.14 4.49 3.33
C CYS A 28 -1.76 4.90 2.80
N LEU A 29 -1.63 4.95 1.48
CA LEU A 29 -0.37 5.32 0.85
C LEU A 29 -0.45 6.73 0.27
N SER A 30 -1.67 7.26 0.19
CA SER A 30 -1.88 8.60 -0.35
C SER A 30 -2.26 9.58 0.76
N CYS A 31 -3.16 9.15 1.63
CA CYS A 31 -3.61 9.98 2.74
C CYS A 31 -3.05 9.48 4.07
N ASN A 32 -2.39 8.33 4.02
CA ASN A 32 -1.80 7.73 5.21
C ASN A 32 -2.82 7.65 6.34
N LYS A 33 -4.01 7.16 6.01
CA LYS A 33 -5.09 7.03 7.00
C LYS A 33 -5.15 5.59 7.53
N LYS A 34 -5.33 5.47 8.84
CA LYS A 34 -5.41 4.16 9.48
C LYS A 34 -6.40 3.26 8.76
N VAL A 35 -5.88 2.30 8.00
CA VAL A 35 -6.72 1.36 7.26
C VAL A 35 -6.72 -0.02 7.92
N GLY A 36 -5.71 -0.28 8.73
CA GLY A 36 -5.60 -1.55 9.40
C GLY A 36 -5.97 -2.72 8.50
N VAL A 37 -7.00 -3.46 8.87
CA VAL A 37 -7.45 -4.60 8.08
C VAL A 37 -8.58 -4.21 7.14
N THR A 38 -9.26 -3.12 7.47
CA THR A 38 -10.37 -2.63 6.65
C THR A 38 -9.87 -1.77 5.50
N GLY A 39 -8.65 -2.05 5.05
CA GLY A 39 -8.07 -1.28 3.95
C GLY A 39 -8.45 -1.85 2.59
N PHE A 40 -7.64 -1.53 1.58
CA PHE A 40 -7.90 -2.01 0.23
C PHE A 40 -6.60 -2.21 -0.53
N LYS A 41 -6.21 -3.46 -0.73
CA LYS A 41 -4.99 -3.79 -1.45
C LYS A 41 -5.08 -3.36 -2.91
N CYS A 42 -3.92 -3.13 -3.53
CA CYS A 42 -3.88 -2.72 -4.93
C CYS A 42 -2.81 -3.50 -5.68
N ARG A 43 -2.87 -3.43 -7.00
CA ARG A 43 -1.90 -4.13 -7.85
C ARG A 43 -0.48 -3.83 -7.42
N CYS A 44 -0.25 -2.59 -6.95
CA CYS A 44 1.07 -2.18 -6.51
C CYS A 44 1.46 -2.89 -5.22
N GLY A 45 0.46 -3.38 -4.49
CA GLY A 45 0.72 -4.08 -3.25
C GLY A 45 0.47 -3.21 -2.03
N SER A 46 0.59 -1.90 -2.20
CA SER A 46 0.38 -0.96 -1.10
C SER A 46 -1.06 -1.03 -0.60
N THR A 47 -1.29 -0.45 0.56
CA THR A 47 -2.63 -0.44 1.16
C THR A 47 -3.23 0.96 1.14
N PHE A 48 -4.49 1.05 0.74
CA PHE A 48 -5.19 2.33 0.68
C PHE A 48 -6.52 2.26 1.39
N CYS A 49 -7.20 3.40 1.50
CA CYS A 49 -8.50 3.47 2.16
C CYS A 49 -9.63 3.34 1.15
N GLY A 50 -10.87 3.44 1.64
CA GLY A 50 -12.02 3.33 0.76
C GLY A 50 -12.16 4.53 -0.15
N THR A 51 -11.21 5.44 -0.08
CA THR A 51 -11.24 6.64 -0.91
C THR A 51 -10.15 6.59 -1.99
N HIS A 52 -8.99 6.06 -1.63
CA HIS A 52 -7.87 5.95 -2.56
C HIS A 52 -7.56 4.49 -2.86
N ARG A 53 -8.59 3.65 -2.86
CA ARG A 53 -8.42 2.23 -3.13
C ARG A 53 -8.22 1.99 -4.62
N TYR A 54 -8.90 2.78 -5.45
CA TYR A 54 -8.80 2.64 -6.90
C TYR A 54 -7.44 3.12 -7.40
N PRO A 55 -6.95 2.51 -8.48
CA PRO A 55 -5.66 2.85 -9.07
C PRO A 55 -5.69 4.22 -9.76
N GLU A 56 -6.84 4.56 -10.33
CA GLU A 56 -7.00 5.84 -11.02
C GLU A 56 -7.10 6.99 -10.01
N SER A 57 -7.57 6.67 -8.81
CA SER A 57 -7.72 7.68 -7.75
C SER A 57 -6.37 8.00 -7.11
N HIS A 58 -5.49 7.00 -7.06
CA HIS A 58 -4.17 7.17 -6.48
C HIS A 58 -3.08 6.98 -7.53
N GLU A 59 -1.84 7.30 -7.15
CA GLU A 59 -0.71 7.16 -8.06
C GLU A 59 -0.16 5.74 -8.03
N CYS A 60 -0.72 4.88 -8.88
CA CYS A 60 -0.29 3.48 -8.95
C CYS A 60 1.09 3.38 -9.58
N GLN A 61 2.12 3.37 -8.75
CA GLN A 61 3.50 3.28 -9.23
C GLN A 61 3.68 2.05 -10.12
N PHE A 62 3.25 0.89 -9.62
CA PHE A 62 3.36 -0.36 -10.36
C PHE A 62 3.15 -0.12 -11.85
N ASP A 63 4.11 -0.57 -12.66
CA ASP A 63 4.02 -0.41 -14.11
C ASP A 63 2.87 -1.22 -14.68
N PHE A 64 1.74 -0.55 -14.90
CA PHE A 64 0.55 -1.22 -15.44
C PHE A 64 0.89 -1.94 -16.75
N LYS A 65 0.00 -2.81 -17.18
CA LYS A 65 0.18 -3.56 -18.41
C LYS A 65 -0.64 -2.97 -19.54
N GLY A 66 -0.51 -3.55 -20.74
CA GLY A 66 -1.24 -3.06 -21.88
C GLY A 66 -2.72 -2.89 -21.61
N VAL A 67 -3.30 -3.87 -20.92
CA VAL A 67 -4.72 -3.83 -20.58
C VAL A 67 -5.16 -2.42 -20.22
N ALA A 68 -6.38 -2.07 -20.63
CA ALA A 68 -6.92 -0.74 -20.35
C ALA A 68 -6.93 -0.46 -18.84
N SER A 69 -6.10 0.48 -18.42
CA SER A 69 -6.01 0.84 -17.00
C SER A 69 -7.27 1.57 -16.55
N GLY A 70 -7.86 2.34 -17.46
CA GLY A 70 -9.07 3.08 -17.14
C GLY A 70 -10.19 2.82 -18.12
N PRO A 71 -11.44 3.04 -17.68
CA PRO A 71 -12.62 2.83 -18.51
C PRO A 71 -12.73 3.88 -19.62
N SER A 72 -13.05 3.41 -20.83
CA SER A 72 -13.18 4.30 -21.97
C SER A 72 -14.65 4.44 -22.38
N SER A 73 -15.26 5.57 -22.02
CA SER A 73 -16.65 5.83 -22.35
C SER A 73 -16.78 6.50 -23.72
N GLY A 74 -16.03 7.58 -23.91
CA GLY A 74 -16.07 8.30 -25.18
C GLY A 74 -16.94 9.54 -25.11
ZN ZN B . -6.51 7.18 1.46
ZN ZN C . -1.90 0.90 -7.10
N GLY A 1 -9.70 -33.48 3.17
CA GLY A 1 -9.59 -32.19 3.81
C GLY A 1 -8.54 -31.31 3.17
N SER A 2 -8.98 -30.25 2.49
CA SER A 2 -8.06 -29.33 1.83
C SER A 2 -8.45 -27.88 2.12
N SER A 3 -7.64 -27.22 2.95
CA SER A 3 -7.90 -25.84 3.32
C SER A 3 -6.71 -25.24 4.06
N GLY A 4 -5.96 -24.39 3.39
CA GLY A 4 -4.79 -23.77 4.00
C GLY A 4 -4.29 -22.57 3.22
N SER A 5 -5.07 -21.49 3.25
CA SER A 5 -4.71 -20.27 2.52
C SER A 5 -4.32 -19.17 3.51
N SER A 6 -3.03 -19.09 3.82
CA SER A 6 -2.53 -18.07 4.74
C SER A 6 -1.10 -17.67 4.38
N GLY A 7 -0.59 -16.66 5.08
CA GLY A 7 0.76 -16.20 4.83
C GLY A 7 0.79 -14.76 4.32
N THR A 8 1.11 -13.83 5.23
CA THR A 8 1.17 -12.42 4.87
C THR A 8 2.47 -11.79 5.33
N ARG A 9 3.57 -12.54 5.19
CA ARG A 9 4.89 -12.05 5.59
C ARG A 9 5.79 -11.87 4.38
N GLY A 10 6.25 -10.63 4.17
CA GLY A 10 7.12 -10.35 3.05
C GLY A 10 7.18 -8.87 2.73
N GLY A 11 6.03 -8.21 2.77
CA GLY A 11 5.99 -6.79 2.48
C GLY A 11 5.95 -5.94 3.72
N ASP A 12 6.85 -6.22 4.66
CA ASP A 12 6.92 -5.48 5.91
C ASP A 12 6.61 -4.01 5.68
N SER A 13 7.22 -3.43 4.64
CA SER A 13 7.02 -2.03 4.31
C SER A 13 6.37 -1.88 2.94
N ALA A 14 5.12 -1.43 2.92
CA ALA A 14 4.40 -1.24 1.67
C ALA A 14 3.89 0.19 1.55
N ALA A 15 3.05 0.61 2.49
CA ALA A 15 2.51 1.97 2.48
C ALA A 15 3.32 2.89 3.37
N ALA A 16 4.35 3.50 2.79
CA ALA A 16 5.21 4.42 3.53
C ALA A 16 6.23 5.08 2.62
N PRO A 17 6.54 6.35 2.90
CA PRO A 17 7.51 7.12 2.10
C PRO A 17 8.94 6.63 2.29
N LEU A 18 9.86 7.19 1.52
CA LEU A 18 11.27 6.81 1.60
C LEU A 18 11.75 6.81 3.05
N ASP A 19 11.27 7.77 3.82
CA ASP A 19 11.66 7.89 5.22
C ASP A 19 10.83 6.94 6.08
N PRO A 20 11.49 6.34 7.10
CA PRO A 20 10.83 5.40 8.01
C PRO A 20 9.84 6.09 8.94
N PRO A 21 8.56 5.68 8.84
CA PRO A 21 7.48 6.26 9.66
C PRO A 21 7.61 5.86 11.12
N LYS A 22 7.99 6.81 11.97
CA LYS A 22 8.15 6.56 13.39
C LYS A 22 6.99 5.73 13.93
N SER A 23 5.78 6.06 13.48
CA SER A 23 4.59 5.34 13.92
C SER A 23 4.36 4.09 13.08
N THR A 24 4.71 2.93 13.65
CA THR A 24 4.55 1.66 12.97
C THR A 24 3.09 1.21 12.96
N ALA A 25 2.45 1.32 11.80
CA ALA A 25 1.05 0.92 11.66
C ALA A 25 0.62 0.94 10.20
N THR A 26 -0.49 0.26 9.91
CA THR A 26 -1.01 0.20 8.55
C THR A 26 -1.90 1.39 8.25
N ARG A 27 -1.61 2.08 7.15
CA ARG A 27 -2.39 3.24 6.74
C ARG A 27 -2.35 3.43 5.23
N CYS A 28 -3.21 4.31 4.73
CA CYS A 28 -3.27 4.58 3.29
C CYS A 28 -1.91 5.00 2.75
N LEU A 29 -1.80 5.06 1.43
CA LEU A 29 -0.54 5.44 0.79
C LEU A 29 -0.64 6.85 0.21
N SER A 30 -1.87 7.37 0.14
CA SER A 30 -2.10 8.71 -0.40
C SER A 30 -2.46 9.68 0.71
N CYS A 31 -3.36 9.25 1.60
CA CYS A 31 -3.80 10.08 2.72
C CYS A 31 -3.20 9.59 4.03
N ASN A 32 -2.57 8.43 3.99
CA ASN A 32 -1.95 7.86 5.18
C ASN A 32 -2.96 7.74 6.32
N LYS A 33 -4.14 7.22 6.01
CA LYS A 33 -5.18 7.06 7.00
C LYS A 33 -5.23 5.63 7.51
N LYS A 34 -5.45 5.47 8.82
CA LYS A 34 -5.52 4.15 9.43
C LYS A 34 -6.48 3.24 8.66
N VAL A 35 -5.92 2.28 7.95
CA VAL A 35 -6.73 1.34 7.17
C VAL A 35 -6.67 -0.06 7.76
N GLY A 36 -5.58 -0.35 8.46
CA GLY A 36 -5.41 -1.66 9.08
C GLY A 36 -5.86 -2.78 8.16
N VAL A 37 -6.97 -3.44 8.54
CA VAL A 37 -7.50 -4.54 7.74
C VAL A 37 -8.46 -4.03 6.67
N THR A 38 -9.33 -3.11 7.05
CA THR A 38 -10.31 -2.54 6.12
C THR A 38 -9.62 -2.07 4.85
N GLY A 39 -8.34 -1.76 4.95
CA GLY A 39 -7.59 -1.29 3.79
C GLY A 39 -7.95 -2.05 2.52
N PHE A 40 -7.65 -1.46 1.37
CA PHE A 40 -7.95 -2.10 0.09
C PHE A 40 -6.68 -2.25 -0.74
N LYS A 41 -5.99 -3.37 -0.53
CA LYS A 41 -4.76 -3.65 -1.27
C LYS A 41 -4.91 -3.31 -2.75
N CYS A 42 -3.79 -3.02 -3.40
CA CYS A 42 -3.80 -2.68 -4.81
C CYS A 42 -2.79 -3.52 -5.58
N ARG A 43 -2.90 -3.51 -6.91
CA ARG A 43 -1.99 -4.27 -7.75
C ARG A 43 -0.54 -3.97 -7.40
N CYS A 44 -0.27 -2.74 -7.00
CA CYS A 44 1.08 -2.33 -6.63
C CYS A 44 1.51 -2.98 -5.32
N GLY A 45 0.53 -3.40 -4.53
CA GLY A 45 0.83 -4.04 -3.25
C GLY A 45 0.53 -3.14 -2.08
N SER A 46 0.66 -1.84 -2.29
CA SER A 46 0.41 -0.86 -1.23
C SER A 46 -1.04 -0.95 -0.74
N THR A 47 -1.30 -0.34 0.42
CA THR A 47 -2.63 -0.35 1.00
C THR A 47 -3.24 1.05 0.98
N PHE A 48 -4.53 1.12 0.66
CA PHE A 48 -5.24 2.39 0.61
C PHE A 48 -6.57 2.31 1.35
N CYS A 49 -7.28 3.44 1.42
CA CYS A 49 -8.56 3.50 2.10
C CYS A 49 -9.72 3.43 1.10
N GLY A 50 -10.94 3.33 1.62
CA GLY A 50 -12.10 3.26 0.75
C GLY A 50 -12.19 4.44 -0.19
N THR A 51 -11.37 5.46 0.05
CA THR A 51 -11.36 6.65 -0.78
C THR A 51 -10.30 6.54 -1.87
N HIS A 52 -9.08 6.19 -1.49
CA HIS A 52 -7.98 6.06 -2.43
C HIS A 52 -7.70 4.59 -2.73
N ARG A 53 -8.76 3.78 -2.76
CA ARG A 53 -8.63 2.36 -3.04
C ARG A 53 -8.38 2.11 -4.52
N TYR A 54 -9.02 2.90 -5.36
CA TYR A 54 -8.87 2.77 -6.81
C TYR A 54 -7.48 3.21 -7.25
N PRO A 55 -7.00 2.63 -8.36
CA PRO A 55 -5.69 2.95 -8.92
C PRO A 55 -5.64 4.36 -9.52
N GLU A 56 -6.71 4.74 -10.20
CA GLU A 56 -6.79 6.06 -10.82
C GLU A 56 -6.85 7.16 -9.76
N SER A 57 -7.31 6.79 -8.57
CA SER A 57 -7.43 7.74 -7.47
C SER A 57 -6.06 8.01 -6.83
N HIS A 58 -5.22 6.98 -6.80
CA HIS A 58 -3.89 7.10 -6.22
C HIS A 58 -2.82 6.93 -7.29
N GLU A 59 -1.56 7.11 -6.89
CA GLU A 59 -0.44 6.99 -7.82
C GLU A 59 0.04 5.54 -7.90
N CYS A 60 -0.60 4.76 -8.76
CA CYS A 60 -0.25 3.35 -8.93
C CYS A 60 1.13 3.22 -9.59
N GLN A 61 2.15 3.03 -8.77
CA GLN A 61 3.51 2.90 -9.28
C GLN A 61 3.62 1.71 -10.23
N PHE A 62 3.12 0.56 -9.80
CA PHE A 62 3.15 -0.65 -10.62
C PHE A 62 2.67 -0.37 -12.04
N ASP A 63 3.44 -0.83 -13.02
CA ASP A 63 3.08 -0.62 -14.42
C ASP A 63 1.91 -1.51 -14.83
N PHE A 64 0.84 -0.89 -15.28
CA PHE A 64 -0.35 -1.62 -15.70
C PHE A 64 -0.11 -2.35 -17.01
N LYS A 65 -0.65 -3.56 -17.12
CA LYS A 65 -0.49 -4.37 -18.33
C LYS A 65 -1.79 -4.42 -19.12
N GLY A 66 -2.03 -3.39 -19.92
CA GLY A 66 -3.23 -3.34 -20.72
C GLY A 66 -4.42 -3.96 -20.02
N VAL A 67 -4.74 -3.46 -18.83
CA VAL A 67 -5.86 -3.98 -18.06
C VAL A 67 -6.84 -2.87 -17.70
N ALA A 68 -8.13 -3.12 -17.94
CA ALA A 68 -9.17 -2.13 -17.65
C ALA A 68 -8.83 -0.78 -18.25
N SER A 69 -8.32 -0.80 -19.48
CA SER A 69 -7.96 0.43 -20.17
C SER A 69 -8.87 0.68 -21.36
N GLY A 70 -9.10 1.95 -21.67
CA GLY A 70 -9.97 2.30 -22.79
C GLY A 70 -11.32 1.63 -22.71
N PRO A 71 -12.10 1.72 -23.80
CA PRO A 71 -13.43 1.12 -23.88
C PRO A 71 -13.38 -0.40 -23.91
N SER A 72 -13.88 -1.03 -22.86
CA SER A 72 -13.90 -2.49 -22.77
C SER A 72 -14.20 -3.11 -24.13
N SER A 73 -15.28 -2.66 -24.76
CA SER A 73 -15.68 -3.17 -26.06
C SER A 73 -15.38 -2.15 -27.16
N GLY A 74 -14.22 -2.29 -27.79
CA GLY A 74 -13.83 -1.37 -28.85
C GLY A 74 -14.23 -1.89 -30.22
ZN ZN B . -6.67 7.26 1.44
ZN ZN C . -1.89 0.80 -7.16
N GLY A 1 -2.47 12.76 33.95
CA GLY A 1 -1.33 12.13 33.32
C GLY A 1 -1.68 10.78 32.72
N SER A 2 -0.67 10.07 32.23
CA SER A 2 -0.88 8.77 31.60
C SER A 2 0.24 7.80 31.99
N SER A 3 -0.11 6.52 32.08
CA SER A 3 0.86 5.49 32.45
C SER A 3 1.40 4.79 31.21
N GLY A 4 0.54 4.64 30.20
CA GLY A 4 0.94 3.99 28.97
C GLY A 4 0.32 2.62 28.81
N SER A 5 0.67 1.93 27.73
CA SER A 5 0.13 0.61 27.47
C SER A 5 1.08 -0.20 26.59
N SER A 6 1.57 -1.32 27.13
CA SER A 6 2.49 -2.18 26.40
C SER A 6 1.78 -3.44 25.91
N GLY A 7 1.11 -3.32 24.75
CA GLY A 7 0.40 -4.45 24.19
C GLY A 7 0.90 -4.81 22.80
N THR A 8 0.29 -5.82 22.20
CA THR A 8 0.67 -6.26 20.86
C THR A 8 -0.50 -6.96 20.16
N ARG A 9 -0.73 -6.59 18.90
CA ARG A 9 -1.82 -7.18 18.12
C ARG A 9 -1.28 -8.26 17.18
N GLY A 10 -0.43 -7.85 16.25
CA GLY A 10 0.14 -8.78 15.30
C GLY A 10 -0.31 -8.51 13.88
N GLY A 11 0.18 -9.32 12.94
CA GLY A 11 -0.18 -9.14 11.55
C GLY A 11 1.02 -9.14 10.63
N ASP A 12 1.29 -10.29 10.01
CA ASP A 12 2.43 -10.43 9.10
C ASP A 12 2.06 -9.92 7.70
N SER A 13 2.28 -8.63 7.48
CA SER A 13 1.97 -8.02 6.18
C SER A 13 3.08 -7.07 5.75
N ALA A 14 3.45 -7.16 4.48
CA ALA A 14 4.51 -6.30 3.93
C ALA A 14 4.05 -5.62 2.64
N ALA A 15 3.63 -4.36 2.77
CA ALA A 15 3.18 -3.60 1.62
C ALA A 15 4.10 -2.41 1.35
N ALA A 16 5.31 -2.69 0.91
CA ALA A 16 6.29 -1.65 0.61
C ALA A 16 6.18 -0.50 1.61
N PRO A 17 6.19 -0.84 2.91
CA PRO A 17 6.09 0.15 3.98
C PRO A 17 7.34 1.01 4.09
N LEU A 18 7.22 2.29 3.74
CA LEU A 18 8.34 3.21 3.81
C LEU A 18 8.62 3.64 5.25
N ASP A 19 7.62 3.50 6.11
CA ASP A 19 7.75 3.86 7.52
C ASP A 19 8.70 2.90 8.23
N PRO A 20 9.22 3.33 9.39
CA PRO A 20 10.14 2.52 10.19
C PRO A 20 9.46 1.32 10.83
N PRO A 21 10.25 0.42 11.42
CA PRO A 21 9.75 -0.79 12.08
C PRO A 21 9.00 -0.47 13.36
N LYS A 22 8.76 0.81 13.60
CA LYS A 22 8.05 1.25 14.80
C LYS A 22 6.79 0.42 15.03
N SER A 23 6.22 0.53 16.22
CA SER A 23 5.02 -0.22 16.56
C SER A 23 4.19 -0.52 15.31
N THR A 24 4.03 -1.81 15.02
CA THR A 24 3.27 -2.23 13.85
C THR A 24 2.06 -1.32 13.61
N ALA A 25 1.66 -1.19 12.35
CA ALA A 25 0.53 -0.35 11.99
C ALA A 25 0.19 -0.49 10.51
N THR A 26 -0.90 0.14 10.10
CA THR A 26 -1.33 0.09 8.71
C THR A 26 -2.19 1.30 8.36
N ARG A 27 -1.79 2.02 7.33
CA ARG A 27 -2.53 3.20 6.88
C ARG A 27 -2.43 3.37 5.37
N CYS A 28 -3.23 4.28 4.83
CA CYS A 28 -3.24 4.53 3.39
C CYS A 28 -1.84 4.90 2.89
N LEU A 29 -1.67 4.92 1.58
CA LEU A 29 -0.39 5.26 0.98
C LEU A 29 -0.39 6.68 0.44
N SER A 30 -1.59 7.26 0.32
CA SER A 30 -1.74 8.62 -0.18
C SER A 30 -2.17 9.57 0.93
N CYS A 31 -3.14 9.14 1.72
CA CYS A 31 -3.65 9.94 2.83
C CYS A 31 -3.11 9.45 4.16
N ASN A 32 -2.37 8.34 4.12
CA ASN A 32 -1.79 7.77 5.33
C ASN A 32 -2.83 7.68 6.45
N LYS A 33 -4.03 7.23 6.10
CA LYS A 33 -5.10 7.09 7.06
C LYS A 33 -5.20 5.65 7.57
N LYS A 34 -5.54 5.51 8.85
CA LYS A 34 -5.67 4.19 9.46
C LYS A 34 -6.65 3.32 8.67
N VAL A 35 -6.10 2.35 7.93
CA VAL A 35 -6.93 1.45 7.13
C VAL A 35 -6.92 0.04 7.71
N GLY A 36 -5.91 -0.26 8.52
CA GLY A 36 -5.80 -1.57 9.13
C GLY A 36 -6.19 -2.68 8.18
N VAL A 37 -7.26 -3.40 8.52
CA VAL A 37 -7.74 -4.49 7.69
C VAL A 37 -8.66 -3.98 6.58
N THR A 38 -9.58 -3.09 6.94
CA THR A 38 -10.52 -2.53 5.98
C THR A 38 -9.80 -2.04 4.73
N GLY A 39 -8.53 -1.65 4.90
CA GLY A 39 -7.75 -1.16 3.78
C GLY A 39 -8.01 -1.94 2.51
N PHE A 40 -7.70 -1.34 1.37
CA PHE A 40 -7.89 -1.99 0.07
C PHE A 40 -6.56 -2.22 -0.64
N LYS A 41 -6.20 -3.48 -0.80
CA LYS A 41 -4.95 -3.84 -1.47
C LYS A 41 -4.98 -3.42 -2.93
N CYS A 42 -3.82 -3.05 -3.46
CA CYS A 42 -3.70 -2.63 -4.85
C CYS A 42 -2.71 -3.50 -5.60
N ARG A 43 -2.78 -3.46 -6.94
CA ARG A 43 -1.87 -4.24 -7.77
C ARG A 43 -0.42 -3.98 -7.40
N CYS A 44 -0.15 -2.79 -6.89
CA CYS A 44 1.20 -2.41 -6.50
C CYS A 44 1.59 -3.08 -5.18
N GLY A 45 0.60 -3.52 -4.43
CA GLY A 45 0.85 -4.17 -3.16
C GLY A 45 0.55 -3.27 -1.97
N SER A 46 0.78 -1.97 -2.14
CA SER A 46 0.53 -1.00 -1.08
C SER A 46 -0.94 -1.03 -0.65
N THR A 47 -1.22 -0.45 0.51
CA THR A 47 -2.58 -0.41 1.03
C THR A 47 -3.15 1.01 0.97
N PHE A 48 -4.45 1.10 0.73
CA PHE A 48 -5.12 2.40 0.63
C PHE A 48 -6.47 2.37 1.34
N CYS A 49 -7.15 3.51 1.36
CA CYS A 49 -8.45 3.61 2.00
C CYS A 49 -9.58 3.62 0.98
N GLY A 50 -10.81 3.43 1.45
CA GLY A 50 -11.95 3.42 0.55
C GLY A 50 -11.93 4.57 -0.42
N THR A 51 -11.30 5.67 -0.03
CA THR A 51 -11.22 6.86 -0.88
C THR A 51 -10.15 6.69 -1.95
N HIS A 52 -8.96 6.28 -1.54
CA HIS A 52 -7.86 6.08 -2.48
C HIS A 52 -7.60 4.60 -2.70
N ARG A 53 -8.67 3.81 -2.67
CA ARG A 53 -8.57 2.36 -2.87
C ARG A 53 -8.35 2.04 -4.35
N TYR A 54 -8.98 2.82 -5.21
CA TYR A 54 -8.86 2.61 -6.65
C TYR A 54 -7.50 3.08 -7.15
N PRO A 55 -7.00 2.43 -8.21
CA PRO A 55 -5.71 2.76 -8.81
C PRO A 55 -5.73 4.11 -9.53
N GLU A 56 -6.86 4.42 -10.15
CA GLU A 56 -7.01 5.68 -10.87
C GLU A 56 -7.04 6.86 -9.90
N SER A 57 -7.58 6.63 -8.71
CA SER A 57 -7.66 7.68 -7.70
C SER A 57 -6.31 7.95 -7.06
N HIS A 58 -5.48 6.90 -6.98
CA HIS A 58 -4.15 7.01 -6.39
C HIS A 58 -3.08 6.64 -7.41
N GLU A 59 -2.17 7.57 -7.68
CA GLU A 59 -1.09 7.34 -8.63
C GLU A 59 -0.44 5.97 -8.39
N CYS A 60 -0.87 4.98 -9.14
CA CYS A 60 -0.34 3.63 -9.01
C CYS A 60 1.04 3.53 -9.66
N GLN A 61 2.05 3.28 -8.84
CA GLN A 61 3.42 3.15 -9.32
C GLN A 61 3.57 1.96 -10.25
N PHE A 62 2.96 0.83 -9.86
CA PHE A 62 3.03 -0.38 -10.66
C PHE A 62 2.64 -0.10 -12.11
N ASP A 63 3.39 -0.67 -13.04
CA ASP A 63 3.12 -0.48 -14.46
C ASP A 63 1.74 -1.02 -14.83
N PHE A 64 1.06 -0.32 -15.73
CA PHE A 64 -0.28 -0.72 -16.15
C PHE A 64 -0.28 -1.12 -17.63
N LYS A 65 0.29 -0.26 -18.47
CA LYS A 65 0.36 -0.53 -19.90
C LYS A 65 1.77 -0.29 -20.42
N GLY A 66 2.62 -1.31 -20.28
CA GLY A 66 3.99 -1.20 -20.75
C GLY A 66 4.57 0.18 -20.51
N VAL A 67 4.33 0.73 -19.32
CA VAL A 67 4.83 2.04 -18.97
C VAL A 67 5.70 1.98 -17.71
N ALA A 68 6.76 2.77 -17.70
CA ALA A 68 7.67 2.80 -16.56
C ALA A 68 7.91 4.24 -16.09
N SER A 69 7.22 4.64 -15.03
CA SER A 69 7.37 5.99 -14.49
C SER A 69 7.40 7.02 -15.61
N GLY A 70 6.54 6.84 -16.61
CA GLY A 70 6.49 7.76 -17.73
C GLY A 70 5.26 8.65 -17.68
N PRO A 71 5.40 9.83 -17.07
CA PRO A 71 4.31 10.80 -16.96
C PRO A 71 3.95 11.43 -18.30
N SER A 72 2.68 11.33 -18.67
CA SER A 72 2.22 11.88 -19.93
C SER A 72 2.02 13.40 -19.83
N SER A 73 2.62 14.13 -20.76
CA SER A 73 2.52 15.58 -20.77
C SER A 73 2.15 16.09 -22.16
N GLY A 74 0.88 16.47 -22.32
CA GLY A 74 0.42 16.97 -23.60
C GLY A 74 0.57 18.47 -23.73
ZN ZN B . -6.45 7.30 1.37
ZN ZN C . -1.40 1.06 -6.79
N GLY A 1 15.20 3.81 -28.87
CA GLY A 1 14.02 4.65 -28.96
C GLY A 1 13.18 4.62 -27.70
N SER A 2 11.96 4.12 -27.82
CA SER A 2 11.06 4.03 -26.67
C SER A 2 11.39 2.83 -25.80
N SER A 3 12.37 3.00 -24.92
CA SER A 3 12.80 1.93 -24.02
C SER A 3 11.61 1.38 -23.24
N GLY A 4 11.01 0.31 -23.75
CA GLY A 4 9.87 -0.29 -23.09
C GLY A 4 10.28 -1.26 -21.99
N SER A 5 9.41 -1.45 -21.01
CA SER A 5 9.69 -2.36 -19.90
C SER A 5 10.15 -3.72 -20.42
N SER A 6 11.46 -3.92 -20.45
CA SER A 6 12.04 -5.18 -20.92
C SER A 6 12.93 -5.81 -19.86
N GLY A 7 12.45 -5.78 -18.61
CA GLY A 7 13.21 -6.35 -17.51
C GLY A 7 12.32 -6.76 -16.36
N THR A 8 12.31 -8.06 -16.05
CA THR A 8 11.51 -8.58 -14.95
C THR A 8 11.44 -7.60 -13.80
N ARG A 9 10.27 -7.00 -13.60
CA ARG A 9 10.08 -6.03 -12.52
C ARG A 9 9.57 -6.72 -11.26
N GLY A 10 10.27 -6.49 -10.14
CA GLY A 10 9.87 -7.09 -8.88
C GLY A 10 9.37 -6.07 -7.89
N GLY A 11 9.03 -6.54 -6.69
CA GLY A 11 8.53 -5.64 -5.66
C GLY A 11 7.62 -6.34 -4.67
N ASP A 12 7.89 -6.16 -3.38
CA ASP A 12 7.09 -6.78 -2.34
C ASP A 12 5.99 -5.84 -1.86
N SER A 13 4.91 -6.41 -1.33
CA SER A 13 3.79 -5.62 -0.84
C SER A 13 4.08 -5.05 0.54
N ALA A 14 4.37 -3.76 0.59
CA ALA A 14 4.68 -3.09 1.86
C ALA A 14 3.89 -1.80 1.99
N ALA A 15 3.99 -1.17 3.17
CA ALA A 15 3.28 0.08 3.42
C ALA A 15 4.20 1.27 3.21
N ALA A 16 3.63 2.48 3.26
CA ALA A 16 4.40 3.70 3.08
C ALA A 16 5.81 3.55 3.65
N PRO A 17 6.80 3.51 2.75
CA PRO A 17 8.22 3.38 3.13
C PRO A 17 8.76 4.63 3.83
N LEU A 18 10.01 4.57 4.26
CA LEU A 18 10.63 5.69 4.95
C LEU A 18 9.84 6.11 6.17
N ASP A 19 9.36 5.12 6.92
CA ASP A 19 8.59 5.38 8.13
C ASP A 19 9.49 5.51 9.34
N PRO A 20 9.11 6.38 10.28
CA PRO A 20 9.88 6.61 11.51
C PRO A 20 9.83 5.42 12.46
N PRO A 21 10.75 5.40 13.44
CA PRO A 21 10.82 4.33 14.44
C PRO A 21 9.65 4.34 15.40
N LYS A 22 9.01 5.49 15.53
CA LYS A 22 7.87 5.64 16.42
C LYS A 22 6.72 4.72 16.00
N SER A 23 5.63 4.76 16.75
CA SER A 23 4.48 3.92 16.47
C SER A 23 4.10 3.99 14.99
N THR A 24 3.99 2.83 14.35
CA THR A 24 3.65 2.77 12.93
C THR A 24 2.74 1.58 12.65
N ALA A 25 1.47 1.87 12.34
CA ALA A 25 0.51 0.82 12.04
C ALA A 25 0.07 0.87 10.58
N THR A 26 -0.88 0.03 10.22
CA THR A 26 -1.39 -0.03 8.85
C THR A 26 -2.17 1.24 8.50
N ARG A 27 -1.77 1.89 7.41
CA ARG A 27 -2.44 3.11 6.97
C ARG A 27 -2.36 3.25 5.46
N CYS A 28 -3.10 4.21 4.92
CA CYS A 28 -3.12 4.45 3.48
C CYS A 28 -1.73 4.81 2.97
N LEU A 29 -1.57 4.83 1.65
CA LEU A 29 -0.29 5.16 1.04
C LEU A 29 -0.32 6.56 0.45
N SER A 30 -1.52 7.15 0.38
CA SER A 30 -1.68 8.49 -0.18
C SER A 30 -2.09 9.47 0.92
N CYS A 31 -3.00 9.04 1.78
CA CYS A 31 -3.48 9.88 2.87
C CYS A 31 -2.94 9.39 4.21
N ASN A 32 -2.30 8.24 4.20
CA ASN A 32 -1.73 7.65 5.42
C ASN A 32 -2.79 7.58 6.51
N LYS A 33 -3.97 7.06 6.17
CA LYS A 33 -5.06 6.93 7.12
C LYS A 33 -5.18 5.49 7.62
N LYS A 34 -5.34 5.33 8.93
CA LYS A 34 -5.47 4.00 9.52
C LYS A 34 -6.50 3.17 8.78
N VAL A 35 -6.04 2.24 7.96
CA VAL A 35 -6.91 1.37 7.19
C VAL A 35 -7.00 -0.01 7.83
N GLY A 36 -5.96 -0.39 8.57
CA GLY A 36 -5.95 -1.69 9.21
C GLY A 36 -6.55 -2.78 8.35
N VAL A 37 -7.53 -3.49 8.89
CA VAL A 37 -8.19 -4.56 8.16
C VAL A 37 -9.24 -4.02 7.20
N THR A 38 -9.75 -2.83 7.50
CA THR A 38 -10.76 -2.19 6.66
C THR A 38 -10.11 -1.42 5.51
N GLY A 39 -8.93 -1.87 5.10
CA GLY A 39 -8.23 -1.21 4.01
C GLY A 39 -8.51 -1.87 2.67
N PHE A 40 -7.77 -1.45 1.64
CA PHE A 40 -7.94 -1.99 0.30
C PHE A 40 -6.61 -2.10 -0.43
N LYS A 41 -6.14 -3.32 -0.61
CA LYS A 41 -4.88 -3.57 -1.28
C LYS A 41 -4.92 -3.07 -2.73
N CYS A 42 -3.76 -3.00 -3.36
CA CYS A 42 -3.66 -2.54 -4.74
C CYS A 42 -2.63 -3.35 -5.52
N ARG A 43 -2.68 -3.25 -6.84
CA ARG A 43 -1.75 -3.97 -7.70
C ARG A 43 -0.31 -3.70 -7.27
N CYS A 44 -0.06 -2.51 -6.75
CA CYS A 44 1.28 -2.14 -6.31
C CYS A 44 1.67 -2.90 -5.05
N GLY A 45 0.66 -3.37 -4.32
CA GLY A 45 0.91 -4.11 -3.10
C GLY A 45 0.65 -3.29 -1.85
N SER A 46 0.74 -1.97 -1.98
CA SER A 46 0.52 -1.07 -0.85
C SER A 46 -0.95 -1.09 -0.43
N THR A 47 -1.22 -0.53 0.74
CA THR A 47 -2.58 -0.47 1.26
C THR A 47 -3.17 0.93 1.15
N PHE A 48 -4.44 1.01 0.81
CA PHE A 48 -5.12 2.30 0.67
C PHE A 48 -6.48 2.27 1.36
N CYS A 49 -7.12 3.44 1.44
CA CYS A 49 -8.42 3.55 2.07
C CYS A 49 -9.54 3.50 1.04
N GLY A 50 -10.77 3.35 1.52
CA GLY A 50 -11.91 3.28 0.62
C GLY A 50 -11.94 4.44 -0.36
N THR A 51 -11.20 5.50 -0.06
CA THR A 51 -11.14 6.67 -0.91
C THR A 51 -10.08 6.52 -1.99
N HIS A 52 -8.87 6.14 -1.57
CA HIS A 52 -7.77 5.95 -2.50
C HIS A 52 -7.51 4.47 -2.76
N ARG A 53 -8.58 3.67 -2.72
CA ARG A 53 -8.47 2.23 -2.96
C ARG A 53 -8.25 1.93 -4.44
N TYR A 54 -8.91 2.70 -5.29
CA TYR A 54 -8.80 2.51 -6.73
C TYR A 54 -7.51 3.13 -7.26
N PRO A 55 -6.98 2.56 -8.36
CA PRO A 55 -5.74 3.03 -8.98
C PRO A 55 -5.91 4.39 -9.66
N GLU A 56 -7.04 4.56 -10.34
CA GLU A 56 -7.33 5.82 -11.03
C GLU A 56 -7.29 6.99 -10.06
N SER A 57 -7.69 6.75 -8.82
CA SER A 57 -7.69 7.78 -7.80
C SER A 57 -6.28 8.07 -7.30
N HIS A 58 -5.44 7.03 -7.30
CA HIS A 58 -4.06 7.18 -6.85
C HIS A 58 -3.08 6.71 -7.94
N GLU A 59 -2.30 7.65 -8.47
CA GLU A 59 -1.33 7.34 -9.50
C GLU A 59 -0.54 6.08 -9.15
N CYS A 60 -1.03 4.93 -9.57
CA CYS A 60 -0.37 3.67 -9.30
C CYS A 60 1.02 3.62 -9.95
N GLN A 61 2.04 3.38 -9.13
CA GLN A 61 3.40 3.31 -9.63
C GLN A 61 3.67 1.99 -10.34
N PHE A 62 3.07 0.91 -9.82
CA PHE A 62 3.24 -0.41 -10.40
C PHE A 62 2.86 -0.41 -11.88
N ASP A 63 3.58 -1.21 -12.67
CA ASP A 63 3.32 -1.29 -14.10
C ASP A 63 2.08 -2.15 -14.37
N PHE A 64 1.05 -1.52 -14.94
CA PHE A 64 -0.20 -2.22 -15.25
C PHE A 64 0.02 -3.24 -16.36
N LYS A 65 -1.06 -3.90 -16.78
CA LYS A 65 -1.00 -4.90 -17.83
C LYS A 65 -1.81 -4.47 -19.04
N GLY A 66 -1.52 -5.07 -20.19
CA GLY A 66 -2.24 -4.74 -21.41
C GLY A 66 -3.72 -4.54 -21.16
N VAL A 67 -4.29 -5.35 -20.27
CA VAL A 67 -5.71 -5.26 -19.95
C VAL A 67 -6.18 -3.80 -19.93
N ALA A 68 -5.32 -2.92 -19.45
CA ALA A 68 -5.64 -1.50 -19.37
C ALA A 68 -4.42 -0.68 -18.96
N SER A 69 -3.93 0.16 -19.87
CA SER A 69 -2.78 1.00 -19.61
C SER A 69 -3.20 2.37 -19.08
N GLY A 70 -3.52 2.42 -17.79
CA GLY A 70 -3.94 3.67 -17.18
C GLY A 70 -5.18 4.24 -17.83
N PRO A 71 -6.11 4.74 -17.01
CA PRO A 71 -7.36 5.34 -17.49
C PRO A 71 -7.15 6.66 -18.21
N SER A 72 -7.66 6.75 -19.43
CA SER A 72 -7.52 7.97 -20.23
C SER A 72 -8.24 9.13 -19.58
N SER A 73 -7.56 9.80 -18.65
CA SER A 73 -8.13 10.93 -17.95
C SER A 73 -7.10 12.03 -17.75
N GLY A 74 -7.56 13.25 -17.49
CA GLY A 74 -6.67 14.37 -17.29
C GLY A 74 -5.50 14.02 -16.39
ZN ZN B . -6.34 7.23 1.46
ZN ZN C . -1.43 1.09 -6.84
N GLY A 1 32.34 10.22 16.85
CA GLY A 1 32.23 9.06 15.98
C GLY A 1 31.72 7.84 16.72
N SER A 2 30.52 7.38 16.35
CA SER A 2 29.91 6.22 16.99
C SER A 2 28.62 5.82 16.28
N SER A 3 28.35 4.51 16.27
CA SER A 3 27.15 4.00 15.61
C SER A 3 26.79 2.62 16.15
N GLY A 4 25.58 2.16 15.84
CA GLY A 4 25.13 0.86 16.30
C GLY A 4 23.63 0.71 16.25
N SER A 5 23.12 0.17 15.16
CA SER A 5 21.69 -0.03 14.99
C SER A 5 21.35 -1.50 14.76
N SER A 6 20.11 -1.87 15.04
CA SER A 6 19.67 -3.25 14.86
C SER A 6 18.60 -3.34 13.78
N GLY A 7 18.29 -4.57 13.36
CA GLY A 7 17.28 -4.77 12.34
C GLY A 7 17.19 -6.22 11.90
N THR A 8 16.82 -7.10 12.83
CA THR A 8 16.69 -8.52 12.53
C THR A 8 15.26 -8.87 12.11
N ARG A 9 14.98 -8.70 10.83
CA ARG A 9 13.65 -9.00 10.29
C ARG A 9 13.67 -10.32 9.52
N GLY A 10 13.09 -11.35 10.11
CA GLY A 10 13.05 -12.65 9.47
C GLY A 10 12.07 -12.69 8.31
N GLY A 11 10.78 -12.83 8.63
CA GLY A 11 9.77 -12.87 7.59
C GLY A 11 9.53 -11.52 6.95
N ASP A 12 9.36 -10.50 7.78
CA ASP A 12 9.12 -9.14 7.29
C ASP A 12 7.73 -9.03 6.66
N SER A 13 6.75 -9.64 7.29
CA SER A 13 5.38 -9.61 6.80
C SER A 13 4.62 -8.40 7.34
N ALA A 14 4.81 -7.25 6.69
CA ALA A 14 4.15 -6.03 7.10
C ALA A 14 4.07 -5.03 5.94
N ALA A 15 3.14 -4.09 6.04
CA ALA A 15 2.96 -3.08 5.01
C ALA A 15 4.14 -2.12 4.96
N ALA A 16 4.95 -2.24 3.91
CA ALA A 16 6.12 -1.37 3.75
C ALA A 16 6.57 -1.34 2.30
N PRO A 17 6.28 -0.21 1.62
CA PRO A 17 6.65 -0.02 0.21
C PRO A 17 8.15 0.14 0.02
N LEU A 18 8.58 0.30 -1.22
CA LEU A 18 9.99 0.45 -1.54
C LEU A 18 10.70 1.25 -0.46
N ASP A 19 9.98 2.17 0.17
CA ASP A 19 10.55 3.00 1.23
C ASP A 19 9.88 2.70 2.57
N PRO A 20 10.69 2.33 3.57
CA PRO A 20 10.21 2.01 4.91
C PRO A 20 9.69 3.24 5.65
N PRO A 21 8.38 3.26 5.94
CA PRO A 21 7.73 4.37 6.64
C PRO A 21 8.15 4.44 8.10
N LYS A 22 9.03 3.53 8.51
CA LYS A 22 9.51 3.49 9.89
C LYS A 22 8.34 3.45 10.87
N SER A 23 7.33 2.66 10.55
CA SER A 23 6.15 2.53 11.39
C SER A 23 5.63 1.10 11.38
N THR A 24 5.04 0.68 12.49
CA THR A 24 4.49 -0.67 12.62
C THR A 24 2.97 -0.65 12.61
N ALA A 25 2.41 0.18 11.73
CA ALA A 25 0.95 0.29 11.61
C ALA A 25 0.51 0.29 10.15
N THR A 26 -0.71 -0.16 9.90
CA THR A 26 -1.26 -0.20 8.55
C THR A 26 -2.10 1.03 8.25
N ARG A 27 -1.71 1.76 7.21
CA ARG A 27 -2.42 2.98 6.82
C ARG A 27 -2.37 3.16 5.31
N CYS A 28 -3.12 4.15 4.82
CA CYS A 28 -3.17 4.44 3.39
C CYS A 28 -1.79 4.86 2.87
N LEU A 29 -1.66 4.90 1.55
CA LEU A 29 -0.39 5.29 0.93
C LEU A 29 -0.47 6.69 0.35
N SER A 30 -1.69 7.22 0.27
CA SER A 30 -1.91 8.56 -0.26
C SER A 30 -2.34 9.53 0.84
N CYS A 31 -3.19 9.05 1.74
CA CYS A 31 -3.68 9.86 2.85
C CYS A 31 -3.10 9.38 4.18
N ASN A 32 -2.44 8.22 4.14
CA ASN A 32 -1.84 7.66 5.35
C ASN A 32 -2.86 7.56 6.47
N LYS A 33 -4.03 7.01 6.15
CA LYS A 33 -5.10 6.85 7.13
C LYS A 33 -5.16 5.42 7.64
N LYS A 34 -5.42 5.26 8.92
CA LYS A 34 -5.51 3.94 9.54
C LYS A 34 -6.52 3.06 8.78
N VAL A 35 -6.00 2.13 8.00
CA VAL A 35 -6.85 1.23 7.23
C VAL A 35 -6.88 -0.16 7.85
N GLY A 36 -5.80 -0.52 8.54
CA GLY A 36 -5.73 -1.82 9.18
C GLY A 36 -6.30 -2.92 8.30
N VAL A 37 -7.10 -3.79 8.90
CA VAL A 37 -7.71 -4.90 8.18
C VAL A 37 -8.85 -4.41 7.29
N THR A 38 -9.30 -3.19 7.52
CA THR A 38 -10.38 -2.61 6.75
C THR A 38 -9.84 -1.75 5.60
N GLY A 39 -8.67 -2.12 5.10
CA GLY A 39 -8.07 -1.38 4.00
C GLY A 39 -8.26 -2.07 2.66
N PHE A 40 -7.78 -1.43 1.61
CA PHE A 40 -7.90 -1.99 0.25
C PHE A 40 -6.54 -2.06 -0.42
N LYS A 41 -6.01 -3.27 -0.56
CA LYS A 41 -4.72 -3.48 -1.19
C LYS A 41 -4.76 -3.11 -2.67
N CYS A 42 -3.61 -2.80 -3.24
CA CYS A 42 -3.53 -2.42 -4.65
C CYS A 42 -2.50 -3.29 -5.37
N ARG A 43 -2.51 -3.21 -6.70
CA ARG A 43 -1.58 -3.99 -7.52
C ARG A 43 -0.14 -3.70 -7.12
N CYS A 44 0.10 -2.51 -6.60
CA CYS A 44 1.44 -2.09 -6.18
C CYS A 44 1.78 -2.69 -4.82
N GLY A 45 0.86 -3.48 -4.26
CA GLY A 45 1.09 -4.09 -2.97
C GLY A 45 0.68 -3.18 -1.82
N SER A 46 0.97 -1.90 -1.96
CA SER A 46 0.64 -0.92 -0.93
C SER A 46 -0.83 -1.04 -0.53
N THR A 47 -1.19 -0.41 0.59
CA THR A 47 -2.56 -0.44 1.09
C THR A 47 -3.17 0.96 1.09
N PHE A 48 -4.43 1.05 0.68
CA PHE A 48 -5.13 2.33 0.64
C PHE A 48 -6.47 2.24 1.36
N CYS A 49 -7.16 3.37 1.47
CA CYS A 49 -8.45 3.42 2.14
C CYS A 49 -9.59 3.28 1.14
N GLY A 50 -10.81 3.39 1.63
CA GLY A 50 -11.97 3.27 0.76
C GLY A 50 -12.20 4.51 -0.07
N THR A 51 -11.22 5.40 -0.09
CA THR A 51 -11.33 6.64 -0.85
C THR A 51 -10.25 6.71 -1.92
N HIS A 52 -9.16 5.98 -1.71
CA HIS A 52 -8.06 5.96 -2.66
C HIS A 52 -7.81 4.55 -3.19
N ARG A 53 -8.55 3.59 -2.64
CA ARG A 53 -8.42 2.20 -3.06
C ARG A 53 -8.29 2.09 -4.58
N TYR A 54 -9.02 2.95 -5.29
CA TYR A 54 -8.99 2.95 -6.74
C TYR A 54 -7.65 3.47 -7.26
N PRO A 55 -7.19 2.88 -8.37
CA PRO A 55 -5.92 3.27 -9.00
C PRO A 55 -5.98 4.66 -9.63
N GLU A 56 -7.11 4.95 -10.28
CA GLU A 56 -7.30 6.24 -10.93
C GLU A 56 -7.11 7.39 -9.94
N SER A 57 -7.50 7.16 -8.69
CA SER A 57 -7.39 8.17 -7.65
C SER A 57 -5.94 8.31 -7.20
N HIS A 58 -5.18 7.22 -7.29
CA HIS A 58 -3.78 7.22 -6.89
C HIS A 58 -2.90 6.66 -7.99
N GLU A 59 -2.06 7.50 -8.57
CA GLU A 59 -1.16 7.09 -9.64
C GLU A 59 -0.45 5.79 -9.28
N CYS A 60 -1.02 4.66 -9.68
CA CYS A 60 -0.44 3.36 -9.41
C CYS A 60 0.97 3.25 -9.96
N GLN A 61 1.95 3.05 -9.08
CA GLN A 61 3.34 2.93 -9.49
C GLN A 61 3.58 1.64 -10.26
N PHE A 62 3.05 0.54 -9.73
CA PHE A 62 3.20 -0.76 -10.37
C PHE A 62 2.74 -0.72 -11.82
N ASP A 63 3.60 -1.14 -12.73
CA ASP A 63 3.28 -1.16 -14.15
C ASP A 63 2.02 -1.97 -14.42
N PHE A 64 1.02 -1.33 -15.01
CA PHE A 64 -0.24 -1.99 -15.32
C PHE A 64 -0.09 -2.91 -16.53
N LYS A 65 -1.13 -3.69 -16.80
CA LYS A 65 -1.12 -4.61 -17.93
C LYS A 65 -2.08 -4.14 -19.03
N GLY A 66 -1.63 -3.16 -19.82
CA GLY A 66 -2.46 -2.64 -20.89
C GLY A 66 -3.93 -2.64 -20.53
N VAL A 67 -4.27 -2.01 -19.42
CA VAL A 67 -5.66 -1.93 -18.97
C VAL A 67 -6.09 -0.48 -18.74
N ALA A 68 -7.12 -0.06 -19.47
CA ALA A 68 -7.63 1.29 -19.36
C ALA A 68 -8.84 1.34 -18.42
N SER A 69 -9.29 2.56 -18.11
CA SER A 69 -10.44 2.75 -17.23
C SER A 69 -11.71 2.25 -17.90
N GLY A 70 -11.95 2.69 -19.13
CA GLY A 70 -13.14 2.28 -19.85
C GLY A 70 -14.10 3.43 -20.09
N PRO A 71 -15.40 3.11 -20.19
CA PRO A 71 -16.44 4.10 -20.44
C PRO A 71 -16.66 5.01 -19.22
N SER A 72 -16.33 4.50 -18.04
CA SER A 72 -16.49 5.26 -16.81
C SER A 72 -15.86 6.65 -16.94
N SER A 73 -16.57 7.66 -16.46
CA SER A 73 -16.08 9.03 -16.52
C SER A 73 -16.78 9.91 -15.48
N GLY A 74 -16.10 10.97 -15.06
CA GLY A 74 -16.67 11.86 -14.07
C GLY A 74 -16.60 13.32 -14.50
ZN ZN B . -6.51 7.13 1.47
ZN ZN C . -1.49 1.04 -6.87
N GLY A 1 -0.94 -38.70 8.68
CA GLY A 1 -0.79 -37.46 7.94
C GLY A 1 -0.30 -36.32 8.79
N SER A 2 -0.12 -35.16 8.18
CA SER A 2 0.36 -33.98 8.91
C SER A 2 -0.37 -32.72 8.44
N SER A 3 -0.49 -31.75 9.33
CA SER A 3 -1.16 -30.50 9.02
C SER A 3 -0.62 -29.35 9.88
N GLY A 4 -0.61 -28.15 9.31
CA GLY A 4 -0.12 -27.00 10.04
C GLY A 4 0.59 -26.00 9.14
N SER A 5 1.12 -24.95 9.74
CA SER A 5 1.83 -23.92 8.99
C SER A 5 2.76 -23.12 9.89
N SER A 6 3.88 -22.68 9.32
CA SER A 6 4.87 -21.91 10.08
C SER A 6 5.70 -21.03 9.16
N GLY A 7 6.00 -19.82 9.60
CA GLY A 7 6.80 -18.91 8.80
C GLY A 7 6.30 -17.47 8.89
N THR A 8 7.04 -16.63 9.62
CA THR A 8 6.67 -15.24 9.79
C THR A 8 7.53 -14.34 8.90
N ARG A 9 7.78 -14.77 7.68
CA ARG A 9 8.58 -14.00 6.74
C ARG A 9 7.73 -12.97 6.01
N GLY A 10 8.25 -11.75 5.90
CA GLY A 10 7.51 -10.70 5.22
C GLY A 10 6.54 -9.99 6.13
N GLY A 11 6.73 -8.68 6.30
CA GLY A 11 5.84 -7.91 7.15
C GLY A 11 4.38 -8.28 6.96
N ASP A 12 3.74 -8.72 8.04
CA ASP A 12 2.34 -9.10 7.98
C ASP A 12 1.45 -7.88 7.78
N SER A 13 1.61 -6.89 8.65
CA SER A 13 0.82 -5.66 8.56
C SER A 13 1.68 -4.49 8.12
N ALA A 14 1.84 -4.35 6.80
CA ALA A 14 2.64 -3.26 6.24
C ALA A 14 2.55 -3.26 4.71
N ALA A 15 2.95 -2.13 4.11
CA ALA A 15 2.92 -2.00 2.66
C ALA A 15 4.31 -2.09 2.07
N ALA A 16 5.19 -2.82 2.75
CA ALA A 16 6.56 -3.00 2.29
C ALA A 16 7.32 -3.97 3.19
N PRO A 17 7.68 -5.14 2.63
CA PRO A 17 8.41 -6.17 3.37
C PRO A 17 9.86 -5.76 3.66
N LEU A 18 10.03 -4.93 4.68
CA LEU A 18 11.36 -4.46 5.05
C LEU A 18 11.55 -4.52 6.57
N ASP A 19 10.54 -5.04 7.26
CA ASP A 19 10.60 -5.16 8.72
C ASP A 19 9.36 -5.87 9.24
N PRO A 20 9.53 -6.60 10.36
CA PRO A 20 8.44 -7.35 11.00
C PRO A 20 7.41 -6.43 11.64
N PRO A 21 6.19 -6.95 11.84
CA PRO A 21 5.09 -6.19 12.45
C PRO A 21 5.33 -5.92 13.93
N LYS A 22 6.16 -4.91 14.21
CA LYS A 22 6.47 -4.54 15.59
C LYS A 22 5.93 -3.15 15.91
N SER A 23 6.19 -2.20 15.03
CA SER A 23 5.73 -0.83 15.22
C SER A 23 4.95 -0.34 14.00
N THR A 24 5.58 -0.40 12.84
CA THR A 24 4.94 0.04 11.60
C THR A 24 3.45 -0.29 11.60
N ALA A 25 2.63 0.75 11.48
CA ALA A 25 1.18 0.56 11.47
C ALA A 25 0.64 0.56 10.03
N THR A 26 -0.55 0.00 9.86
CA THR A 26 -1.17 -0.06 8.55
C THR A 26 -1.95 1.22 8.24
N ARG A 27 -1.65 1.82 7.09
CA ARG A 27 -2.32 3.05 6.68
C ARG A 27 -2.27 3.21 5.16
N CYS A 28 -3.03 4.17 4.65
CA CYS A 28 -3.08 4.42 3.22
C CYS A 28 -1.69 4.75 2.68
N LEU A 29 -1.55 4.76 1.36
CA LEU A 29 -0.28 5.06 0.72
C LEU A 29 -0.29 6.46 0.11
N SER A 30 -1.46 7.07 0.08
CA SER A 30 -1.61 8.42 -0.47
C SER A 30 -1.91 9.43 0.64
N CYS A 31 -2.84 9.07 1.51
CA CYS A 31 -3.23 9.95 2.61
C CYS A 31 -2.71 9.42 3.94
N ASN A 32 -2.15 8.21 3.91
CA ASN A 32 -1.61 7.59 5.11
C ASN A 32 -2.65 7.56 6.23
N LYS A 33 -3.86 7.09 5.90
CA LYS A 33 -4.94 7.02 6.87
C LYS A 33 -5.06 5.61 7.45
N LYS A 34 -5.22 5.53 8.76
CA LYS A 34 -5.35 4.23 9.43
C LYS A 34 -6.39 3.35 8.73
N VAL A 35 -5.91 2.43 7.91
CA VAL A 35 -6.79 1.52 7.18
C VAL A 35 -6.85 0.16 7.85
N GLY A 36 -5.79 -0.18 8.59
CA GLY A 36 -5.75 -1.46 9.26
C GLY A 36 -6.29 -2.59 8.42
N VAL A 37 -7.39 -3.18 8.85
CA VAL A 37 -8.02 -4.28 8.13
C VAL A 37 -9.09 -3.77 7.17
N THR A 38 -9.59 -2.56 7.42
CA THR A 38 -10.61 -1.96 6.58
C THR A 38 -9.99 -1.26 5.38
N GLY A 39 -8.84 -1.74 4.95
CA GLY A 39 -8.15 -1.13 3.81
C GLY A 39 -8.49 -1.83 2.50
N PHE A 40 -7.77 -1.49 1.45
CA PHE A 40 -8.00 -2.08 0.14
C PHE A 40 -6.68 -2.26 -0.62
N LYS A 41 -6.24 -3.51 -0.74
CA LYS A 41 -4.99 -3.82 -1.43
C LYS A 41 -5.08 -3.41 -2.89
N CYS A 42 -3.93 -3.07 -3.48
CA CYS A 42 -3.87 -2.67 -4.87
C CYS A 42 -2.77 -3.42 -5.62
N ARG A 43 -2.83 -3.37 -6.95
CA ARG A 43 -1.83 -4.04 -7.77
C ARG A 43 -0.42 -3.67 -7.35
N CYS A 44 -0.28 -2.49 -6.76
CA CYS A 44 1.02 -2.01 -6.31
C CYS A 44 1.41 -2.64 -4.98
N GLY A 45 0.67 -3.67 -4.59
CA GLY A 45 0.94 -4.35 -3.33
C GLY A 45 0.91 -3.41 -2.14
N SER A 46 0.10 -2.36 -2.25
CA SER A 46 -0.02 -1.37 -1.17
C SER A 46 -1.43 -1.35 -0.61
N THR A 47 -1.59 -0.71 0.55
CA THR A 47 -2.89 -0.63 1.19
C THR A 47 -3.40 0.81 1.22
N PHE A 48 -4.60 1.01 0.68
CA PHE A 48 -5.21 2.34 0.63
C PHE A 48 -6.55 2.35 1.35
N CYS A 49 -7.19 3.51 1.37
CA CYS A 49 -8.48 3.67 2.03
C CYS A 49 -9.62 3.63 1.01
N GLY A 50 -10.82 3.36 1.48
CA GLY A 50 -11.98 3.30 0.60
C GLY A 50 -11.99 4.44 -0.40
N THR A 51 -11.29 5.52 -0.08
CA THR A 51 -11.24 6.68 -0.96
C THR A 51 -10.18 6.51 -2.04
N HIS A 52 -8.97 6.19 -1.62
CA HIS A 52 -7.86 5.99 -2.55
C HIS A 52 -7.61 4.51 -2.79
N ARG A 53 -8.67 3.71 -2.74
CA ARG A 53 -8.57 2.28 -2.94
C ARG A 53 -8.34 1.96 -4.42
N TYR A 54 -8.98 2.73 -5.29
CA TYR A 54 -8.85 2.52 -6.73
C TYR A 54 -7.51 3.04 -7.23
N PRO A 55 -6.99 2.40 -8.29
CA PRO A 55 -5.71 2.78 -8.89
C PRO A 55 -5.78 4.12 -9.61
N GLU A 56 -6.92 4.40 -10.24
CA GLU A 56 -7.11 5.64 -10.96
C GLU A 56 -7.26 6.81 -10.00
N SER A 57 -7.72 6.53 -8.79
CA SER A 57 -7.90 7.55 -7.77
C SER A 57 -6.57 7.93 -7.12
N HIS A 58 -5.68 6.94 -7.01
CA HIS A 58 -4.36 7.17 -6.42
C HIS A 58 -3.26 7.01 -7.45
N GLU A 59 -2.03 7.35 -7.06
CA GLU A 59 -0.89 7.25 -7.96
C GLU A 59 -0.29 5.85 -7.92
N CYS A 60 -0.80 4.97 -8.78
CA CYS A 60 -0.32 3.59 -8.83
C CYS A 60 1.09 3.54 -9.43
N GLN A 61 2.09 3.51 -8.56
CA GLN A 61 3.48 3.45 -9.00
C GLN A 61 3.72 2.25 -9.90
N PHE A 62 3.23 1.09 -9.46
CA PHE A 62 3.39 -0.14 -10.23
C PHE A 62 3.10 0.10 -11.71
N ASP A 63 3.93 -0.49 -12.58
CA ASP A 63 3.76 -0.34 -14.02
C ASP A 63 2.51 -1.07 -14.49
N PHE A 64 1.58 -0.31 -15.08
CA PHE A 64 0.34 -0.88 -15.58
C PHE A 64 0.55 -1.53 -16.95
N LYS A 65 1.09 -0.76 -17.89
CA LYS A 65 1.33 -1.26 -19.24
C LYS A 65 2.76 -0.94 -19.67
N GLY A 66 3.72 -1.76 -19.24
CA GLY A 66 5.10 -1.55 -19.60
C GLY A 66 5.44 -0.08 -19.74
N VAL A 67 5.25 0.69 -18.67
CA VAL A 67 5.54 2.11 -18.67
C VAL A 67 5.88 2.62 -17.28
N ALA A 68 6.84 3.54 -17.20
CA ALA A 68 7.25 4.10 -15.92
C ALA A 68 7.50 5.60 -16.04
N SER A 69 6.98 6.35 -15.07
CA SER A 69 7.15 7.80 -15.08
C SER A 69 8.48 8.20 -14.43
N GLY A 70 9.51 8.35 -15.26
CA GLY A 70 10.81 8.72 -14.75
C GLY A 70 11.10 8.14 -13.38
N PRO A 71 11.27 6.81 -13.32
CA PRO A 71 11.54 6.12 -12.06
C PRO A 71 12.93 6.41 -11.52
N SER A 72 13.17 6.06 -10.26
CA SER A 72 14.46 6.30 -9.63
C SER A 72 15.41 5.14 -9.89
N SER A 73 16.71 5.44 -9.90
CA SER A 73 17.73 4.43 -10.15
C SER A 73 17.72 3.38 -9.05
N GLY A 74 18.02 3.81 -7.82
CA GLY A 74 18.05 2.89 -6.70
C GLY A 74 16.67 2.45 -6.28
ZN ZN B . -6.31 7.26 1.32
ZN ZN C . -1.92 1.00 -7.00
N GLY A 1 31.14 10.30 17.85
CA GLY A 1 30.76 9.08 18.52
C GLY A 1 30.15 8.06 17.59
N SER A 2 29.33 7.17 18.14
CA SER A 2 28.69 6.14 17.33
C SER A 2 27.22 5.98 17.73
N SER A 3 26.39 5.60 16.77
CA SER A 3 24.97 5.42 17.01
C SER A 3 24.32 4.58 15.92
N GLY A 4 23.27 3.85 16.27
CA GLY A 4 22.59 3.01 15.30
C GLY A 4 21.08 3.20 15.33
N SER A 5 20.35 2.24 14.77
CA SER A 5 18.90 2.32 14.72
C SER A 5 18.28 0.96 15.02
N SER A 6 17.19 0.97 15.78
CA SER A 6 16.50 -0.26 16.14
C SER A 6 15.56 -0.71 15.03
N GLY A 7 14.92 -1.86 15.22
CA GLY A 7 13.99 -2.37 14.23
C GLY A 7 13.19 -3.55 14.73
N THR A 8 12.37 -4.12 13.86
CA THR A 8 11.53 -5.26 14.23
C THR A 8 11.94 -6.51 13.46
N ARG A 9 11.56 -7.68 13.97
CA ARG A 9 11.88 -8.94 13.34
C ARG A 9 11.65 -8.86 11.82
N GLY A 10 10.41 -8.62 11.43
CA GLY A 10 10.08 -8.53 10.02
C GLY A 10 9.20 -7.34 9.72
N GLY A 11 9.21 -6.91 8.45
CA GLY A 11 8.41 -5.77 8.05
C GLY A 11 7.60 -6.04 6.79
N ASP A 12 7.06 -7.24 6.69
CA ASP A 12 6.27 -7.64 5.53
C ASP A 12 5.37 -6.49 5.08
N SER A 13 4.57 -5.98 6.01
CA SER A 13 3.64 -4.89 5.72
C SER A 13 4.36 -3.54 5.77
N ALA A 14 4.31 -2.80 4.66
CA ALA A 14 4.95 -1.51 4.59
C ALA A 14 4.52 -0.75 3.33
N ALA A 15 3.71 0.29 3.52
CA ALA A 15 3.23 1.09 2.40
C ALA A 15 3.99 2.42 2.31
N ALA A 16 5.19 2.36 1.76
CA ALA A 16 6.02 3.56 1.60
C ALA A 16 7.29 3.24 0.83
N PRO A 17 7.73 4.20 0.00
CA PRO A 17 8.95 4.05 -0.81
C PRO A 17 10.21 4.06 0.04
N LEU A 18 11.36 3.91 -0.63
CA LEU A 18 12.64 3.90 0.07
C LEU A 18 12.66 4.96 1.18
N ASP A 19 13.31 4.63 2.29
CA ASP A 19 13.41 5.55 3.42
C ASP A 19 12.02 5.93 3.93
N PRO A 20 11.21 4.92 4.26
CA PRO A 20 9.85 5.12 4.77
C PRO A 20 9.84 5.72 6.17
N PRO A 21 8.75 6.43 6.50
CA PRO A 21 8.58 7.07 7.82
C PRO A 21 8.39 6.05 8.93
N LYS A 22 7.94 6.53 10.09
CA LYS A 22 7.71 5.66 11.24
C LYS A 22 6.32 5.03 11.18
N SER A 23 6.00 4.46 10.02
CA SER A 23 4.70 3.82 9.83
C SER A 23 4.73 2.38 10.33
N THR A 24 4.37 2.20 11.60
CA THR A 24 4.35 0.87 12.21
C THR A 24 2.97 0.24 12.11
N ALA A 25 1.96 1.07 11.88
CA ALA A 25 0.59 0.59 11.76
C ALA A 25 0.13 0.60 10.30
N THR A 26 -0.98 -0.09 10.03
CA THR A 26 -1.52 -0.17 8.68
C THR A 26 -2.33 1.08 8.34
N ARG A 27 -1.85 1.84 7.36
CA ARG A 27 -2.52 3.06 6.94
C ARG A 27 -2.38 3.27 5.43
N CYS A 28 -3.27 4.07 4.86
CA CYS A 28 -3.24 4.35 3.43
C CYS A 28 -1.82 4.65 2.95
N LEU A 29 -1.64 4.71 1.64
CA LEU A 29 -0.34 4.98 1.06
C LEU A 29 -0.27 6.42 0.52
N SER A 30 -1.44 7.02 0.35
CA SER A 30 -1.52 8.39 -0.16
C SER A 30 -1.94 9.36 0.94
N CYS A 31 -2.88 8.93 1.77
CA CYS A 31 -3.37 9.76 2.86
C CYS A 31 -2.90 9.22 4.20
N ASN A 32 -2.17 8.10 4.17
CA ASN A 32 -1.66 7.48 5.38
C ASN A 32 -2.73 7.45 6.47
N LYS A 33 -3.96 7.13 6.07
CA LYS A 33 -5.07 7.05 7.01
C LYS A 33 -5.24 5.64 7.54
N LYS A 34 -5.57 5.53 8.83
CA LYS A 34 -5.76 4.24 9.47
C LYS A 34 -6.71 3.37 8.65
N VAL A 35 -6.16 2.38 7.96
CA VAL A 35 -6.95 1.47 7.14
C VAL A 35 -7.00 0.08 7.76
N GLY A 36 -6.11 -0.18 8.70
CA GLY A 36 -6.06 -1.48 9.35
C GLY A 36 -6.40 -2.61 8.40
N VAL A 37 -7.53 -3.26 8.66
CA VAL A 37 -7.97 -4.37 7.82
C VAL A 37 -8.91 -3.90 6.71
N THR A 38 -9.66 -2.84 6.99
CA THR A 38 -10.59 -2.29 6.03
C THR A 38 -9.86 -1.82 4.78
N GLY A 39 -8.56 -1.57 4.91
CA GLY A 39 -7.77 -1.12 3.78
C GLY A 39 -8.06 -1.92 2.51
N PHE A 40 -7.58 -1.41 1.38
CA PHE A 40 -7.80 -2.07 0.10
C PHE A 40 -6.48 -2.26 -0.64
N LYS A 41 -6.02 -3.51 -0.71
CA LYS A 41 -4.77 -3.83 -1.38
C LYS A 41 -4.81 -3.37 -2.84
N CYS A 42 -3.66 -2.93 -3.35
CA CYS A 42 -3.57 -2.47 -4.72
C CYS A 42 -2.49 -3.25 -5.49
N ARG A 43 -2.51 -3.14 -6.80
CA ARG A 43 -1.54 -3.83 -7.64
C ARG A 43 -0.12 -3.55 -7.17
N CYS A 44 0.07 -2.39 -6.53
CA CYS A 44 1.38 -2.01 -6.02
C CYS A 44 1.66 -2.67 -4.68
N GLY A 45 0.86 -3.67 -4.33
CA GLY A 45 1.04 -4.38 -3.08
C GLY A 45 0.96 -3.45 -1.88
N SER A 46 0.26 -2.33 -2.05
CA SER A 46 0.11 -1.36 -0.97
C SER A 46 -1.32 -1.35 -0.44
N THR A 47 -1.52 -0.71 0.71
CA THR A 47 -2.84 -0.63 1.32
C THR A 47 -3.37 0.79 1.30
N PHE A 48 -4.59 0.96 0.80
CA PHE A 48 -5.21 2.27 0.71
C PHE A 48 -6.58 2.28 1.40
N CYS A 49 -7.21 3.44 1.46
CA CYS A 49 -8.51 3.58 2.09
C CYS A 49 -9.63 3.60 1.04
N GLY A 50 -10.86 3.34 1.48
CA GLY A 50 -11.99 3.32 0.57
C GLY A 50 -11.97 4.50 -0.37
N THR A 51 -11.27 5.56 0.01
CA THR A 51 -11.18 6.75 -0.82
C THR A 51 -10.12 6.61 -1.90
N HIS A 52 -8.92 6.21 -1.49
CA HIS A 52 -7.81 6.03 -2.42
C HIS A 52 -7.58 4.55 -2.70
N ARG A 53 -8.65 3.77 -2.65
CA ARG A 53 -8.56 2.33 -2.91
C ARG A 53 -8.41 2.04 -4.40
N TYR A 54 -8.99 2.91 -5.22
CA TYR A 54 -8.92 2.75 -6.67
C TYR A 54 -7.64 3.37 -7.23
N PRO A 55 -7.16 2.81 -8.35
CA PRO A 55 -5.95 3.29 -9.00
C PRO A 55 -6.12 4.66 -9.65
N GLU A 56 -7.20 4.81 -10.42
CA GLU A 56 -7.49 6.07 -11.08
C GLU A 56 -7.35 7.24 -10.12
N SER A 57 -7.71 7.00 -8.86
CA SER A 57 -7.63 8.03 -7.83
C SER A 57 -6.19 8.24 -7.36
N HIS A 58 -5.41 7.17 -7.42
CA HIS A 58 -4.02 7.23 -7.00
C HIS A 58 -3.10 6.67 -8.09
N GLU A 59 -2.26 7.54 -8.65
CA GLU A 59 -1.33 7.13 -9.71
C GLU A 59 -0.57 5.88 -9.30
N CYS A 60 -1.10 4.71 -9.69
CA CYS A 60 -0.48 3.44 -9.37
C CYS A 60 0.92 3.36 -9.97
N GLN A 61 1.93 3.34 -9.10
CA GLN A 61 3.32 3.28 -9.55
C GLN A 61 3.58 1.98 -10.31
N PHE A 62 3.22 0.85 -9.70
CA PHE A 62 3.41 -0.44 -10.34
C PHE A 62 2.90 -0.44 -11.76
N ASP A 63 3.68 -1.03 -12.67
CA ASP A 63 3.31 -1.10 -14.08
C ASP A 63 2.02 -1.90 -14.26
N PHE A 64 1.06 -1.32 -14.98
CA PHE A 64 -0.20 -1.98 -15.23
C PHE A 64 -0.09 -2.99 -16.37
N LYS A 65 -1.13 -3.78 -16.58
CA LYS A 65 -1.14 -4.79 -17.62
C LYS A 65 -1.07 -4.13 -19.00
N GLY A 66 -1.94 -3.15 -19.24
CA GLY A 66 -1.96 -2.46 -20.51
C GLY A 66 -3.20 -1.61 -20.70
N VAL A 67 -3.59 -0.90 -19.64
CA VAL A 67 -4.78 -0.05 -19.69
C VAL A 67 -4.41 1.41 -19.44
N ALA A 68 -3.25 1.82 -19.94
CA ALA A 68 -2.78 3.19 -19.77
C ALA A 68 -2.48 3.83 -21.13
N SER A 69 -3.48 4.49 -21.70
CA SER A 69 -3.32 5.14 -23.00
C SER A 69 -2.98 6.62 -22.82
N GLY A 70 -1.91 7.06 -23.47
CA GLY A 70 -1.49 8.45 -23.38
C GLY A 70 -1.23 9.07 -24.73
N PRO A 71 -2.32 9.39 -25.46
CA PRO A 71 -2.22 9.99 -26.79
C PRO A 71 -1.71 11.43 -26.74
N SER A 72 -1.95 12.10 -25.62
CA SER A 72 -1.52 13.48 -25.44
C SER A 72 -0.63 13.62 -24.21
N SER A 73 0.24 14.63 -24.22
CA SER A 73 1.15 14.87 -23.11
C SER A 73 0.37 15.12 -21.82
N GLY A 74 1.04 14.96 -20.68
CA GLY A 74 0.41 15.17 -19.40
C GLY A 74 -0.21 16.55 -19.28
ZN ZN B . -6.40 7.21 1.45
ZN ZN C . -1.49 1.13 -6.81
#